data_2NBW
#
_entry.id   2NBW
#
loop_
_entity.id
_entity.type
_entity.pdbx_description
1 polymer '26S proteasome regulatory subunit RPN1'
2 polymer 'UV excision repair protein RAD23'
#
loop_
_entity_poly.entity_id
_entity_poly.type
_entity_poly.pdbx_seq_one_letter_code
_entity_poly.pdbx_strand_id
1 'polypeptide(L)'
;DTKISSAAILGLGIAFAGSKNDEVLGLLLPIAASTDLPIETAAMASLALAHVFVGTCNGDITTSIMDNFLERTAIELKTD
WVRFLALALGILYMGQGEQVDDVLETISAIEHPMTSAIEVLVGSCAYTGTG
;
A
2 'polypeptide(L)' MVSLTFKNFKKEKVPLDLEPSNTILETKTKLAQSISCEESQIKLIYSGKVLQDSKTVSECGLKDGDQVVFMVSQKKST B
#
# COMPACT_ATOMS: atom_id res chain seq x y z
N ASP A 1 17.78 -29.99 15.13
CA ASP A 1 17.75 -28.71 15.88
C ASP A 1 16.83 -27.72 15.17
N THR A 2 15.83 -28.24 14.48
CA THR A 2 14.89 -27.40 13.75
C THR A 2 13.89 -26.75 14.71
N LYS A 3 13.61 -25.47 14.49
CA LYS A 3 12.68 -24.74 15.34
C LYS A 3 11.23 -25.11 14.99
N ILE A 4 10.34 -24.98 15.97
CA ILE A 4 8.93 -25.30 15.75
C ILE A 4 8.28 -24.24 14.87
N SER A 5 8.77 -23.01 14.96
CA SER A 5 8.22 -21.91 14.18
C SER A 5 8.40 -22.19 12.68
N SER A 6 9.64 -22.41 12.28
CA SER A 6 9.94 -22.68 10.87
C SER A 6 9.16 -23.89 10.39
N ALA A 7 9.02 -24.89 11.25
CA ALA A 7 8.28 -26.10 10.89
C ALA A 7 6.82 -25.77 10.58
N ALA A 8 6.32 -24.70 11.19
CA ALA A 8 4.94 -24.28 10.96
C ALA A 8 4.79 -23.68 9.57
N ILE A 9 5.34 -22.48 9.38
CA ILE A 9 5.26 -21.80 8.10
C ILE A 9 5.62 -22.76 6.96
N LEU A 10 6.48 -23.73 7.26
CA LEU A 10 6.89 -24.70 6.25
C LEU A 10 5.69 -25.52 5.79
N GLY A 11 5.04 -26.20 6.72
CA GLY A 11 3.88 -27.01 6.39
C GLY A 11 2.88 -26.22 5.56
N LEU A 12 2.43 -25.10 6.11
CA LEU A 12 1.46 -24.25 5.42
C LEU A 12 1.97 -23.89 4.03
N GLY A 13 3.28 -23.63 3.93
CA GLY A 13 3.88 -23.27 2.66
C GLY A 13 3.50 -24.27 1.57
N ILE A 14 3.42 -25.54 1.94
CA ILE A 14 3.07 -26.59 1.00
C ILE A 14 1.55 -26.68 0.82
N ALA A 15 0.82 -26.09 1.78
CA ALA A 15 -0.63 -26.10 1.73
C ALA A 15 -1.14 -25.23 0.59
N PHE A 16 -0.76 -23.96 0.61
CA PHE A 16 -1.18 -23.02 -0.43
C PHE A 16 -0.97 -23.63 -1.82
N ALA A 17 0.23 -24.17 -2.03
CA ALA A 17 0.55 -24.79 -3.33
C ALA A 17 -0.45 -25.89 -3.66
N GLY A 18 -1.34 -26.18 -2.72
CA GLY A 18 -2.33 -27.23 -2.92
C GLY A 18 -3.70 -26.63 -3.24
N SER A 19 -3.77 -25.29 -3.23
CA SER A 19 -5.03 -24.60 -3.53
C SER A 19 -4.79 -23.10 -3.65
N LYS A 20 -4.67 -22.63 -4.89
CA LYS A 20 -4.44 -21.22 -5.15
C LYS A 20 -5.77 -20.48 -5.27
N ASN A 21 -6.63 -20.64 -4.28
CA ASN A 21 -7.94 -19.99 -4.30
C ASN A 21 -7.82 -18.55 -3.77
N ASP A 22 -8.96 -17.87 -3.68
CA ASP A 22 -8.97 -16.50 -3.19
C ASP A 22 -9.24 -16.46 -1.70
N GLU A 23 -9.32 -17.63 -1.09
CA GLU A 23 -9.57 -17.73 0.35
C GLU A 23 -8.26 -17.58 1.12
N VAL A 24 -7.25 -18.34 0.70
CA VAL A 24 -5.94 -18.29 1.36
C VAL A 24 -5.51 -16.84 1.57
N LEU A 25 -5.55 -16.06 0.49
CA LEU A 25 -5.16 -14.65 0.57
C LEU A 25 -6.17 -13.85 1.38
N GLY A 26 -7.45 -14.23 1.28
CA GLY A 26 -8.50 -13.54 2.00
C GLY A 26 -8.30 -13.65 3.51
N LEU A 27 -7.39 -14.52 3.92
CA LEU A 27 -7.13 -14.72 5.34
C LEU A 27 -5.68 -14.37 5.68
N LEU A 28 -4.76 -14.76 4.80
CA LEU A 28 -3.34 -14.50 5.02
C LEU A 28 -3.04 -13.00 4.95
N LEU A 29 -3.21 -12.44 3.76
CA LEU A 29 -2.94 -11.01 3.55
C LEU A 29 -3.41 -10.20 4.76
N PRO A 30 -4.68 -10.22 5.06
CA PRO A 30 -5.25 -9.46 6.21
C PRO A 30 -4.41 -9.65 7.47
N ILE A 31 -4.17 -10.90 7.84
CA ILE A 31 -3.39 -11.20 9.03
C ILE A 31 -2.00 -10.58 8.93
N ALA A 32 -1.51 -10.45 7.70
CA ALA A 32 -0.19 -9.87 7.48
C ALA A 32 -0.13 -8.43 8.02
N ALA A 33 -1.31 -7.84 8.24
CA ALA A 33 -1.38 -6.48 8.74
C ALA A 33 -2.74 -6.22 9.39
N SER A 34 -3.08 -7.04 10.39
CA SER A 34 -4.35 -6.89 11.08
C SER A 34 -4.26 -5.79 12.13
N THR A 35 -4.11 -6.18 13.39
CA THR A 35 -4.01 -5.22 14.47
C THR A 35 -2.59 -4.69 14.59
N ASP A 36 -1.76 -5.40 15.36
CA ASP A 36 -0.37 -5.00 15.55
C ASP A 36 0.48 -6.19 15.96
N LEU A 37 0.40 -7.28 15.19
CA LEU A 37 1.17 -8.47 15.49
C LEU A 37 2.65 -8.22 15.24
N PRO A 38 3.50 -8.86 16.01
CA PRO A 38 4.97 -8.71 15.88
C PRO A 38 5.43 -8.76 14.43
N ILE A 39 6.28 -7.82 14.04
CA ILE A 39 6.78 -7.78 12.68
C ILE A 39 7.63 -9.01 12.37
N GLU A 40 7.71 -9.91 13.34
CA GLU A 40 8.48 -11.14 13.17
C GLU A 40 7.72 -12.14 12.32
N THR A 41 6.70 -12.75 12.91
CA THR A 41 5.89 -13.74 12.20
C THR A 41 5.26 -13.11 10.96
N ALA A 42 4.96 -11.82 11.04
CA ALA A 42 4.35 -11.11 9.92
C ALA A 42 5.28 -11.12 8.72
N ALA A 43 6.53 -10.75 8.93
CA ALA A 43 7.51 -10.72 7.85
C ALA A 43 7.68 -12.11 7.24
N MET A 44 7.94 -13.10 8.08
CA MET A 44 8.12 -14.47 7.61
C MET A 44 6.94 -14.90 6.74
N ALA A 45 5.73 -14.49 7.14
CA ALA A 45 4.53 -14.84 6.40
C ALA A 45 4.50 -14.09 5.06
N SER A 46 5.22 -12.98 5.01
CA SER A 46 5.27 -12.17 3.78
C SER A 46 6.05 -12.90 2.70
N LEU A 47 7.09 -13.62 3.11
CA LEU A 47 7.92 -14.36 2.16
C LEU A 47 7.19 -15.61 1.67
N ALA A 48 6.42 -16.23 2.56
CA ALA A 48 5.67 -17.42 2.21
C ALA A 48 4.65 -17.12 1.13
N LEU A 49 4.02 -15.95 1.23
CA LEU A 49 3.01 -15.55 0.26
C LEU A 49 3.65 -15.27 -1.10
N ALA A 50 4.58 -14.32 -1.12
CA ALA A 50 5.26 -13.97 -2.36
C ALA A 50 5.79 -15.21 -3.05
N HIS A 51 6.35 -16.12 -2.27
CA HIS A 51 6.90 -17.36 -2.82
C HIS A 51 5.83 -18.13 -3.60
N VAL A 52 4.61 -18.10 -3.07
CA VAL A 52 3.49 -18.79 -3.73
C VAL A 52 3.01 -18.00 -4.93
N PHE A 53 2.56 -16.77 -4.69
CA PHE A 53 2.07 -15.92 -5.76
C PHE A 53 3.22 -15.45 -6.65
N VAL A 54 4.38 -16.09 -6.49
CA VAL A 54 5.55 -15.73 -7.29
C VAL A 54 5.17 -15.54 -8.75
N GLY A 55 4.34 -16.44 -9.26
CA GLY A 55 3.90 -16.35 -10.65
C GLY A 55 2.79 -15.33 -10.82
N THR A 56 1.75 -15.44 -10.00
CA THR A 56 0.63 -14.51 -10.06
C THR A 56 1.09 -13.10 -9.70
N CYS A 57 0.12 -12.21 -9.50
CA CYS A 57 0.43 -10.83 -9.15
C CYS A 57 -0.84 -10.08 -8.74
N ASN A 58 -0.67 -9.09 -7.86
CA ASN A 58 -1.80 -8.30 -7.41
C ASN A 58 -1.34 -7.01 -6.75
N GLY A 59 -2.14 -5.96 -6.86
CA GLY A 59 -1.80 -4.67 -6.27
C GLY A 59 -2.14 -4.63 -4.79
N ASP A 60 -3.33 -5.13 -4.45
CA ASP A 60 -3.77 -5.15 -3.07
C ASP A 60 -2.63 -5.58 -2.14
N ILE A 61 -1.92 -6.63 -2.54
CA ILE A 61 -0.81 -7.14 -1.74
C ILE A 61 0.19 -6.03 -1.45
N THR A 62 0.36 -5.12 -2.41
CA THR A 62 1.28 -4.01 -2.25
C THR A 62 0.68 -2.93 -1.37
N THR A 63 -0.64 -2.94 -1.24
CA THR A 63 -1.34 -1.96 -0.42
C THR A 63 -1.01 -2.17 1.05
N SER A 64 -1.22 -3.38 1.54
CA SER A 64 -0.93 -3.69 2.94
C SER A 64 0.56 -3.61 3.21
N ILE A 65 1.36 -4.16 2.30
CA ILE A 65 2.80 -4.15 2.44
C ILE A 65 3.31 -2.71 2.53
N MET A 66 2.65 -1.81 1.83
CA MET A 66 3.05 -0.40 1.84
C MET A 66 2.88 0.18 3.24
N ASP A 67 1.67 0.07 3.78
CA ASP A 67 1.39 0.59 5.11
C ASP A 67 2.46 0.14 6.10
N ASN A 68 2.96 -1.08 5.92
CA ASN A 68 3.99 -1.62 6.79
C ASN A 68 5.28 -0.82 6.65
N PHE A 69 5.69 -0.57 5.40
CA PHE A 69 6.90 0.19 5.16
C PHE A 69 6.91 1.49 5.94
N LEU A 70 5.71 2.03 6.19
CA LEU A 70 5.58 3.27 6.93
C LEU A 70 5.83 3.04 8.42
N GLU A 71 4.84 2.48 9.09
CA GLU A 71 4.96 2.20 10.52
C GLU A 71 6.30 1.55 10.84
N ARG A 72 6.96 1.02 9.80
CA ARG A 72 8.25 0.38 9.98
C ARG A 72 9.13 1.19 10.92
N THR A 73 9.42 0.61 12.09
CA THR A 73 10.26 1.29 13.07
C THR A 73 11.68 0.74 13.03
N ALA A 74 11.83 -0.50 12.59
CA ALA A 74 13.13 -1.12 12.53
C ALA A 74 13.82 -1.05 13.88
N ILE A 75 13.07 -0.58 14.87
CA ILE A 75 13.59 -0.45 16.23
C ILE A 75 13.93 -1.82 16.81
N GLU A 76 13.36 -2.87 16.22
CA GLU A 76 13.60 -4.23 16.68
C GLU A 76 14.95 -4.74 16.17
N LEU A 77 14.94 -5.34 14.99
CA LEU A 77 16.17 -5.86 14.40
C LEU A 77 16.84 -4.79 13.53
N LYS A 78 18.13 -4.58 13.77
CA LYS A 78 18.88 -3.59 13.00
C LYS A 78 20.14 -4.21 12.41
N THR A 79 19.96 -5.30 11.67
CA THR A 79 21.09 -5.98 11.05
C THR A 79 20.60 -6.93 9.96
N ASP A 80 20.92 -6.61 8.71
CA ASP A 80 20.51 -7.44 7.59
C ASP A 80 19.00 -7.65 7.59
N TRP A 81 18.29 -6.79 6.87
CA TRP A 81 16.83 -6.89 6.79
C TRP A 81 16.30 -6.17 5.56
N VAL A 82 16.93 -5.04 5.23
CA VAL A 82 16.51 -4.25 4.07
C VAL A 82 16.64 -5.08 2.80
N ARG A 83 17.63 -5.97 2.77
CA ARG A 83 17.85 -6.82 1.61
C ARG A 83 16.59 -7.62 1.28
N PHE A 84 16.22 -8.53 2.17
CA PHE A 84 15.04 -9.36 1.96
C PHE A 84 13.83 -8.48 1.63
N LEU A 85 13.43 -7.65 2.60
CA LEU A 85 12.29 -6.76 2.39
C LEU A 85 12.36 -6.09 1.02
N ALA A 86 13.53 -5.54 0.71
CA ALA A 86 13.72 -4.86 -0.57
C ALA A 86 13.41 -5.81 -1.72
N LEU A 87 13.92 -7.03 -1.63
CA LEU A 87 13.69 -8.02 -2.67
C LEU A 87 12.21 -8.05 -3.07
N ALA A 88 11.36 -8.48 -2.15
CA ALA A 88 9.93 -8.54 -2.42
C ALA A 88 9.46 -7.27 -3.12
N LEU A 89 9.44 -6.17 -2.39
CA LEU A 89 9.01 -4.89 -2.95
C LEU A 89 9.62 -4.68 -4.33
N GLY A 90 10.67 -5.44 -4.64
CA GLY A 90 11.33 -5.33 -5.92
C GLY A 90 10.92 -6.45 -6.86
N ILE A 91 11.56 -7.60 -6.72
CA ILE A 91 11.25 -8.76 -7.56
C ILE A 91 9.75 -8.83 -7.85
N LEU A 92 8.95 -8.39 -6.88
CA LEU A 92 7.50 -8.41 -7.04
C LEU A 92 7.10 -7.98 -8.46
N TYR A 93 8.00 -7.23 -9.10
CA TYR A 93 7.74 -6.76 -10.46
C TYR A 93 8.99 -6.90 -11.33
N MET A 94 9.03 -7.97 -12.10
CA MET A 94 10.17 -8.22 -12.97
C MET A 94 10.08 -7.38 -14.24
N GLY A 95 8.85 -7.13 -14.70
CA GLY A 95 8.64 -6.34 -15.90
C GLY A 95 7.15 -6.20 -16.19
N GLN A 96 6.81 -5.25 -17.07
CA GLN A 96 5.43 -5.00 -17.42
C GLN A 96 4.55 -4.97 -16.18
N GLY A 97 4.54 -3.83 -15.50
CA GLY A 97 3.74 -3.68 -14.28
C GLY A 97 3.72 -2.24 -13.82
N GLU A 98 2.92 -1.41 -14.50
CA GLU A 98 2.83 0.00 -14.14
C GLU A 98 2.71 0.17 -12.63
N GLN A 99 2.22 -0.87 -11.96
CA GLN A 99 2.06 -0.82 -10.51
C GLN A 99 3.28 -0.19 -9.86
N VAL A 100 4.46 -0.49 -10.41
CA VAL A 100 5.70 0.06 -9.88
C VAL A 100 5.67 1.58 -9.91
N ASP A 101 5.06 2.14 -10.95
CA ASP A 101 4.96 3.58 -11.08
C ASP A 101 4.11 4.16 -9.96
N ASP A 102 2.97 3.52 -9.69
CA ASP A 102 2.08 3.98 -8.63
C ASP A 102 2.75 3.86 -7.27
N VAL A 103 3.65 2.89 -7.15
CA VAL A 103 4.36 2.67 -5.90
C VAL A 103 5.31 3.84 -5.60
N LEU A 104 6.43 3.89 -6.31
CA LEU A 104 7.40 4.95 -6.12
C LEU A 104 6.69 6.29 -5.90
N GLU A 105 5.50 6.42 -6.48
CA GLU A 105 4.73 7.65 -6.33
C GLU A 105 4.28 7.85 -4.90
N THR A 106 3.84 6.76 -4.26
CA THR A 106 3.38 6.82 -2.88
C THR A 106 4.56 6.88 -1.92
N ILE A 107 5.45 5.89 -2.03
CA ILE A 107 6.63 5.84 -1.17
C ILE A 107 7.23 7.23 -1.00
N SER A 108 7.90 7.71 -2.04
CA SER A 108 8.53 9.03 -2.00
C SER A 108 7.54 10.07 -1.44
N ALA A 109 6.38 10.17 -2.06
CA ALA A 109 5.36 11.13 -1.62
C ALA A 109 5.28 11.15 -0.10
N ILE A 110 4.86 10.04 0.47
CA ILE A 110 4.73 9.94 1.93
C ILE A 110 6.05 10.30 2.61
N GLU A 111 6.32 11.60 2.71
CA GLU A 111 7.55 12.06 3.34
C GLU A 111 8.73 11.21 2.90
N HIS A 112 9.86 11.36 3.60
CA HIS A 112 11.07 10.60 3.26
C HIS A 112 11.86 10.29 4.52
N PRO A 113 11.40 9.37 5.32
CA PRO A 113 12.09 8.97 6.58
C PRO A 113 13.32 8.12 6.31
N MET A 114 13.10 6.91 5.79
CA MET A 114 14.20 6.00 5.49
C MET A 114 13.81 5.02 4.40
N THR A 115 13.41 5.55 3.25
CA THR A 115 13.00 4.71 2.13
C THR A 115 13.64 5.20 0.83
N SER A 116 14.49 6.22 0.94
CA SER A 116 15.17 6.78 -0.22
C SER A 116 16.02 5.71 -0.89
N ALA A 117 16.88 5.06 -0.12
CA ALA A 117 17.75 4.02 -0.65
C ALA A 117 16.95 3.02 -1.48
N ILE A 118 15.83 2.57 -0.94
CA ILE A 118 14.98 1.61 -1.63
C ILE A 118 14.30 2.27 -2.83
N GLU A 119 14.05 3.57 -2.71
CA GLU A 119 13.40 4.31 -3.79
C GLU A 119 14.28 4.32 -5.04
N VAL A 120 15.56 4.61 -4.84
CA VAL A 120 16.51 4.64 -5.97
C VAL A 120 16.77 3.23 -6.49
N LEU A 121 16.73 2.26 -5.59
CA LEU A 121 16.97 0.87 -5.98
C LEU A 121 15.92 0.41 -6.98
N VAL A 122 14.67 0.35 -6.54
CA VAL A 122 13.58 -0.08 -7.41
C VAL A 122 13.38 0.91 -8.54
N GLY A 123 13.78 2.16 -8.31
CA GLY A 123 13.64 3.20 -9.33
C GLY A 123 14.42 2.84 -10.59
N SER A 124 15.72 2.65 -10.44
CA SER A 124 16.58 2.29 -11.56
C SER A 124 16.14 0.96 -12.17
N CYS A 125 16.35 -0.11 -11.43
CA CYS A 125 15.98 -1.45 -11.90
C CYS A 125 14.48 -1.66 -11.74
N ALA A 126 13.79 -1.87 -12.87
CA ALA A 126 12.35 -2.09 -12.85
C ALA A 126 11.89 -2.75 -14.15
N TYR A 127 11.33 -1.94 -15.04
CA TYR A 127 10.85 -2.46 -16.32
C TYR A 127 12.01 -3.01 -17.14
N THR A 128 12.28 -4.31 -16.97
CA THR A 128 13.37 -4.95 -17.70
C THR A 128 13.17 -4.78 -19.20
N GLY A 129 11.92 -4.82 -19.64
CA GLY A 129 11.60 -4.68 -21.06
C GLY A 129 12.41 -5.66 -21.90
N THR A 130 12.11 -6.95 -21.73
CA THR A 130 12.81 -7.99 -22.49
C THR A 130 12.30 -8.06 -23.92
N GLY A 131 13.03 -7.45 -24.84
CA GLY A 131 12.64 -7.44 -26.24
C GLY A 131 12.45 -8.87 -26.75
N MET B 1 -18.92 24.09 -8.16
CA MET B 1 -19.32 22.76 -8.67
C MET B 1 -18.12 22.09 -9.34
N VAL B 2 -17.08 21.84 -8.56
CA VAL B 2 -15.88 21.21 -9.10
C VAL B 2 -15.92 19.70 -8.87
N SER B 3 -15.66 18.94 -9.93
CA SER B 3 -15.67 17.49 -9.84
C SER B 3 -14.27 16.93 -10.11
N LEU B 4 -13.63 16.42 -9.06
CA LEU B 4 -12.29 15.87 -9.19
C LEU B 4 -12.33 14.34 -9.20
N THR B 5 -11.17 13.74 -9.44
CA THR B 5 -11.07 12.28 -9.49
C THR B 5 -10.04 11.78 -8.47
N PHE B 6 -10.48 10.92 -7.56
CA PHE B 6 -9.58 10.37 -6.56
C PHE B 6 -9.12 8.98 -6.96
N LYS B 7 -7.81 8.81 -7.15
CA LYS B 7 -7.27 7.52 -7.55
C LYS B 7 -6.61 6.83 -6.37
N ASN B 8 -6.77 5.50 -6.28
CA ASN B 8 -6.20 4.74 -5.19
C ASN B 8 -4.82 4.21 -5.56
N PHE B 9 -4.70 2.87 -5.62
CA PHE B 9 -3.43 2.24 -5.95
C PHE B 9 -3.59 1.24 -7.08
N LYS B 10 -4.84 0.91 -7.40
CA LYS B 10 -5.11 -0.03 -8.48
C LYS B 10 -5.39 0.73 -9.76
N LYS B 11 -5.06 2.02 -9.73
CA LYS B 11 -5.26 2.89 -10.87
C LYS B 11 -6.74 3.06 -11.17
N GLU B 12 -7.54 3.18 -10.12
CA GLU B 12 -8.98 3.37 -10.28
C GLU B 12 -9.36 4.81 -9.94
N LYS B 13 -10.31 5.36 -10.69
CA LYS B 13 -10.74 6.73 -10.45
C LYS B 13 -12.06 6.76 -9.71
N VAL B 14 -12.16 7.63 -8.71
CA VAL B 14 -13.38 7.77 -7.92
C VAL B 14 -13.87 9.21 -7.95
N PRO B 15 -14.54 9.60 -9.00
CA PRO B 15 -15.06 10.97 -9.17
C PRO B 15 -15.70 11.51 -7.89
N LEU B 16 -15.50 12.79 -7.64
CA LEU B 16 -16.06 13.44 -6.46
C LEU B 16 -16.31 14.92 -6.72
N ASP B 17 -17.39 15.44 -6.15
CA ASP B 17 -17.73 16.84 -6.31
C ASP B 17 -17.44 17.59 -5.02
N LEU B 18 -16.78 18.73 -5.14
CA LEU B 18 -16.43 19.54 -3.98
C LEU B 18 -16.60 21.02 -4.25
N GLU B 19 -16.13 21.83 -3.32
CA GLU B 19 -16.21 23.28 -3.45
C GLU B 19 -14.98 23.94 -2.83
N PRO B 20 -14.66 25.12 -3.26
CA PRO B 20 -13.48 25.87 -2.74
C PRO B 20 -13.43 25.82 -1.22
N SER B 21 -14.62 25.75 -0.62
CA SER B 21 -14.72 25.68 0.83
C SER B 21 -14.56 24.26 1.32
N ASN B 22 -15.45 23.37 0.89
CA ASN B 22 -15.36 21.97 1.30
C ASN B 22 -13.92 21.62 1.62
N THR B 23 -13.72 20.88 2.71
CA THR B 23 -12.37 20.52 3.11
C THR B 23 -12.13 19.02 3.00
N ILE B 24 -10.89 18.63 3.27
CA ILE B 24 -10.49 17.23 3.20
C ILE B 24 -11.34 16.38 4.13
N LEU B 25 -11.79 16.98 5.23
CA LEU B 25 -12.63 16.26 6.17
C LEU B 25 -13.81 15.65 5.44
N GLU B 26 -14.46 16.46 4.61
CA GLU B 26 -15.61 16.01 3.84
C GLU B 26 -15.21 15.12 2.68
N THR B 27 -14.16 15.52 1.94
CA THR B 27 -13.72 14.70 0.82
C THR B 27 -13.33 13.33 1.33
N LYS B 28 -12.76 13.31 2.53
CA LYS B 28 -12.36 12.07 3.15
C LYS B 28 -13.59 11.26 3.56
N THR B 29 -14.59 11.96 4.09
CA THR B 29 -15.82 11.29 4.51
C THR B 29 -16.52 10.66 3.32
N LYS B 30 -16.72 11.46 2.27
CA LYS B 30 -17.37 10.96 1.07
C LYS B 30 -16.54 9.83 0.45
N LEU B 31 -15.33 10.16 0.03
CA LEU B 31 -14.45 9.16 -0.57
C LEU B 31 -14.53 7.85 0.21
N ALA B 32 -14.96 7.95 1.46
CA ALA B 32 -15.07 6.76 2.32
C ALA B 32 -16.48 6.17 2.21
N GLN B 33 -17.46 7.03 1.99
CA GLN B 33 -18.84 6.59 1.88
C GLN B 33 -19.14 6.17 0.44
N SER B 34 -18.14 6.24 -0.42
CA SER B 34 -18.30 5.86 -1.82
C SER B 34 -17.74 4.46 -2.03
N ILE B 35 -16.59 4.19 -1.42
CA ILE B 35 -15.96 2.89 -1.53
C ILE B 35 -16.36 2.01 -0.36
N SER B 36 -16.86 2.65 0.70
CA SER B 36 -17.31 1.92 1.88
C SER B 36 -16.14 1.67 2.84
N CYS B 37 -15.15 2.56 2.82
CA CYS B 37 -13.99 2.42 3.69
C CYS B 37 -13.85 3.66 4.58
N GLU B 38 -13.58 3.44 5.85
CA GLU B 38 -13.43 4.54 6.80
C GLU B 38 -12.33 5.47 6.34
N GLU B 39 -12.53 6.76 6.61
CA GLU B 39 -11.55 7.77 6.24
C GLU B 39 -10.47 7.88 7.31
N SER B 40 -10.57 7.03 8.32
CA SER B 40 -9.60 7.04 9.42
C SER B 40 -8.31 6.34 9.01
N GLN B 41 -8.32 5.70 7.84
CA GLN B 41 -7.13 5.01 7.35
C GLN B 41 -6.72 5.61 6.02
N ILE B 42 -7.70 6.13 5.30
CA ILE B 42 -7.47 6.74 4.01
C ILE B 42 -6.38 7.80 4.09
N LYS B 43 -5.68 7.98 2.98
CA LYS B 43 -4.62 8.97 2.91
C LYS B 43 -4.83 9.87 1.69
N LEU B 44 -5.56 10.96 1.89
CA LEU B 44 -5.84 11.89 0.81
C LEU B 44 -4.57 12.62 0.37
N ILE B 45 -3.97 12.14 -0.71
CA ILE B 45 -2.76 12.76 -1.24
C ILE B 45 -3.07 13.71 -2.39
N TYR B 46 -2.08 14.47 -2.79
CA TYR B 46 -2.23 15.41 -3.90
C TYR B 46 -0.94 15.49 -4.69
N SER B 47 -0.90 14.79 -5.82
CA SER B 47 0.30 14.77 -6.65
C SER B 47 1.48 14.22 -5.86
N GLY B 48 1.23 13.19 -5.06
CA GLY B 48 2.26 12.59 -4.24
C GLY B 48 2.57 13.46 -3.03
N LYS B 49 1.55 14.17 -2.55
CA LYS B 49 1.73 15.03 -1.38
C LYS B 49 0.58 14.88 -0.40
N VAL B 50 0.66 13.83 0.43
CA VAL B 50 -0.38 13.57 1.42
C VAL B 50 -0.95 14.88 1.97
N LEU B 51 -2.19 15.19 1.59
CA LEU B 51 -2.84 16.41 2.06
C LEU B 51 -3.00 16.39 3.57
N GLN B 52 -3.82 17.32 4.08
CA GLN B 52 -4.06 17.39 5.51
C GLN B 52 -5.52 17.73 5.78
N ASP B 53 -6.08 17.11 6.81
CA ASP B 53 -7.47 17.34 7.17
C ASP B 53 -7.70 18.80 7.54
N SER B 54 -6.60 19.52 7.77
CA SER B 54 -6.69 20.92 8.15
C SER B 54 -6.65 21.84 6.93
N LYS B 55 -6.65 21.24 5.73
CA LYS B 55 -6.62 22.04 4.51
C LYS B 55 -7.87 21.80 3.67
N THR B 56 -8.44 22.88 3.16
CA THR B 56 -9.62 22.76 2.33
C THR B 56 -9.22 22.33 0.92
N VAL B 57 -10.00 22.72 -0.07
CA VAL B 57 -9.70 22.36 -1.45
C VAL B 57 -8.88 23.48 -2.10
N SER B 58 -9.25 24.72 -1.78
CA SER B 58 -8.55 25.87 -2.33
C SER B 58 -7.09 25.83 -1.90
N GLU B 59 -6.86 25.43 -0.66
CA GLU B 59 -5.51 25.33 -0.12
C GLU B 59 -4.82 24.12 -0.71
N CYS B 60 -5.59 23.05 -0.90
CA CYS B 60 -5.06 21.82 -1.47
C CYS B 60 -4.40 22.11 -2.81
N GLY B 61 -4.89 23.14 -3.49
CA GLY B 61 -4.34 23.52 -4.78
C GLY B 61 -5.13 22.90 -5.92
N LEU B 62 -6.27 22.30 -5.60
CA LEU B 62 -7.10 21.67 -6.62
C LEU B 62 -7.84 22.73 -7.44
N LYS B 63 -8.37 22.29 -8.57
CA LYS B 63 -9.12 23.18 -9.44
C LYS B 63 -10.38 22.49 -9.95
N ASP B 64 -10.95 23.01 -11.03
CA ASP B 64 -12.16 22.43 -11.59
C ASP B 64 -11.84 21.27 -12.51
N GLY B 65 -12.27 20.07 -12.12
CA GLY B 65 -12.03 18.87 -12.92
C GLY B 65 -10.54 18.53 -12.97
N ASP B 66 -9.98 18.14 -11.83
CA ASP B 66 -8.56 17.78 -11.76
C ASP B 66 -8.41 16.33 -11.31
N GLN B 67 -7.28 16.03 -10.70
CA GLN B 67 -7.02 14.67 -10.22
C GLN B 67 -6.36 14.70 -8.85
N VAL B 68 -6.81 13.83 -7.96
CA VAL B 68 -6.26 13.76 -6.61
C VAL B 68 -5.76 12.34 -6.33
N VAL B 69 -4.63 12.24 -5.65
CA VAL B 69 -4.06 10.93 -5.33
C VAL B 69 -4.37 10.57 -3.89
N PHE B 70 -4.81 9.34 -3.68
CA PHE B 70 -5.14 8.88 -2.33
C PHE B 70 -4.93 7.37 -2.20
N MET B 71 -5.05 6.86 -0.99
CA MET B 71 -4.88 5.44 -0.73
C MET B 71 -5.63 5.02 0.52
N VAL B 72 -5.95 3.74 0.62
CA VAL B 72 -6.67 3.22 1.78
C VAL B 72 -5.76 2.30 2.61
N SER B 73 -5.95 2.35 3.92
CA SER B 73 -5.14 1.51 4.81
C SER B 73 -5.95 0.32 5.32
N GLN B 74 -5.31 -0.53 6.11
CA GLN B 74 -5.98 -1.71 6.65
C GLN B 74 -6.21 -1.55 8.16
N LYS B 75 -5.45 -0.65 8.77
CA LYS B 75 -5.57 -0.42 10.20
C LYS B 75 -6.90 0.26 10.52
N LYS B 76 -7.75 -0.44 11.27
CA LYS B 76 -9.05 0.11 11.64
C LYS B 76 -8.89 1.41 12.42
N SER B 77 -7.76 1.54 13.10
CA SER B 77 -7.50 2.74 13.89
C SER B 77 -8.56 2.93 14.95
N THR B 78 -8.13 3.07 16.21
CA THR B 78 -9.06 3.24 17.31
C THR B 78 -9.68 4.64 17.26
N ASP A 1 8.46 -19.66 24.90
CA ASP A 1 8.88 -19.98 23.51
C ASP A 1 8.54 -18.81 22.59
N THR A 2 8.98 -18.90 21.34
CA THR A 2 8.73 -17.83 20.38
C THR A 2 8.93 -18.34 18.96
N LYS A 3 9.63 -19.46 18.83
CA LYS A 3 9.89 -20.04 17.51
C LYS A 3 8.62 -20.67 16.94
N ILE A 4 7.66 -20.95 17.81
CA ILE A 4 6.40 -21.54 17.39
C ILE A 4 5.84 -20.79 16.18
N SER A 5 6.07 -19.49 16.15
CA SER A 5 5.58 -18.65 15.05
C SER A 5 6.32 -19.00 13.75
N SER A 6 7.64 -18.93 13.79
CA SER A 6 8.44 -19.25 12.61
C SER A 6 8.07 -20.61 12.04
N ALA A 7 7.93 -21.59 12.94
CA ALA A 7 7.59 -22.94 12.51
C ALA A 7 6.19 -22.96 11.87
N ALA A 8 5.32 -22.08 12.35
CA ALA A 8 3.96 -22.00 11.80
C ALA A 8 4.00 -21.65 10.32
N ILE A 9 4.87 -20.73 9.95
CA ILE A 9 4.99 -20.30 8.56
C ILE A 9 5.68 -21.38 7.74
N LEU A 10 6.62 -22.08 8.36
CA LEU A 10 7.35 -23.14 7.67
C LEU A 10 6.39 -24.16 7.07
N GLY A 11 5.84 -25.01 7.92
CA GLY A 11 4.89 -26.02 7.46
C GLY A 11 3.79 -25.40 6.60
N LEU A 12 3.04 -24.48 7.20
CA LEU A 12 1.96 -23.82 6.47
C LEU A 12 2.48 -23.22 5.17
N GLY A 13 3.76 -22.86 5.16
CA GLY A 13 4.37 -22.28 3.96
C GLY A 13 4.27 -23.22 2.78
N ILE A 14 4.97 -24.35 2.86
CA ILE A 14 4.97 -25.33 1.78
C ILE A 14 3.61 -26.01 1.69
N ALA A 15 2.69 -25.60 2.56
CA ALA A 15 1.35 -26.19 2.57
C ALA A 15 0.46 -25.51 1.54
N PHE A 16 0.07 -24.27 1.83
CA PHE A 16 -0.78 -23.52 0.91
C PHE A 16 0.02 -23.06 -0.31
N ALA A 17 1.05 -23.83 -0.66
CA ALA A 17 1.88 -23.48 -1.81
C ALA A 17 1.01 -23.06 -2.98
N GLY A 18 0.44 -24.03 -3.68
CA GLY A 18 -0.40 -23.75 -4.84
C GLY A 18 -1.87 -23.70 -4.43
N SER A 19 -2.51 -22.56 -4.70
CA SER A 19 -3.91 -22.39 -4.35
C SER A 19 -4.51 -21.19 -5.10
N LYS A 20 -3.93 -20.02 -4.88
CA LYS A 20 -4.40 -18.81 -5.53
C LYS A 20 -5.88 -18.58 -5.22
N ASN A 21 -6.29 -18.93 -4.00
CA ASN A 21 -7.67 -18.75 -3.59
C ASN A 21 -7.86 -17.41 -2.89
N ASP A 22 -8.88 -16.66 -3.32
CA ASP A 22 -9.16 -15.35 -2.73
C ASP A 22 -9.41 -15.49 -1.23
N GLU A 23 -9.39 -16.73 -0.75
CA GLU A 23 -9.63 -16.99 0.68
C GLU A 23 -8.35 -16.74 1.47
N VAL A 24 -7.25 -17.32 1.02
CA VAL A 24 -5.97 -17.16 1.70
C VAL A 24 -5.74 -15.69 2.05
N LEU A 25 -5.85 -14.82 1.05
CA LEU A 25 -5.65 -13.40 1.27
C LEU A 25 -6.71 -12.85 2.22
N GLY A 26 -7.94 -13.31 2.05
CA GLY A 26 -9.03 -12.85 2.89
C GLY A 26 -8.70 -13.04 4.37
N LEU A 27 -7.71 -13.87 4.64
CA LEU A 27 -7.30 -14.13 6.02
C LEU A 27 -5.87 -13.65 6.26
N LEU A 28 -5.07 -13.66 5.20
CA LEU A 28 -3.68 -13.23 5.30
C LEU A 28 -3.60 -11.72 5.51
N LEU A 29 -4.01 -10.97 4.51
CA LEU A 29 -3.98 -9.51 4.59
C LEU A 29 -4.36 -9.04 6.00
N PRO A 30 -5.58 -9.29 6.40
CA PRO A 30 -6.08 -8.89 7.74
C PRO A 30 -5.08 -9.21 8.84
N ILE A 31 -4.68 -10.47 8.93
CA ILE A 31 -3.72 -10.90 9.94
C ILE A 31 -2.39 -10.16 9.77
N ALA A 32 -1.72 -10.39 8.66
CA ALA A 32 -0.45 -9.74 8.38
C ALA A 32 -0.59 -8.23 8.47
N ALA A 33 -1.83 -7.76 8.57
CA ALA A 33 -2.09 -6.33 8.65
C ALA A 33 -3.36 -6.06 9.45
N SER A 34 -3.38 -6.52 10.70
CA SER A 34 -4.54 -6.32 11.55
C SER A 34 -4.51 -4.93 12.19
N THR A 35 -3.65 -4.75 13.17
CA THR A 35 -3.53 -3.46 13.85
C THR A 35 -2.18 -3.37 14.58
N ASP A 36 -1.84 -4.43 15.31
CA ASP A 36 -0.58 -4.44 16.06
C ASP A 36 0.52 -5.08 15.22
N LEU A 37 1.08 -6.17 15.72
CA LEU A 37 2.15 -6.87 15.01
C LEU A 37 3.18 -5.88 14.50
N PRO A 38 4.00 -5.37 15.38
CA PRO A 38 5.06 -4.39 15.02
C PRO A 38 6.25 -5.06 14.33
N ILE A 39 6.20 -5.11 13.00
CA ILE A 39 7.28 -5.72 12.24
C ILE A 39 7.91 -6.87 13.00
N GLU A 40 7.09 -7.60 13.76
CA GLU A 40 7.58 -8.72 14.54
C GLU A 40 7.70 -9.96 13.67
N THR A 41 6.59 -10.36 13.06
CA THR A 41 6.59 -11.55 12.20
C THR A 41 5.96 -11.21 10.84
N ALA A 42 5.60 -9.96 10.66
CA ALA A 42 4.98 -9.52 9.41
C ALA A 42 5.89 -9.84 8.23
N ALA A 43 7.08 -9.26 8.23
CA ALA A 43 8.03 -9.50 7.14
C ALA A 43 8.06 -10.98 6.77
N MET A 44 7.87 -11.84 7.76
CA MET A 44 7.88 -13.28 7.52
C MET A 44 6.59 -13.70 6.82
N ALA A 45 5.46 -13.43 7.45
CA ALA A 45 4.17 -13.79 6.87
C ALA A 45 4.04 -13.27 5.44
N SER A 46 4.32 -11.98 5.26
CA SER A 46 4.24 -11.37 3.94
C SER A 46 5.11 -12.14 2.94
N LEU A 47 6.23 -12.66 3.42
CA LEU A 47 7.14 -13.41 2.56
C LEU A 47 6.41 -14.59 1.92
N ALA A 48 5.97 -15.54 2.75
CA ALA A 48 5.26 -16.71 2.26
C ALA A 48 4.16 -16.30 1.29
N LEU A 49 3.50 -15.18 1.58
CA LEU A 49 2.42 -14.69 0.73
C LEU A 49 2.93 -14.46 -0.70
N ALA A 50 3.96 -13.62 -0.81
CA ALA A 50 4.53 -13.32 -2.12
C ALA A 50 5.00 -14.60 -2.81
N HIS A 51 5.64 -15.47 -2.05
CA HIS A 51 6.13 -16.74 -2.61
C HIS A 51 5.07 -17.37 -3.50
N VAL A 52 3.86 -17.53 -2.97
CA VAL A 52 2.77 -18.14 -3.72
C VAL A 52 2.40 -17.25 -4.90
N PHE A 53 1.94 -16.04 -4.61
CA PHE A 53 1.54 -15.11 -5.66
C PHE A 53 2.77 -14.49 -6.32
N VAL A 54 3.87 -15.22 -6.31
CA VAL A 54 5.12 -14.73 -6.90
C VAL A 54 4.92 -14.46 -8.39
N GLY A 55 4.22 -15.36 -9.07
CA GLY A 55 3.97 -15.20 -10.49
C GLY A 55 3.15 -13.94 -10.77
N THR A 56 1.84 -14.05 -10.63
CA THR A 56 0.96 -12.91 -10.87
C THR A 56 1.10 -11.89 -9.76
N CYS A 57 0.20 -10.90 -9.75
CA CYS A 57 0.24 -9.86 -8.72
C CYS A 57 -1.08 -9.10 -8.69
N ASN A 58 -1.18 -8.13 -7.79
CA ASN A 58 -2.39 -7.33 -7.66
C ASN A 58 -2.11 -6.04 -6.91
N GLY A 59 -3.08 -5.11 -6.95
CA GLY A 59 -2.92 -3.84 -6.26
C GLY A 59 -3.18 -3.98 -4.76
N ASP A 60 -4.29 -4.63 -4.43
CA ASP A 60 -4.66 -4.83 -3.02
C ASP A 60 -3.47 -5.35 -2.23
N ILE A 61 -2.67 -6.21 -2.87
CA ILE A 61 -1.50 -6.78 -2.21
C ILE A 61 -0.46 -5.69 -1.93
N THR A 62 -0.12 -4.93 -2.97
CA THR A 62 0.86 -3.86 -2.83
C THR A 62 0.43 -2.88 -1.74
N THR A 63 -0.87 -2.83 -1.48
CA THR A 63 -1.39 -1.93 -0.45
C THR A 63 -1.01 -2.41 0.94
N SER A 64 -1.27 -3.69 1.21
CA SER A 64 -0.94 -4.26 2.51
C SER A 64 0.56 -4.28 2.71
N ILE A 65 1.29 -4.56 1.63
CA ILE A 65 2.75 -4.60 1.71
C ILE A 65 3.31 -3.21 1.98
N MET A 66 2.86 -2.23 1.21
CA MET A 66 3.32 -0.86 1.40
C MET A 66 2.99 -0.36 2.80
N ASP A 67 1.72 -0.46 3.16
CA ASP A 67 1.28 -0.01 4.48
C ASP A 67 2.24 -0.50 5.56
N ASN A 68 2.77 -1.70 5.37
CA ASN A 68 3.72 -2.27 6.34
C ASN A 68 5.04 -1.53 6.30
N PHE A 69 5.58 -1.35 5.10
CA PHE A 69 6.86 -0.65 4.93
C PHE A 69 6.86 0.64 5.74
N LEU A 70 5.83 1.46 5.56
CA LEU A 70 5.72 2.71 6.29
C LEU A 70 5.62 2.46 7.79
N GLU A 71 4.83 1.47 8.16
CA GLU A 71 4.65 1.13 9.57
C GLU A 71 6.00 1.07 10.28
N ARG A 72 7.05 0.80 9.51
CA ARG A 72 8.39 0.71 10.09
C ARG A 72 8.88 2.08 10.53
N THR A 73 9.63 2.12 11.63
CA THR A 73 10.14 3.37 12.16
C THR A 73 11.65 3.48 11.91
N ALA A 74 12.25 2.37 11.51
CA ALA A 74 13.69 2.34 11.26
C ALA A 74 14.45 2.77 12.50
N ILE A 75 13.71 3.00 13.58
CA ILE A 75 14.31 3.43 14.83
C ILE A 75 14.52 2.22 15.76
N GLU A 76 13.66 1.22 15.62
CA GLU A 76 13.76 0.02 16.45
C GLU A 76 14.97 -0.81 16.03
N LEU A 77 14.90 -1.37 14.83
CA LEU A 77 15.99 -2.19 14.31
C LEU A 77 17.01 -1.34 13.57
N LYS A 78 17.98 -1.99 12.94
CA LYS A 78 19.01 -1.27 12.19
C LYS A 78 19.88 -2.25 11.42
N THR A 79 19.84 -3.53 11.81
CA THR A 79 20.62 -4.56 11.14
C THR A 79 19.98 -4.94 9.81
N ASP A 80 20.30 -6.15 9.34
CA ASP A 80 19.75 -6.64 8.08
C ASP A 80 18.24 -6.46 8.07
N TRP A 81 17.71 -5.96 6.95
CA TRP A 81 16.28 -5.75 6.82
C TRP A 81 15.92 -5.34 5.39
N VAL A 82 16.45 -4.21 4.96
CA VAL A 82 16.18 -3.72 3.61
C VAL A 82 16.36 -4.83 2.59
N ARG A 83 17.07 -5.88 2.98
CA ARG A 83 17.31 -7.02 2.08
C ARG A 83 15.99 -7.69 1.73
N PHE A 84 15.31 -8.22 2.74
CA PHE A 84 14.03 -8.89 2.51
C PHE A 84 13.03 -7.94 1.87
N LEU A 85 12.83 -6.79 2.51
CA LEU A 85 11.89 -5.79 2.00
C LEU A 85 12.17 -5.51 0.53
N ALA A 86 13.44 -5.28 0.20
CA ALA A 86 13.83 -4.98 -1.17
C ALA A 86 13.54 -6.18 -2.07
N LEU A 87 13.79 -7.38 -1.55
CA LEU A 87 13.55 -8.60 -2.32
C LEU A 87 12.08 -8.71 -2.71
N ALA A 88 11.22 -8.90 -1.71
CA ALA A 88 9.78 -9.03 -1.96
C ALA A 88 9.31 -7.93 -2.91
N LEU A 89 9.14 -6.73 -2.38
CA LEU A 89 8.70 -5.59 -3.19
C LEU A 89 9.47 -5.53 -4.49
N GLY A 90 10.62 -6.20 -4.53
CA GLY A 90 11.45 -6.21 -5.73
C GLY A 90 10.92 -7.21 -6.75
N ILE A 91 11.18 -8.48 -6.51
CA ILE A 91 10.72 -9.53 -7.41
C ILE A 91 9.21 -9.44 -7.61
N LEU A 92 8.53 -8.75 -6.70
CA LEU A 92 7.09 -8.61 -6.78
C LEU A 92 6.67 -8.24 -8.19
N TYR A 93 7.28 -7.19 -8.74
CA TYR A 93 6.96 -6.75 -10.09
C TYR A 93 7.61 -7.66 -11.12
N MET A 94 6.81 -8.55 -11.71
CA MET A 94 7.32 -9.47 -12.71
C MET A 94 8.00 -8.72 -13.84
N GLY A 95 7.28 -7.77 -14.44
CA GLY A 95 7.84 -6.98 -15.53
C GLY A 95 6.92 -5.81 -15.87
N GLN A 96 5.97 -5.54 -14.99
CA GLN A 96 5.03 -4.44 -15.21
C GLN A 96 5.77 -3.11 -15.31
N GLY A 97 5.20 -2.08 -14.71
CA GLY A 97 5.82 -0.76 -14.73
C GLY A 97 4.88 0.30 -14.16
N GLU A 98 3.59 0.03 -14.24
CA GLU A 98 2.58 0.95 -13.73
C GLU A 98 2.59 0.95 -12.20
N GLN A 99 2.15 -0.15 -11.61
CA GLN A 99 2.11 -0.27 -10.16
C GLN A 99 3.37 0.31 -9.53
N VAL A 100 4.45 0.33 -10.31
CA VAL A 100 5.71 0.87 -9.82
C VAL A 100 5.65 2.39 -9.71
N ASP A 101 5.05 3.02 -10.71
CA ASP A 101 4.92 4.48 -10.72
C ASP A 101 4.13 4.94 -9.51
N ASP A 102 3.14 4.15 -9.11
CA ASP A 102 2.30 4.49 -7.96
C ASP A 102 3.11 4.41 -6.67
N VAL A 103 4.03 3.45 -6.62
CA VAL A 103 4.87 3.26 -5.44
C VAL A 103 5.84 4.43 -5.29
N LEU A 104 6.81 4.51 -6.19
CA LEU A 104 7.80 5.57 -6.15
C LEU A 104 7.13 6.92 -5.90
N GLU A 105 5.88 7.04 -6.37
CA GLU A 105 5.13 8.28 -6.20
C GLU A 105 4.75 8.49 -4.73
N THR A 106 4.42 7.38 -4.06
CA THR A 106 4.03 7.46 -2.66
C THR A 106 5.28 7.57 -1.77
N ILE A 107 6.19 6.62 -1.90
CA ILE A 107 7.41 6.62 -1.12
C ILE A 107 8.00 8.02 -1.04
N SER A 108 7.94 8.75 -2.15
CA SER A 108 8.47 10.10 -2.20
C SER A 108 7.52 11.07 -1.51
N ALA A 109 6.22 10.77 -1.58
CA ALA A 109 5.22 11.62 -0.96
C ALA A 109 5.31 11.54 0.56
N ILE A 110 4.75 10.47 1.13
CA ILE A 110 4.78 10.29 2.58
C ILE A 110 6.18 10.55 3.12
N GLU A 111 6.33 11.64 3.86
CA GLU A 111 7.63 11.99 4.43
C GLU A 111 8.33 10.75 4.97
N HIS A 112 9.19 10.16 4.14
CA HIS A 112 9.92 8.97 4.55
C HIS A 112 11.29 8.92 3.87
N PRO A 113 12.24 9.66 4.38
CA PRO A 113 13.62 9.71 3.81
C PRO A 113 14.42 8.45 4.14
N MET A 114 15.74 8.58 4.15
CA MET A 114 16.60 7.45 4.45
C MET A 114 16.10 6.19 3.74
N THR A 115 15.62 6.37 2.52
CA THR A 115 15.10 5.23 1.74
C THR A 115 15.62 5.31 0.30
N SER A 116 16.44 6.30 0.02
CA SER A 116 17.00 6.48 -1.32
C SER A 116 17.48 5.13 -1.87
N ALA A 117 18.20 4.38 -1.06
CA ALA A 117 18.72 3.09 -1.48
C ALA A 117 17.65 2.31 -2.24
N ILE A 118 16.44 2.29 -1.69
CA ILE A 118 15.33 1.58 -2.32
C ILE A 118 14.83 2.34 -3.54
N GLU A 119 14.67 3.65 -3.39
CA GLU A 119 14.19 4.48 -4.49
C GLU A 119 14.99 4.20 -5.76
N VAL A 120 16.30 4.37 -5.68
CA VAL A 120 17.17 4.14 -6.82
C VAL A 120 16.96 2.72 -7.36
N LEU A 121 17.08 1.74 -6.49
CA LEU A 121 16.91 0.34 -6.89
C LEU A 121 15.60 0.17 -7.66
N VAL A 122 14.49 0.19 -6.94
CA VAL A 122 13.19 0.03 -7.57
C VAL A 122 13.03 1.02 -8.72
N GLY A 123 13.65 2.17 -8.60
CA GLY A 123 13.57 3.20 -9.64
C GLY A 123 14.19 2.69 -10.94
N SER A 124 15.27 1.93 -10.82
CA SER A 124 15.95 1.39 -11.99
C SER A 124 15.07 0.37 -12.71
N CYS A 125 14.61 -0.63 -11.95
CA CYS A 125 13.76 -1.67 -12.53
C CYS A 125 12.36 -1.12 -12.79
N ALA A 126 11.99 -1.05 -14.07
CA ALA A 126 10.67 -0.56 -14.45
C ALA A 126 10.42 -0.78 -15.93
N TYR A 127 9.18 -1.12 -16.28
CA TYR A 127 8.83 -1.35 -17.67
C TYR A 127 9.87 -2.24 -18.35
N THR A 128 10.82 -1.61 -19.04
CA THR A 128 11.86 -2.35 -19.73
C THR A 128 12.81 -3.01 -18.73
N GLY A 129 12.30 -4.03 -18.02
CA GLY A 129 13.11 -4.73 -17.04
C GLY A 129 14.34 -5.36 -17.68
N THR A 130 15.49 -4.73 -17.48
CA THR A 130 16.74 -5.24 -18.05
C THR A 130 16.95 -6.70 -17.69
N GLY A 131 17.73 -6.95 -16.64
CA GLY A 131 18.00 -8.31 -16.20
C GLY A 131 18.97 -8.33 -15.03
N MET B 1 -18.95 23.53 -7.56
CA MET B 1 -19.34 22.33 -8.34
C MET B 1 -18.11 21.74 -9.00
N VAL B 2 -17.10 21.41 -8.20
CA VAL B 2 -15.87 20.83 -8.72
C VAL B 2 -15.90 19.31 -8.60
N SER B 3 -15.56 18.65 -9.70
CA SER B 3 -15.53 17.18 -9.72
C SER B 3 -14.11 16.69 -9.96
N LEU B 4 -13.51 16.09 -8.93
CA LEU B 4 -12.16 15.58 -9.04
C LEU B 4 -12.13 14.07 -9.17
N THR B 5 -10.93 13.51 -9.27
CA THR B 5 -10.79 12.06 -9.40
C THR B 5 -9.71 11.55 -8.46
N PHE B 6 -10.07 10.58 -7.61
CA PHE B 6 -9.12 10.02 -6.67
C PHE B 6 -8.69 8.63 -7.14
N LYS B 7 -7.38 8.47 -7.39
CA LYS B 7 -6.84 7.20 -7.86
C LYS B 7 -6.05 6.50 -6.75
N ASN B 8 -6.03 5.18 -6.81
CA ASN B 8 -5.31 4.39 -5.81
C ASN B 8 -4.16 3.61 -6.46
N PHE B 9 -3.70 2.57 -5.79
CA PHE B 9 -2.61 1.75 -6.31
C PHE B 9 -3.08 0.93 -7.51
N LYS B 10 -4.39 0.94 -7.74
CA LYS B 10 -4.96 0.19 -8.85
C LYS B 10 -5.17 1.12 -10.04
N LYS B 11 -4.70 2.35 -9.90
CA LYS B 11 -4.84 3.34 -10.96
C LYS B 11 -6.30 3.72 -11.17
N GLU B 12 -7.20 2.84 -10.75
CA GLU B 12 -8.63 3.10 -10.89
C GLU B 12 -8.97 4.49 -10.38
N LYS B 13 -9.77 5.21 -11.15
CA LYS B 13 -10.18 6.55 -10.77
C LYS B 13 -11.52 6.54 -10.05
N VAL B 14 -11.62 7.31 -8.98
CA VAL B 14 -12.85 7.39 -8.20
C VAL B 14 -13.40 8.81 -8.21
N PRO B 15 -14.06 9.19 -9.28
CA PRO B 15 -14.64 10.55 -9.43
C PRO B 15 -15.36 11.01 -8.16
N LEU B 16 -15.26 12.31 -7.89
CA LEU B 16 -15.89 12.89 -6.70
C LEU B 16 -16.23 14.35 -6.94
N ASP B 17 -17.11 14.88 -6.11
CA ASP B 17 -17.52 16.28 -6.22
C ASP B 17 -17.31 16.98 -4.88
N LEU B 18 -16.72 18.17 -4.92
CA LEU B 18 -16.47 18.93 -3.70
C LEU B 18 -16.73 20.41 -3.90
N GLU B 19 -16.37 21.19 -2.89
CA GLU B 19 -16.56 22.64 -2.94
C GLU B 19 -15.36 23.34 -2.32
N PRO B 20 -15.12 24.56 -2.71
CA PRO B 20 -13.98 25.36 -2.19
C PRO B 20 -13.87 25.25 -0.68
N SER B 21 -15.02 25.08 -0.03
CA SER B 21 -15.06 24.97 1.43
C SER B 21 -14.95 23.53 1.87
N ASN B 22 -15.64 22.62 1.17
CA ASN B 22 -15.58 21.22 1.54
C ASN B 22 -14.18 20.89 2.03
N THR B 23 -14.10 20.20 3.16
CA THR B 23 -12.81 19.85 3.71
C THR B 23 -12.47 18.39 3.42
N ILE B 24 -11.17 18.08 3.48
CA ILE B 24 -10.71 16.74 3.21
C ILE B 24 -11.43 15.73 4.09
N LEU B 25 -11.93 16.19 5.22
CA LEU B 25 -12.66 15.29 6.11
C LEU B 25 -13.85 14.72 5.37
N GLU B 26 -14.58 15.60 4.71
CA GLU B 26 -15.76 15.21 3.94
C GLU B 26 -15.35 14.40 2.71
N THR B 27 -14.36 14.89 1.97
CA THR B 27 -13.90 14.16 0.79
C THR B 27 -13.42 12.79 1.23
N LYS B 28 -12.86 12.75 2.45
CA LYS B 28 -12.38 11.50 3.02
C LYS B 28 -13.56 10.59 3.33
N THR B 29 -14.61 11.17 3.89
CA THR B 29 -15.81 10.40 4.23
C THR B 29 -16.44 9.83 2.96
N LYS B 30 -16.66 10.68 1.97
CA LYS B 30 -17.25 10.25 0.72
C LYS B 30 -16.36 9.19 0.07
N LEU B 31 -15.14 9.58 -0.28
CA LEU B 31 -14.21 8.65 -0.90
C LEU B 31 -14.25 7.30 -0.18
N ALA B 32 -14.72 7.33 1.06
CA ALA B 32 -14.81 6.11 1.86
C ALA B 32 -16.17 5.45 1.66
N GLN B 33 -17.20 6.27 1.44
CA GLN B 33 -18.54 5.75 1.23
C GLN B 33 -18.75 5.37 -0.24
N SER B 34 -17.69 5.54 -1.03
CA SER B 34 -17.76 5.21 -2.45
C SER B 34 -17.14 3.85 -2.68
N ILE B 35 -16.01 3.61 -2.03
CA ILE B 35 -15.32 2.33 -2.15
C ILE B 35 -15.76 1.40 -1.03
N SER B 36 -16.34 1.97 0.02
CA SER B 36 -16.82 1.19 1.16
C SER B 36 -15.70 0.97 2.17
N CYS B 37 -14.77 1.92 2.25
CA CYS B 37 -13.66 1.82 3.19
C CYS B 37 -13.68 3.00 4.14
N GLU B 38 -13.18 2.78 5.36
CA GLU B 38 -13.16 3.84 6.36
C GLU B 38 -12.22 4.96 5.92
N GLU B 39 -12.57 6.18 6.34
CA GLU B 39 -11.77 7.35 6.01
C GLU B 39 -10.73 7.61 7.09
N SER B 40 -10.70 6.73 8.09
CA SER B 40 -9.76 6.88 9.19
C SER B 40 -8.40 6.28 8.85
N GLN B 41 -8.33 5.57 7.73
CA GLN B 41 -7.08 4.96 7.28
C GLN B 41 -6.70 5.52 5.93
N ILE B 42 -7.72 5.90 5.18
CA ILE B 42 -7.53 6.45 3.85
C ILE B 42 -6.48 7.56 3.86
N LYS B 43 -5.34 7.30 3.21
CA LYS B 43 -4.28 8.29 3.15
C LYS B 43 -4.51 9.19 1.93
N LEU B 44 -5.35 10.21 2.11
CA LEU B 44 -5.68 11.12 1.01
C LEU B 44 -4.48 11.97 0.63
N ILE B 45 -3.98 11.74 -0.58
CA ILE B 45 -2.82 12.48 -1.07
C ILE B 45 -3.22 13.41 -2.21
N TYR B 46 -2.30 14.31 -2.55
CA TYR B 46 -2.53 15.26 -3.63
C TYR B 46 -1.22 15.51 -4.37
N SER B 47 -1.09 14.91 -5.55
CA SER B 47 0.12 15.07 -6.32
C SER B 47 1.32 14.55 -5.53
N GLY B 48 1.13 13.43 -4.84
CA GLY B 48 2.19 12.84 -4.04
C GLY B 48 2.41 13.64 -2.77
N LYS B 49 1.34 14.23 -2.26
CA LYS B 49 1.45 15.03 -1.03
C LYS B 49 0.28 14.76 -0.08
N VAL B 50 0.39 13.65 0.67
CA VAL B 50 -0.65 13.28 1.62
C VAL B 50 -1.34 14.52 2.20
N LEU B 51 -2.54 14.81 1.69
CA LEU B 51 -3.30 15.97 2.16
C LEU B 51 -3.50 15.89 3.68
N GLN B 52 -4.41 16.71 4.19
CA GLN B 52 -4.68 16.73 5.63
C GLN B 52 -6.17 16.51 5.89
N ASP B 53 -6.58 16.67 7.14
CA ASP B 53 -7.98 16.50 7.50
C ASP B 53 -8.63 17.83 7.82
N SER B 54 -7.79 18.84 8.11
CA SER B 54 -8.30 20.16 8.44
C SER B 54 -8.09 21.13 7.27
N LYS B 55 -7.98 20.58 6.06
CA LYS B 55 -7.78 21.41 4.88
C LYS B 55 -8.85 21.10 3.84
N THR B 56 -9.33 22.15 3.16
CA THR B 56 -10.35 21.98 2.15
C THR B 56 -9.74 22.06 0.75
N VAL B 57 -10.60 22.04 -0.26
CA VAL B 57 -10.14 22.10 -1.64
C VAL B 57 -9.43 23.42 -1.92
N SER B 58 -9.87 24.47 -1.24
CA SER B 58 -9.27 25.79 -1.42
C SER B 58 -7.85 25.80 -0.87
N GLU B 59 -7.67 25.17 0.29
CA GLU B 59 -6.36 25.11 0.92
C GLU B 59 -5.50 24.03 0.28
N CYS B 60 -6.14 22.95 -0.15
CA CYS B 60 -5.41 21.85 -0.78
C CYS B 60 -4.82 22.30 -2.11
N GLY B 61 -5.46 23.28 -2.74
CA GLY B 61 -4.98 23.79 -4.01
C GLY B 61 -5.71 23.13 -5.19
N LEU B 62 -6.70 22.31 -4.87
CA LEU B 62 -7.46 21.62 -5.91
C LEU B 62 -8.30 22.61 -6.71
N LYS B 63 -8.68 22.20 -7.91
CA LYS B 63 -9.48 23.05 -8.77
C LYS B 63 -10.68 22.27 -9.32
N ASP B 64 -11.27 22.79 -10.39
CA ASP B 64 -12.43 22.13 -11.00
C ASP B 64 -11.98 21.09 -12.02
N GLY B 65 -12.27 19.84 -11.75
CA GLY B 65 -11.91 18.75 -12.65
C GLY B 65 -10.42 18.46 -12.63
N ASP B 66 -9.89 18.15 -11.44
CA ASP B 66 -8.47 17.83 -11.31
C ASP B 66 -8.27 16.37 -10.94
N GLN B 67 -7.08 16.04 -10.46
CA GLN B 67 -6.79 14.67 -10.05
C GLN B 67 -6.12 14.64 -8.68
N VAL B 68 -6.56 13.71 -7.84
CA VAL B 68 -6.01 13.58 -6.49
C VAL B 68 -5.49 12.17 -6.26
N VAL B 69 -4.37 12.07 -5.56
CA VAL B 69 -3.78 10.76 -5.27
C VAL B 69 -4.18 10.33 -3.86
N PHE B 70 -4.59 9.08 -3.73
CA PHE B 70 -5.01 8.56 -2.42
C PHE B 70 -4.73 7.07 -2.29
N MET B 71 -4.92 6.55 -1.09
CA MET B 71 -4.69 5.13 -0.83
C MET B 71 -5.44 4.71 0.45
N VAL B 72 -5.74 3.43 0.55
CA VAL B 72 -6.45 2.92 1.72
C VAL B 72 -5.53 2.08 2.59
N SER B 73 -5.75 2.15 3.91
CA SER B 73 -4.93 1.39 4.85
C SER B 73 -5.73 0.25 5.46
N GLN B 74 -5.23 -0.31 6.55
CA GLN B 74 -5.91 -1.42 7.22
C GLN B 74 -5.96 -1.18 8.73
N LYS B 75 -5.03 -0.36 9.22
CA LYS B 75 -4.98 -0.06 10.65
C LYS B 75 -6.24 0.66 11.09
N LYS B 76 -7.22 -0.11 11.56
CA LYS B 76 -8.48 0.47 12.02
C LYS B 76 -8.25 1.44 13.17
N SER B 77 -8.47 0.96 14.39
CA SER B 77 -8.28 1.79 15.57
C SER B 77 -8.13 0.93 16.82
N THR B 78 -9.25 0.68 17.49
CA THR B 78 -9.23 -0.13 18.70
C THR B 78 -9.04 -1.61 18.36
N ASP A 1 -6.34 -24.84 23.79
CA ASP A 1 -6.61 -23.84 22.72
C ASP A 1 -5.29 -23.36 22.13
N THR A 2 -4.89 -23.93 21.01
CA THR A 2 -3.65 -23.54 20.36
C THR A 2 -3.75 -22.13 19.79
N LYS A 3 -2.70 -21.34 19.98
CA LYS A 3 -2.68 -19.97 19.47
C LYS A 3 -3.16 -19.92 18.03
N ILE A 4 -4.14 -19.05 17.77
CA ILE A 4 -4.67 -18.92 16.42
C ILE A 4 -3.55 -18.71 15.41
N SER A 5 -2.39 -18.31 15.90
CA SER A 5 -1.25 -18.07 15.03
C SER A 5 -0.75 -19.39 14.43
N SER A 6 -0.04 -20.17 15.22
CA SER A 6 0.50 -21.44 14.76
C SER A 6 -0.58 -22.22 13.99
N ALA A 7 -1.84 -22.02 14.39
CA ALA A 7 -2.95 -22.70 13.73
C ALA A 7 -3.23 -22.08 12.36
N ALA A 8 -3.08 -20.77 12.28
CA ALA A 8 -3.31 -20.05 11.02
C ALA A 8 -2.24 -20.41 9.99
N ILE A 9 -0.97 -20.28 10.39
CA ILE A 9 0.12 -20.59 9.49
C ILE A 9 0.07 -22.05 9.06
N LEU A 10 -0.49 -22.89 9.93
CA LEU A 10 -0.60 -24.31 9.62
C LEU A 10 -1.50 -24.54 8.40
N GLY A 11 -2.78 -24.22 8.56
CA GLY A 11 -3.73 -24.39 7.47
C GLY A 11 -3.14 -23.90 6.15
N LEU A 12 -2.62 -22.68 6.15
CA LEU A 12 -2.03 -22.11 4.95
C LEU A 12 -0.61 -22.65 4.75
N GLY A 13 -0.10 -23.36 5.76
CA GLY A 13 1.24 -23.92 5.68
C GLY A 13 1.33 -24.97 4.57
N ILE A 14 0.25 -25.73 4.42
CA ILE A 14 0.23 -26.78 3.39
C ILE A 14 -0.61 -26.34 2.19
N ALA A 15 -1.58 -25.46 2.44
CA ALA A 15 -2.44 -24.97 1.38
C ALA A 15 -1.81 -23.74 0.71
N PHE A 16 -0.58 -23.43 1.08
CA PHE A 16 0.11 -22.29 0.51
C PHE A 16 -0.07 -22.25 -1.00
N ALA A 17 0.19 -23.37 -1.65
CA ALA A 17 0.06 -23.47 -3.11
C ALA A 17 -1.41 -23.52 -3.50
N GLY A 18 -2.28 -23.05 -2.61
CA GLY A 18 -3.72 -23.04 -2.86
C GLY A 18 -4.01 -22.55 -4.28
N SER A 19 -5.17 -22.93 -4.80
CA SER A 19 -5.55 -22.52 -6.15
C SER A 19 -5.93 -21.05 -6.17
N LYS A 20 -5.04 -20.20 -5.67
CA LYS A 20 -5.28 -18.76 -5.64
C LYS A 20 -6.66 -18.47 -5.07
N ASN A 21 -6.88 -18.85 -3.81
CA ASN A 21 -8.17 -18.63 -3.16
C ASN A 21 -8.12 -17.36 -2.32
N ASP A 22 -9.16 -16.54 -2.43
CA ASP A 22 -9.23 -15.29 -1.67
C ASP A 22 -9.25 -15.59 -0.17
N GLU A 23 -9.14 -16.87 0.18
CA GLU A 23 -9.15 -17.27 1.59
C GLU A 23 -7.77 -17.08 2.19
N VAL A 24 -6.75 -17.09 1.34
CA VAL A 24 -5.37 -16.93 1.79
C VAL A 24 -5.07 -15.46 2.05
N LEU A 25 -5.13 -14.65 1.00
CA LEU A 25 -4.86 -13.22 1.13
C LEU A 25 -5.93 -12.55 1.99
N GLY A 26 -7.07 -13.22 2.14
CA GLY A 26 -8.16 -12.67 2.93
C GLY A 26 -7.86 -12.79 4.43
N LEU A 27 -7.45 -13.98 4.86
CA LEU A 27 -7.15 -14.20 6.27
C LEU A 27 -5.71 -13.77 6.59
N LEU A 28 -4.85 -13.86 5.59
CA LEU A 28 -3.45 -13.47 5.77
C LEU A 28 -3.32 -11.98 6.07
N LEU A 29 -3.71 -11.16 5.10
CA LEU A 29 -3.63 -9.71 5.27
C LEU A 29 -3.97 -9.31 6.70
N PRO A 30 -5.18 -9.52 7.13
CA PRO A 30 -5.63 -9.17 8.50
C PRO A 30 -4.62 -9.61 9.56
N ILE A 31 -4.14 -10.86 9.43
CA ILE A 31 -3.18 -11.39 10.38
C ILE A 31 -1.81 -10.74 10.17
N ALA A 32 -1.57 -10.25 8.95
CA ALA A 32 -0.30 -9.62 8.64
C ALA A 32 -0.32 -8.14 9.04
N ALA A 33 -1.24 -7.39 8.45
CA ALA A 33 -1.36 -5.96 8.75
C ALA A 33 -1.90 -5.76 10.17
N SER A 34 -1.46 -6.62 11.09
CA SER A 34 -1.90 -6.52 12.47
C SER A 34 -1.05 -5.50 13.24
N THR A 35 0.17 -5.27 12.75
CA THR A 35 1.07 -4.32 13.40
C THR A 35 1.15 -4.59 14.89
N ASP A 36 0.92 -5.85 15.28
CA ASP A 36 0.96 -6.22 16.69
C ASP A 36 1.93 -7.38 16.90
N LEU A 37 2.33 -8.02 15.81
CA LEU A 37 3.26 -9.14 15.88
C LEU A 37 4.70 -8.65 15.75
N PRO A 38 5.65 -9.52 15.96
CA PRO A 38 7.10 -9.18 15.85
C PRO A 38 7.56 -9.06 14.41
N ILE A 39 8.80 -8.63 14.22
CA ILE A 39 9.35 -8.47 12.88
C ILE A 39 9.72 -9.83 12.29
N GLU A 40 10.16 -10.74 13.14
CA GLU A 40 10.55 -12.07 12.69
C GLU A 40 9.31 -12.92 12.40
N THR A 41 8.18 -12.24 12.19
CA THR A 41 6.94 -12.94 11.90
C THR A 41 6.28 -12.36 10.65
N ALA A 42 5.86 -11.10 10.74
CA ALA A 42 5.22 -10.44 9.61
C ALA A 42 6.00 -10.69 8.33
N ALA A 43 7.28 -10.34 8.34
CA ALA A 43 8.13 -10.53 7.18
C ALA A 43 8.00 -11.96 6.64
N MET A 44 8.12 -12.93 7.54
CA MET A 44 8.02 -14.34 7.15
C MET A 44 6.73 -14.57 6.37
N ALA A 45 5.62 -14.05 6.89
CA ALA A 45 4.33 -14.22 6.22
C ALA A 45 4.34 -13.57 4.84
N SER A 46 4.58 -12.25 4.83
CA SER A 46 4.62 -11.51 3.58
C SER A 46 5.45 -12.25 2.53
N LEU A 47 6.56 -12.85 2.98
CA LEU A 47 7.43 -13.59 2.08
C LEU A 47 6.66 -14.71 1.39
N ALA A 48 6.14 -15.64 2.18
CA ALA A 48 5.38 -16.76 1.64
C ALA A 48 4.26 -16.26 0.74
N LEU A 49 3.77 -15.07 1.02
CA LEU A 49 2.69 -14.48 0.21
C LEU A 49 3.16 -14.27 -1.23
N ALA A 50 4.18 -13.43 -1.39
CA ALA A 50 4.71 -13.16 -2.73
C ALA A 50 5.05 -14.45 -3.45
N HIS A 51 5.66 -15.39 -2.72
CA HIS A 51 6.04 -16.66 -3.31
C HIS A 51 4.88 -17.26 -4.10
N VAL A 52 3.72 -17.35 -3.46
CA VAL A 52 2.55 -17.89 -4.13
C VAL A 52 2.16 -17.05 -5.33
N PHE A 53 1.72 -15.81 -5.08
CA PHE A 53 1.33 -14.91 -6.15
C PHE A 53 2.55 -14.29 -6.80
N VAL A 54 3.66 -15.03 -6.82
CA VAL A 54 4.88 -14.54 -7.42
C VAL A 54 4.66 -14.16 -8.88
N GLY A 55 3.82 -14.94 -9.56
CA GLY A 55 3.53 -14.68 -10.96
C GLY A 55 2.61 -13.46 -11.11
N THR A 56 1.35 -13.64 -10.73
CA THR A 56 0.38 -12.55 -10.82
C THR A 56 0.63 -11.51 -9.73
N CYS A 57 -0.32 -10.59 -9.57
CA CYS A 57 -0.18 -9.54 -8.56
C CYS A 57 -1.46 -8.72 -8.48
N ASN A 58 -1.47 -7.73 -7.59
CA ASN A 58 -2.63 -6.88 -7.41
C ASN A 58 -2.32 -5.72 -6.46
N GLY A 59 -3.21 -4.73 -6.42
CA GLY A 59 -3.01 -3.58 -5.56
C GLY A 59 -3.23 -3.96 -4.09
N ASP A 60 -4.36 -4.60 -3.81
CA ASP A 60 -4.68 -5.00 -2.45
C ASP A 60 -3.45 -5.60 -1.78
N ILE A 61 -2.69 -6.40 -2.53
CA ILE A 61 -1.50 -7.03 -1.99
C ILE A 61 -0.43 -5.99 -1.70
N THR A 62 -0.28 -5.03 -2.61
CA THR A 62 0.72 -3.97 -2.44
C THR A 62 0.23 -2.94 -1.43
N THR A 63 -1.06 -3.00 -1.10
CA THR A 63 -1.63 -2.05 -0.14
C THR A 63 -1.23 -2.44 1.28
N SER A 64 -1.42 -3.70 1.63
CA SER A 64 -1.06 -4.18 2.96
C SER A 64 0.45 -4.26 3.11
N ILE A 65 1.14 -4.52 2.01
CA ILE A 65 2.59 -4.62 2.02
C ILE A 65 3.21 -3.23 2.11
N MET A 66 2.53 -2.24 1.56
CA MET A 66 3.02 -0.87 1.58
C MET A 66 2.91 -0.28 2.98
N ASP A 67 1.69 -0.27 3.51
CA ASP A 67 1.45 0.27 4.85
C ASP A 67 2.36 -0.41 5.87
N ASN A 68 2.70 -1.67 5.60
CA ASN A 68 3.57 -2.43 6.50
C ASN A 68 5.01 -1.93 6.40
N PHE A 69 5.40 -1.50 5.21
CA PHE A 69 6.76 -1.00 5.00
C PHE A 69 6.97 0.32 5.76
N LEU A 70 5.90 1.09 5.88
CA LEU A 70 5.97 2.38 6.57
C LEU A 70 5.98 2.15 8.09
N GLU A 71 5.30 1.10 8.54
CA GLU A 71 5.23 0.81 9.95
C GLU A 71 6.59 0.35 10.47
N ARG A 72 6.93 -0.90 10.23
CA ARG A 72 8.21 -1.44 10.68
C ARG A 72 9.33 -0.43 10.43
N THR A 73 9.84 0.15 11.51
CA THR A 73 10.92 1.12 11.40
C THR A 73 12.27 0.45 11.49
N ALA A 74 12.28 -0.87 11.39
CA ALA A 74 13.52 -1.62 11.47
C ALA A 74 14.30 -1.25 12.73
N ILE A 75 13.64 -0.48 13.60
CA ILE A 75 14.26 -0.05 14.84
C ILE A 75 14.39 -1.21 15.82
N GLU A 76 13.49 -2.19 15.69
CA GLU A 76 13.51 -3.35 16.56
C GLU A 76 14.91 -3.92 16.68
N LEU A 77 15.34 -4.64 15.66
CA LEU A 77 16.68 -5.24 15.65
C LEU A 77 17.70 -4.25 15.09
N LYS A 78 18.91 -4.73 14.85
CA LYS A 78 19.97 -3.89 14.30
C LYS A 78 20.78 -4.65 13.25
N THR A 79 20.15 -5.64 12.63
CA THR A 79 20.82 -6.44 11.61
C THR A 79 20.40 -5.97 10.22
N ASP A 80 20.24 -6.93 9.31
CA ASP A 80 19.84 -6.60 7.94
C ASP A 80 18.35 -6.82 7.75
N TRP A 81 17.80 -6.24 6.68
CA TRP A 81 16.37 -6.38 6.40
C TRP A 81 16.04 -5.75 5.05
N VAL A 82 16.77 -4.69 4.69
CA VAL A 82 16.53 -4.01 3.42
C VAL A 82 16.57 -5.01 2.27
N ARG A 83 17.24 -6.14 2.48
CA ARG A 83 17.33 -7.15 1.45
C ARG A 83 16.00 -7.89 1.28
N PHE A 84 15.37 -8.21 2.41
CA PHE A 84 14.09 -8.91 2.37
C PHE A 84 12.99 -7.99 1.84
N LEU A 85 12.72 -6.91 2.57
CA LEU A 85 11.69 -5.97 2.16
C LEU A 85 11.83 -5.64 0.67
N ALA A 86 13.06 -5.62 0.19
CA ALA A 86 13.32 -5.32 -1.21
C ALA A 86 13.04 -6.55 -2.08
N LEU A 87 13.46 -7.71 -1.61
CA LEU A 87 13.25 -8.95 -2.36
C LEU A 87 11.78 -9.10 -2.74
N ALA A 88 10.90 -9.04 -1.73
CA ALA A 88 9.47 -9.17 -1.99
C ALA A 88 8.97 -8.03 -2.86
N LEU A 89 8.91 -6.83 -2.30
CA LEU A 89 8.45 -5.66 -3.04
C LEU A 89 9.10 -5.62 -4.42
N GLY A 90 10.29 -6.20 -4.53
CA GLY A 90 11.00 -6.22 -5.80
C GLY A 90 10.39 -7.24 -6.75
N ILE A 91 10.75 -8.51 -6.56
CA ILE A 91 10.23 -9.57 -7.41
C ILE A 91 8.72 -9.43 -7.58
N LEU A 92 8.08 -8.76 -6.63
CA LEU A 92 6.63 -8.55 -6.69
C LEU A 92 6.21 -8.13 -8.09
N TYR A 93 6.75 -7.01 -8.54
CA TYR A 93 6.42 -6.49 -9.88
C TYR A 93 7.28 -7.16 -10.94
N MET A 94 7.35 -6.54 -12.11
CA MET A 94 8.15 -7.09 -13.20
C MET A 94 8.64 -5.97 -14.12
N GLY A 95 7.70 -5.22 -14.69
CA GLY A 95 8.04 -4.13 -15.59
C GLY A 95 6.87 -3.76 -16.49
N GLN A 96 5.68 -3.71 -15.90
CA GLN A 96 4.48 -3.36 -16.67
C GLN A 96 3.30 -3.15 -15.72
N GLY A 97 2.31 -2.40 -16.20
CA GLY A 97 1.12 -2.14 -15.40
C GLY A 97 1.31 -0.89 -14.53
N GLU A 98 2.33 -0.10 -14.86
CA GLU A 98 2.62 1.12 -14.11
C GLU A 98 2.44 0.87 -12.62
N GLN A 99 2.60 -0.38 -12.20
CA GLN A 99 2.46 -0.72 -10.79
C GLN A 99 3.53 -0.05 -9.96
N VAL A 100 4.78 -0.17 -10.40
CA VAL A 100 5.90 0.44 -9.69
C VAL A 100 5.79 1.97 -9.71
N ASP A 101 5.24 2.50 -10.79
CA ASP A 101 5.09 3.94 -10.93
C ASP A 101 4.28 4.51 -9.76
N ASP A 102 3.12 3.92 -9.51
CA ASP A 102 2.26 4.37 -8.42
C ASP A 102 2.96 4.18 -7.07
N VAL A 103 3.81 3.15 -6.99
CA VAL A 103 4.53 2.87 -5.76
C VAL A 103 5.57 3.94 -5.48
N LEU A 104 6.64 3.95 -6.27
CA LEU A 104 7.70 4.94 -6.09
C LEU A 104 7.10 6.34 -5.93
N GLU A 105 5.88 6.52 -6.42
CA GLU A 105 5.22 7.81 -6.31
C GLU A 105 4.83 8.10 -4.87
N THR A 106 4.32 7.07 -4.18
CA THR A 106 3.91 7.23 -2.79
C THR A 106 5.13 7.26 -1.87
N ILE A 107 5.97 6.23 -1.98
CA ILE A 107 7.18 6.16 -1.15
C ILE A 107 7.88 7.50 -1.10
N SER A 108 7.84 8.23 -2.21
CA SER A 108 8.48 9.54 -2.29
C SER A 108 7.52 10.63 -1.86
N ALA A 109 6.23 10.31 -1.84
CA ALA A 109 5.21 11.28 -1.46
C ALA A 109 5.32 11.61 0.02
N ILE A 110 5.17 10.60 0.87
CA ILE A 110 5.26 10.79 2.32
C ILE A 110 6.69 11.06 2.73
N GLU A 111 7.36 11.94 2.01
CA GLU A 111 8.76 12.28 2.32
C GLU A 111 9.57 11.01 2.54
N HIS A 112 9.97 10.79 3.78
CA HIS A 112 10.76 9.60 4.12
C HIS A 112 11.98 9.50 3.20
N PRO A 113 12.96 10.32 3.43
CA PRO A 113 14.21 10.34 2.62
C PRO A 113 15.13 9.17 2.98
N MET A 114 14.70 8.35 3.92
CA MET A 114 15.50 7.20 4.35
C MET A 114 15.48 6.12 3.27
N THR A 115 14.30 5.86 2.72
CA THR A 115 14.16 4.84 1.68
C THR A 115 14.59 5.39 0.33
N SER A 116 15.25 6.55 0.35
CA SER A 116 15.71 7.18 -0.88
C SER A 116 16.55 6.20 -1.70
N ALA A 117 17.40 5.46 -1.02
CA ALA A 117 18.27 4.49 -1.69
C ALA A 117 17.44 3.47 -2.46
N ILE A 118 16.48 2.86 -1.77
CA ILE A 118 15.62 1.87 -2.42
C ILE A 118 14.94 2.46 -3.64
N GLU A 119 14.65 3.76 -3.58
CA GLU A 119 14.00 4.44 -4.70
C GLU A 119 14.92 4.47 -5.91
N VAL A 120 16.22 4.45 -5.67
CA VAL A 120 17.20 4.49 -6.75
C VAL A 120 17.29 3.13 -7.43
N LEU A 121 17.55 2.09 -6.64
CA LEU A 121 17.66 0.73 -7.17
C LEU A 121 16.48 0.42 -8.08
N VAL A 122 15.30 0.28 -7.48
CA VAL A 122 14.09 -0.02 -8.24
C VAL A 122 13.92 0.97 -9.38
N GLY A 123 14.33 2.22 -9.15
CA GLY A 123 14.23 3.25 -10.17
C GLY A 123 14.94 2.83 -11.47
N SER A 124 16.12 2.25 -11.31
CA SER A 124 16.89 1.80 -12.47
C SER A 124 16.20 0.63 -13.15
N CYS A 125 16.13 -0.51 -12.45
CA CYS A 125 15.49 -1.69 -13.01
C CYS A 125 13.98 -1.62 -12.83
N ALA A 126 13.26 -1.66 -13.94
CA ALA A 126 11.80 -1.60 -13.91
C ALA A 126 11.21 -2.12 -15.21
N TYR A 127 11.03 -1.22 -16.17
CA TYR A 127 10.47 -1.59 -17.47
C TYR A 127 11.49 -2.38 -18.28
N THR A 128 12.25 -3.23 -17.60
CA THR A 128 13.25 -4.05 -18.28
C THR A 128 12.61 -5.27 -18.93
N GLY A 129 11.68 -5.02 -19.84
CA GLY A 129 11.00 -6.10 -20.54
C GLY A 129 11.95 -6.83 -21.48
N THR A 130 11.79 -8.14 -21.59
CA THR A 130 12.64 -8.94 -22.46
C THR A 130 12.17 -8.83 -23.92
N GLY A 131 11.10 -8.06 -24.12
CA GLY A 131 10.57 -7.87 -25.47
C GLY A 131 9.20 -7.20 -25.42
N MET B 1 -18.87 23.03 -7.43
CA MET B 1 -19.50 22.02 -8.33
C MET B 1 -18.42 21.34 -9.17
N VAL B 2 -17.22 21.24 -8.60
CA VAL B 2 -16.12 20.62 -9.30
C VAL B 2 -16.21 19.10 -9.23
N SER B 3 -15.33 18.43 -9.96
CA SER B 3 -15.31 16.97 -9.98
C SER B 3 -13.88 16.48 -10.18
N LEU B 4 -13.25 16.06 -9.09
CA LEU B 4 -11.88 15.59 -9.15
C LEU B 4 -11.83 14.08 -9.35
N THR B 5 -10.62 13.52 -9.32
CA THR B 5 -10.44 12.09 -9.51
C THR B 5 -9.47 11.51 -8.47
N PHE B 6 -10.00 10.73 -7.54
CA PHE B 6 -9.17 10.11 -6.53
C PHE B 6 -8.75 8.71 -6.97
N LYS B 7 -7.45 8.53 -7.20
CA LYS B 7 -6.93 7.23 -7.64
C LYS B 7 -6.15 6.55 -6.53
N ASN B 8 -6.13 5.21 -6.57
CA ASN B 8 -5.42 4.43 -5.56
C ASN B 8 -4.11 3.88 -6.12
N PHE B 9 -3.93 2.57 -6.01
CA PHE B 9 -2.71 1.93 -6.50
C PHE B 9 -3.00 1.11 -7.77
N LYS B 10 -4.28 1.00 -8.11
CA LYS B 10 -4.68 0.26 -9.29
C LYS B 10 -5.02 1.22 -10.43
N LYS B 11 -4.61 2.47 -10.24
CA LYS B 11 -4.87 3.50 -11.24
C LYS B 11 -6.35 3.86 -11.27
N GLU B 12 -7.20 2.92 -10.85
CA GLU B 12 -8.64 3.17 -10.85
C GLU B 12 -8.93 4.57 -10.33
N LYS B 13 -9.82 5.26 -11.03
CA LYS B 13 -10.18 6.62 -10.64
C LYS B 13 -11.51 6.62 -9.89
N VAL B 14 -11.56 7.38 -8.81
CA VAL B 14 -12.77 7.49 -8.01
C VAL B 14 -13.29 8.91 -8.03
N PRO B 15 -13.91 9.31 -9.12
CA PRO B 15 -14.45 10.67 -9.29
C PRO B 15 -15.25 11.13 -8.07
N LEU B 16 -15.13 12.42 -7.75
CA LEU B 16 -15.83 12.98 -6.61
C LEU B 16 -16.11 14.46 -6.83
N ASP B 17 -17.31 14.89 -6.43
CA ASP B 17 -17.69 16.29 -6.57
C ASP B 17 -17.54 17.00 -5.24
N LEU B 18 -16.93 18.17 -5.26
CA LEU B 18 -16.72 18.93 -4.03
C LEU B 18 -16.89 20.42 -4.28
N GLU B 19 -16.50 21.22 -3.29
CA GLU B 19 -16.59 22.67 -3.40
C GLU B 19 -15.32 23.32 -2.87
N PRO B 20 -15.01 24.49 -3.36
CA PRO B 20 -13.79 25.23 -2.93
C PRO B 20 -13.66 25.25 -1.42
N SER B 21 -14.81 25.21 -0.75
CA SER B 21 -14.83 25.21 0.71
C SER B 21 -14.81 23.80 1.27
N ASN B 22 -15.54 22.89 0.62
CA ASN B 22 -15.56 21.52 1.11
C ASN B 22 -14.18 21.15 1.63
N THR B 23 -14.14 20.53 2.79
CA THR B 23 -12.86 20.16 3.39
C THR B 23 -12.59 18.68 3.19
N ILE B 24 -11.32 18.31 3.30
CA ILE B 24 -10.90 16.93 3.12
C ILE B 24 -11.70 16.03 4.04
N LEU B 25 -12.22 16.58 5.13
CA LEU B 25 -13.01 15.80 6.06
C LEU B 25 -14.20 15.20 5.32
N GLU B 26 -14.86 16.02 4.53
CA GLU B 26 -16.02 15.58 3.76
C GLU B 26 -15.59 14.68 2.61
N THR B 27 -14.57 15.09 1.87
CA THR B 27 -14.10 14.28 0.75
C THR B 27 -13.65 12.92 1.28
N LYS B 28 -13.13 12.93 2.49
CA LYS B 28 -12.68 11.71 3.15
C LYS B 28 -13.89 10.86 3.53
N THR B 29 -14.95 11.51 3.99
CA THR B 29 -16.16 10.80 4.39
C THR B 29 -16.78 10.11 3.18
N LYS B 30 -16.78 10.80 2.04
CA LYS B 30 -17.35 10.23 0.83
C LYS B 30 -16.40 9.21 0.23
N LEU B 31 -15.21 9.63 -0.14
CA LEU B 31 -14.23 8.73 -0.72
C LEU B 31 -14.19 7.42 0.06
N ALA B 32 -14.68 7.45 1.29
CA ALA B 32 -14.71 6.25 2.13
C ALA B 32 -16.04 5.53 1.96
N GLN B 33 -17.10 6.29 1.78
CA GLN B 33 -18.44 5.72 1.61
C GLN B 33 -18.66 5.32 0.16
N SER B 34 -17.64 5.52 -0.66
CA SER B 34 -17.72 5.17 -2.08
C SER B 34 -17.05 3.82 -2.30
N ILE B 35 -15.89 3.64 -1.67
CA ILE B 35 -15.15 2.39 -1.79
C ILE B 35 -15.53 1.46 -0.66
N SER B 36 -16.12 2.03 0.40
CA SER B 36 -16.54 1.24 1.55
C SER B 36 -15.39 1.06 2.54
N CYS B 37 -14.49 2.04 2.58
CA CYS B 37 -13.36 1.98 3.51
C CYS B 37 -13.35 3.20 4.41
N GLU B 38 -13.10 2.96 5.70
CA GLU B 38 -13.07 4.04 6.67
C GLU B 38 -12.07 5.11 6.26
N GLU B 39 -12.41 6.36 6.55
CA GLU B 39 -11.54 7.48 6.22
C GLU B 39 -10.52 7.70 7.33
N SER B 40 -10.54 6.82 8.31
CA SER B 40 -9.62 6.93 9.45
C SER B 40 -8.25 6.37 9.08
N GLN B 41 -8.15 5.70 7.94
CA GLN B 41 -6.89 5.14 7.49
C GLN B 41 -6.51 5.74 6.15
N ILE B 42 -7.53 6.13 5.40
CA ILE B 42 -7.33 6.73 4.09
C ILE B 42 -6.32 7.88 4.16
N LYS B 43 -5.29 7.79 3.32
CA LYS B 43 -4.29 8.84 3.26
C LYS B 43 -4.49 9.66 1.99
N LEU B 44 -5.32 10.68 2.10
CA LEU B 44 -5.62 11.54 0.97
C LEU B 44 -4.41 12.36 0.54
N ILE B 45 -3.83 12.00 -0.60
CA ILE B 45 -2.66 12.70 -1.10
C ILE B 45 -3.03 13.63 -2.27
N TYR B 46 -2.08 14.46 -2.66
CA TYR B 46 -2.28 15.39 -3.76
C TYR B 46 -0.97 15.55 -4.52
N SER B 47 -0.84 14.84 -5.63
CA SER B 47 0.37 14.91 -6.43
C SER B 47 1.57 14.44 -5.61
N GLY B 48 1.34 13.43 -4.79
CA GLY B 48 2.40 12.89 -3.94
C GLY B 48 2.59 13.74 -2.69
N LYS B 49 1.51 14.39 -2.25
CA LYS B 49 1.57 15.24 -1.06
C LYS B 49 0.40 14.97 -0.12
N VAL B 50 0.52 13.91 0.68
CA VAL B 50 -0.53 13.56 1.63
C VAL B 50 -1.23 14.80 2.17
N LEU B 51 -2.39 15.13 1.58
CA LEU B 51 -3.16 16.29 2.01
C LEU B 51 -3.42 16.23 3.51
N GLN B 52 -4.36 17.06 3.97
CA GLN B 52 -4.70 17.09 5.39
C GLN B 52 -6.21 16.96 5.58
N ASP B 53 -6.65 16.94 6.84
CA ASP B 53 -8.07 16.82 7.13
C ASP B 53 -8.67 18.19 7.46
N SER B 54 -7.82 19.14 7.80
CA SER B 54 -8.28 20.49 8.14
C SER B 54 -8.11 21.44 6.96
N LYS B 55 -7.96 20.89 5.76
CA LYS B 55 -7.79 21.72 4.57
C LYS B 55 -8.79 21.33 3.50
N THR B 56 -9.33 22.34 2.81
CA THR B 56 -10.32 22.09 1.76
C THR B 56 -9.63 22.08 0.40
N VAL B 57 -10.42 21.94 -0.66
CA VAL B 57 -9.88 21.92 -2.01
C VAL B 57 -9.08 23.19 -2.28
N SER B 58 -9.63 24.32 -1.87
CA SER B 58 -8.96 25.60 -2.07
C SER B 58 -7.65 25.62 -1.29
N GLU B 59 -7.68 25.07 -0.09
CA GLU B 59 -6.49 25.03 0.76
C GLU B 59 -5.53 23.95 0.26
N CYS B 60 -6.09 22.88 -0.30
CA CYS B 60 -5.28 21.78 -0.80
C CYS B 60 -4.50 22.24 -2.03
N GLY B 61 -5.08 23.18 -2.76
CA GLY B 61 -4.44 23.71 -3.96
C GLY B 61 -5.08 23.11 -5.22
N LEU B 62 -6.09 22.28 -5.04
CA LEU B 62 -6.77 21.66 -6.17
C LEU B 62 -7.52 22.70 -6.98
N LYS B 63 -8.12 22.25 -8.07
CA LYS B 63 -8.88 23.15 -8.94
C LYS B 63 -10.20 22.51 -9.35
N ASP B 64 -10.77 23.00 -10.44
CA ASP B 64 -12.04 22.46 -10.92
C ASP B 64 -11.82 21.32 -11.90
N GLY B 65 -12.27 20.14 -11.53
CA GLY B 65 -12.13 18.96 -12.40
C GLY B 65 -10.67 18.54 -12.55
N ASP B 66 -10.03 18.21 -11.44
CA ASP B 66 -8.63 17.78 -11.48
C ASP B 66 -8.52 16.32 -11.03
N GLN B 67 -7.36 15.97 -10.48
CA GLN B 67 -7.13 14.61 -10.01
C GLN B 67 -6.34 14.64 -8.71
N VAL B 68 -6.73 13.78 -7.76
CA VAL B 68 -6.06 13.72 -6.48
C VAL B 68 -5.53 12.31 -6.22
N VAL B 69 -4.39 12.22 -5.55
CA VAL B 69 -3.80 10.92 -5.23
C VAL B 69 -4.20 10.52 -3.82
N PHE B 70 -4.56 9.26 -3.64
CA PHE B 70 -4.97 8.78 -2.33
C PHE B 70 -4.66 7.30 -2.17
N MET B 71 -4.77 6.81 -0.93
CA MET B 71 -4.50 5.41 -0.65
C MET B 71 -5.26 4.98 0.62
N VAL B 72 -5.50 3.68 0.76
CA VAL B 72 -6.21 3.17 1.93
C VAL B 72 -5.28 2.33 2.79
N SER B 73 -5.45 2.43 4.11
CA SER B 73 -4.61 1.67 5.03
C SER B 73 -5.37 0.46 5.58
N GLN B 74 -4.92 -0.05 6.71
CA GLN B 74 -5.57 -1.20 7.33
C GLN B 74 -5.88 -0.94 8.80
N LYS B 75 -5.19 0.05 9.38
CA LYS B 75 -5.39 0.39 10.77
C LYS B 75 -6.86 0.20 11.16
N LYS B 76 -7.17 -0.98 11.69
CA LYS B 76 -8.54 -1.28 12.10
C LYS B 76 -9.03 -0.27 13.13
N SER B 77 -10.34 -0.23 13.33
CA SER B 77 -10.92 0.70 14.29
C SER B 77 -12.32 0.25 14.69
N THR B 78 -12.39 -0.72 15.58
CA THR B 78 -13.69 -1.24 16.04
C THR B 78 -14.43 -0.18 16.85
N ASP A 1 13.90 -18.83 16.41
CA ASP A 1 13.31 -19.55 15.24
C ASP A 1 12.19 -20.46 15.73
N THR A 2 12.16 -20.71 17.03
CA THR A 2 11.12 -21.56 17.60
C THR A 2 10.99 -22.86 16.81
N LYS A 3 9.75 -23.22 16.48
CA LYS A 3 9.51 -24.44 15.72
C LYS A 3 8.12 -24.39 15.07
N ILE A 4 7.10 -24.21 15.91
CA ILE A 4 5.72 -24.15 15.40
C ILE A 4 5.64 -23.23 14.19
N SER A 5 6.43 -22.17 14.21
CA SER A 5 6.44 -21.21 13.10
C SER A 5 6.70 -21.93 11.78
N SER A 6 7.92 -22.45 11.63
CA SER A 6 8.29 -23.16 10.41
C SER A 6 7.22 -24.18 10.03
N ALA A 7 6.72 -24.91 11.03
CA ALA A 7 5.70 -25.91 10.79
C ALA A 7 4.43 -25.26 10.24
N ALA A 8 4.15 -24.04 10.69
CA ALA A 8 2.96 -23.34 10.23
C ALA A 8 3.11 -22.92 8.77
N ILE A 9 3.99 -21.95 8.53
CA ILE A 9 4.21 -21.47 7.17
C ILE A 9 4.40 -22.64 6.21
N LEU A 10 4.94 -23.73 6.73
CA LEU A 10 5.18 -24.92 5.91
C LEU A 10 3.85 -25.48 5.40
N GLY A 11 3.10 -26.11 6.30
CA GLY A 11 1.81 -26.69 5.93
C GLY A 11 1.01 -25.72 5.07
N LEU A 12 0.77 -24.52 5.59
CA LEU A 12 0.02 -23.51 4.85
C LEU A 12 0.74 -23.13 3.56
N GLY A 13 2.03 -23.45 3.50
CA GLY A 13 2.82 -23.14 2.32
C GLY A 13 2.30 -23.89 1.09
N ILE A 14 2.11 -25.20 1.24
CA ILE A 14 1.62 -26.02 0.14
C ILE A 14 0.11 -25.87 0.01
N ALA A 15 -0.52 -25.27 1.01
CA ALA A 15 -1.97 -25.07 0.99
C ALA A 15 -2.36 -24.07 -0.09
N PHE A 16 -1.77 -22.88 -0.03
CA PHE A 16 -2.06 -21.84 -1.01
C PHE A 16 -2.11 -22.43 -2.41
N ALA A 17 -0.97 -22.89 -2.90
CA ALA A 17 -0.90 -23.47 -4.24
C ALA A 17 -1.96 -24.57 -4.40
N GLY A 18 -2.60 -24.93 -3.29
CA GLY A 18 -3.62 -25.96 -3.32
C GLY A 18 -4.97 -25.38 -3.73
N SER A 19 -5.00 -24.08 -3.99
CA SER A 19 -6.23 -23.42 -4.39
C SER A 19 -5.92 -22.09 -5.09
N LYS A 20 -5.24 -21.20 -4.38
CA LYS A 20 -4.89 -19.90 -4.94
C LYS A 20 -6.15 -19.12 -5.30
N ASN A 21 -6.76 -18.49 -4.29
CA ASN A 21 -7.97 -17.72 -4.52
C ASN A 21 -7.89 -16.39 -3.78
N ASP A 22 -8.95 -15.59 -3.89
CA ASP A 22 -8.99 -14.29 -3.22
C ASP A 22 -9.18 -14.46 -1.72
N GLU A 23 -9.14 -15.71 -1.26
CA GLU A 23 -9.30 -16.00 0.16
C GLU A 23 -7.95 -15.98 0.86
N VAL A 24 -6.98 -16.68 0.28
CA VAL A 24 -5.65 -16.74 0.86
C VAL A 24 -5.20 -15.35 1.30
N LEU A 25 -5.58 -14.33 0.53
CA LEU A 25 -5.21 -12.97 0.84
C LEU A 25 -6.21 -12.36 1.82
N GLY A 26 -7.49 -12.66 1.62
CA GLY A 26 -8.55 -12.14 2.48
C GLY A 26 -8.42 -12.72 3.89
N LEU A 27 -7.36 -13.48 4.13
CA LEU A 27 -7.14 -14.09 5.43
C LEU A 27 -5.82 -13.63 6.03
N LEU A 28 -4.76 -13.66 5.22
CA LEU A 28 -3.44 -13.23 5.69
C LEU A 28 -3.43 -11.73 5.97
N LEU A 29 -3.65 -10.93 4.93
CA LEU A 29 -3.66 -9.48 5.09
C LEU A 29 -4.35 -9.08 6.40
N PRO A 30 -5.62 -9.35 6.52
CA PRO A 30 -6.40 -9.02 7.74
C PRO A 30 -5.66 -9.40 9.02
N ILE A 31 -5.04 -10.57 9.01
CA ILE A 31 -4.30 -11.04 10.17
C ILE A 31 -2.96 -10.30 10.29
N ALA A 32 -2.07 -10.57 9.35
CA ALA A 32 -0.75 -9.93 9.36
C ALA A 32 -0.89 -8.42 9.61
N ALA A 33 -1.62 -7.75 8.73
CA ALA A 33 -1.82 -6.31 8.88
C ALA A 33 -2.82 -6.01 9.99
N SER A 34 -2.40 -6.21 11.23
CA SER A 34 -3.26 -5.96 12.38
C SER A 34 -2.91 -4.65 13.04
N THR A 35 -1.84 -4.65 13.83
CA THR A 35 -1.40 -3.44 14.52
C THR A 35 0.11 -3.49 14.76
N ASP A 36 0.57 -4.51 15.47
CA ASP A 36 1.99 -4.65 15.76
C ASP A 36 2.32 -6.10 16.10
N LEU A 37 2.10 -6.99 15.14
CA LEU A 37 2.38 -8.41 15.34
C LEU A 37 3.88 -8.69 15.19
N PRO A 38 4.37 -9.69 15.86
CA PRO A 38 5.81 -10.07 15.80
C PRO A 38 6.35 -10.06 14.38
N ILE A 39 7.42 -9.32 14.16
CA ILE A 39 8.03 -9.24 12.83
C ILE A 39 8.39 -10.63 12.32
N GLU A 40 8.62 -11.55 13.25
CA GLU A 40 8.98 -12.92 12.87
C GLU A 40 7.88 -13.54 12.01
N THR A 41 6.86 -14.09 12.66
CA THR A 41 5.76 -14.72 11.93
C THR A 41 5.29 -13.81 10.79
N ALA A 42 5.18 -12.52 11.08
CA ALA A 42 4.74 -11.56 10.07
C ALA A 42 5.63 -11.63 8.83
N ALA A 43 6.88 -11.19 8.99
CA ALA A 43 7.82 -11.22 7.88
C ALA A 43 7.77 -12.55 7.15
N MET A 44 7.76 -13.64 7.91
CA MET A 44 7.71 -14.97 7.33
C MET A 44 6.39 -15.18 6.58
N ALA A 45 5.33 -14.60 7.12
CA ALA A 45 4.01 -14.73 6.50
C ALA A 45 4.00 -14.04 5.14
N SER A 46 4.41 -12.78 5.11
CA SER A 46 4.44 -12.03 3.87
C SER A 46 5.35 -12.70 2.85
N LEU A 47 6.28 -13.51 3.33
CA LEU A 47 7.21 -14.21 2.45
C LEU A 47 6.46 -15.30 1.65
N ALA A 48 6.01 -16.32 2.36
CA ALA A 48 5.28 -17.41 1.70
C ALA A 48 4.19 -16.87 0.80
N LEU A 49 3.68 -15.69 1.14
CA LEU A 49 2.62 -15.07 0.35
C LEU A 49 3.15 -14.70 -1.04
N ALA A 50 4.16 -13.84 -1.07
CA ALA A 50 4.75 -13.41 -2.34
C ALA A 50 5.22 -14.62 -3.14
N HIS A 51 5.91 -15.53 -2.47
CA HIS A 51 6.41 -16.73 -3.13
C HIS A 51 5.34 -17.36 -4.01
N VAL A 52 4.12 -17.44 -3.47
CA VAL A 52 3.02 -18.02 -4.21
C VAL A 52 2.58 -17.10 -5.34
N PHE A 53 2.13 -15.90 -4.98
CA PHE A 53 1.68 -14.94 -5.97
C PHE A 53 2.87 -14.30 -6.68
N VAL A 54 3.98 -15.03 -6.72
CA VAL A 54 5.19 -14.53 -7.37
C VAL A 54 4.92 -14.22 -8.83
N GLY A 55 4.18 -15.10 -9.49
CA GLY A 55 3.86 -14.91 -10.91
C GLY A 55 2.95 -13.71 -11.09
N THR A 56 1.67 -13.88 -10.78
CA THR A 56 0.70 -12.80 -10.92
C THR A 56 1.08 -11.62 -10.02
N CYS A 57 0.17 -10.67 -9.88
CA CYS A 57 0.42 -9.50 -9.05
C CYS A 57 -0.89 -8.78 -8.73
N ASN A 58 -0.90 -8.03 -7.63
CA ASN A 58 -2.09 -7.29 -7.23
C ASN A 58 -1.71 -6.08 -6.39
N GLY A 59 -2.61 -5.11 -6.31
CA GLY A 59 -2.35 -3.90 -5.53
C GLY A 59 -2.59 -4.16 -4.04
N ASP A 60 -3.77 -4.69 -3.72
CA ASP A 60 -4.10 -4.97 -2.33
C ASP A 60 -2.90 -5.57 -1.59
N ILE A 61 -2.09 -6.32 -2.32
CA ILE A 61 -0.91 -6.94 -1.72
C ILE A 61 0.14 -5.88 -1.40
N THR A 62 0.24 -4.87 -2.26
CA THR A 62 1.22 -3.80 -2.06
C THR A 62 0.69 -2.79 -1.04
N THR A 63 -0.63 -2.72 -0.92
CA THR A 63 -1.25 -1.79 0.02
C THR A 63 -0.91 -2.17 1.45
N SER A 64 -1.16 -3.43 1.80
CA SER A 64 -0.88 -3.92 3.15
C SER A 64 0.62 -3.91 3.41
N ILE A 65 1.39 -4.29 2.39
CA ILE A 65 2.85 -4.32 2.51
C ILE A 65 3.40 -2.90 2.68
N MET A 66 2.77 -1.95 2.00
CA MET A 66 3.21 -0.57 2.07
C MET A 66 3.02 -0.03 3.49
N ASP A 67 1.77 0.01 3.94
CA ASP A 67 1.47 0.50 5.28
C ASP A 67 2.47 -0.06 6.29
N ASN A 68 2.86 -1.30 6.09
CA ASN A 68 3.82 -1.95 6.99
C ASN A 68 5.16 -1.21 6.97
N PHE A 69 5.65 -0.94 5.77
CA PHE A 69 6.92 -0.24 5.62
C PHE A 69 6.90 1.08 6.39
N LEU A 70 5.90 1.90 6.12
CA LEU A 70 5.78 3.19 6.80
C LEU A 70 5.89 3.01 8.31
N GLU A 71 5.31 1.92 8.81
CA GLU A 71 5.35 1.63 10.24
C GLU A 71 6.75 1.19 10.66
N ARG A 72 7.58 0.85 9.69
CA ARG A 72 8.93 0.42 9.97
C ARG A 72 8.94 -0.88 10.77
N THR A 73 10.10 -1.52 10.85
CA THR A 73 10.22 -2.77 11.59
C THR A 73 11.65 -2.94 12.11
N ALA A 74 12.15 -4.17 12.04
CA ALA A 74 13.51 -4.45 12.51
C ALA A 74 13.83 -3.56 13.70
N ILE A 75 12.80 -3.15 14.41
CA ILE A 75 12.96 -2.28 15.57
C ILE A 75 12.92 -3.09 16.86
N GLU A 76 12.41 -4.31 16.77
CA GLU A 76 12.32 -5.18 17.93
C GLU A 76 13.69 -5.75 18.28
N LEU A 77 14.29 -6.47 17.33
CA LEU A 77 15.59 -7.07 17.54
C LEU A 77 16.68 -6.24 16.86
N LYS A 78 17.69 -6.92 16.32
CA LYS A 78 18.78 -6.24 15.64
C LYS A 78 18.40 -5.90 14.20
N THR A 79 19.39 -5.55 13.40
CA THR A 79 19.14 -5.21 12.00
C THR A 79 18.81 -6.46 11.19
N ASP A 80 19.43 -6.58 10.02
CA ASP A 80 19.20 -7.74 9.17
C ASP A 80 17.70 -7.93 8.91
N TRP A 81 17.23 -7.43 7.78
CA TRP A 81 15.82 -7.55 7.43
C TRP A 81 15.58 -7.06 6.01
N VAL A 82 16.18 -5.93 5.66
CA VAL A 82 16.02 -5.36 4.33
C VAL A 82 16.26 -6.43 3.26
N ARG A 83 16.85 -7.55 3.68
CA ARG A 83 17.13 -8.63 2.75
C ARG A 83 15.84 -9.27 2.26
N PHE A 84 15.11 -9.90 3.17
CA PHE A 84 13.85 -10.55 2.82
C PHE A 84 12.90 -9.55 2.16
N LEU A 85 12.78 -8.38 2.77
CA LEU A 85 11.90 -7.35 2.23
C LEU A 85 12.24 -7.06 0.78
N ALA A 86 13.42 -6.49 0.55
CA ALA A 86 13.87 -6.16 -0.80
C ALA A 86 13.49 -7.28 -1.77
N LEU A 87 13.86 -8.51 -1.42
CA LEU A 87 13.56 -9.65 -2.27
C LEU A 87 12.06 -9.77 -2.51
N ALA A 88 11.27 -9.31 -1.55
CA ALA A 88 9.82 -9.36 -1.67
C ALA A 88 9.31 -8.21 -2.53
N LEU A 89 9.23 -7.03 -1.94
CA LEU A 89 8.75 -5.85 -2.67
C LEU A 89 9.41 -5.78 -4.04
N GLY A 90 10.60 -6.36 -4.16
CA GLY A 90 11.32 -6.35 -5.43
C GLY A 90 10.74 -7.38 -6.39
N ILE A 91 11.16 -8.63 -6.23
CA ILE A 91 10.68 -9.71 -7.09
C ILE A 91 9.17 -9.63 -7.24
N LEU A 92 8.51 -8.95 -6.31
CA LEU A 92 7.06 -8.81 -6.35
C LEU A 92 6.60 -8.44 -7.76
N TYR A 93 7.04 -7.27 -8.23
CA TYR A 93 6.66 -6.81 -9.57
C TYR A 93 7.32 -7.68 -10.63
N MET A 94 8.13 -7.07 -11.48
CA MET A 94 8.81 -7.80 -12.54
C MET A 94 7.79 -8.37 -13.53
N GLY A 95 7.08 -7.47 -14.20
CA GLY A 95 6.07 -7.90 -15.18
C GLY A 95 5.52 -6.70 -15.94
N GLN A 96 4.80 -5.84 -15.23
CA GLN A 96 4.21 -4.65 -15.85
C GLN A 96 5.26 -3.54 -15.98
N GLY A 97 4.88 -2.34 -15.55
CA GLY A 97 5.80 -1.20 -15.63
C GLY A 97 5.21 0.01 -14.92
N GLU A 98 3.90 0.18 -15.02
CA GLU A 98 3.22 1.29 -14.39
C GLU A 98 3.18 1.12 -12.88
N GLN A 99 2.93 -0.11 -12.44
CA GLN A 99 2.87 -0.41 -11.02
C GLN A 99 3.97 0.33 -10.26
N VAL A 100 5.08 0.59 -10.95
CA VAL A 100 6.20 1.29 -10.34
C VAL A 100 5.88 2.78 -10.20
N ASP A 101 5.19 3.32 -11.19
CA ASP A 101 4.82 4.74 -11.16
C ASP A 101 4.00 5.05 -9.92
N ASP A 102 3.16 4.11 -9.52
CA ASP A 102 2.32 4.29 -8.35
C ASP A 102 3.15 4.20 -7.07
N VAL A 103 4.07 3.25 -7.04
CA VAL A 103 4.93 3.06 -5.87
C VAL A 103 5.74 4.31 -5.59
N LEU A 104 6.76 4.56 -6.41
CA LEU A 104 7.60 5.73 -6.24
C LEU A 104 6.77 6.95 -5.88
N GLU A 105 5.68 7.16 -6.61
CA GLU A 105 4.80 8.29 -6.35
C GLU A 105 4.40 8.34 -4.88
N THR A 106 3.87 7.24 -4.37
CA THR A 106 3.46 7.16 -2.98
C THR A 106 4.65 7.37 -2.05
N ILE A 107 5.79 6.81 -2.43
CA ILE A 107 7.01 6.94 -1.62
C ILE A 107 7.53 8.36 -1.66
N SER A 108 8.10 8.75 -2.81
CA SER A 108 8.65 10.09 -2.97
C SER A 108 7.66 11.13 -2.46
N ALA A 109 6.42 10.71 -2.23
CA ALA A 109 5.39 11.62 -1.74
C ALA A 109 5.45 11.73 -0.22
N ILE A 110 4.73 10.84 0.46
CA ILE A 110 4.71 10.84 1.92
C ILE A 110 6.10 11.13 2.48
N GLU A 111 6.32 12.37 2.91
CA GLU A 111 7.60 12.76 3.47
C GLU A 111 8.09 11.71 4.46
N HIS A 112 9.20 11.06 4.12
CA HIS A 112 9.77 10.04 5.00
C HIS A 112 11.13 9.58 4.47
N PRO A 113 11.97 10.52 4.11
CA PRO A 113 13.33 10.21 3.58
C PRO A 113 14.04 9.15 4.40
N MET A 114 13.95 7.90 3.94
CA MET A 114 14.59 6.79 4.64
C MET A 114 14.88 5.65 3.68
N THR A 115 14.01 5.49 2.68
CA THR A 115 14.18 4.42 1.70
C THR A 115 14.82 4.97 0.42
N SER A 116 15.39 6.16 0.51
CA SER A 116 16.02 6.78 -0.64
C SER A 116 16.88 5.77 -1.40
N ALA A 117 17.54 4.89 -0.65
CA ALA A 117 18.39 3.88 -1.26
C ALA A 117 17.59 3.01 -2.23
N ILE A 118 16.56 2.36 -1.71
CA ILE A 118 15.71 1.50 -2.54
C ILE A 118 14.97 2.33 -3.57
N GLU A 119 14.70 3.59 -3.24
CA GLU A 119 13.99 4.47 -4.15
C GLU A 119 14.71 4.54 -5.50
N VAL A 120 15.99 4.91 -5.46
CA VAL A 120 16.78 5.00 -6.69
C VAL A 120 16.85 3.65 -7.39
N LEU A 121 17.18 2.61 -6.62
CA LEU A 121 17.29 1.27 -7.19
C LEU A 121 16.08 0.96 -8.06
N VAL A 122 14.92 0.86 -7.44
CA VAL A 122 13.68 0.57 -8.18
C VAL A 122 13.48 1.58 -9.30
N GLY A 123 14.02 2.78 -9.11
CA GLY A 123 13.89 3.83 -10.11
C GLY A 123 14.53 3.41 -11.43
N SER A 124 15.85 3.25 -11.41
CA SER A 124 16.58 2.83 -12.61
C SER A 124 15.88 1.65 -13.29
N CYS A 125 15.38 0.74 -12.48
CA CYS A 125 14.69 -0.44 -13.01
C CYS A 125 13.27 -0.09 -13.40
N ALA A 126 12.99 -0.16 -14.70
CA ALA A 126 11.65 0.16 -15.20
C ALA A 126 11.46 -0.42 -16.60
N TYR A 127 10.27 -0.20 -17.16
CA TYR A 127 9.98 -0.70 -18.50
C TYR A 127 10.62 0.18 -19.56
N THR A 128 11.49 -0.41 -20.37
CA THR A 128 12.16 0.34 -21.43
C THR A 128 11.19 0.71 -22.53
N GLY A 129 11.36 1.92 -23.08
CA GLY A 129 10.48 2.38 -24.15
C GLY A 129 10.78 1.66 -25.46
N THR A 130 11.34 2.39 -26.43
CA THR A 130 11.67 1.80 -27.72
C THR A 130 12.96 0.99 -27.63
N GLY A 131 13.05 -0.07 -28.43
CA GLY A 131 14.23 -0.92 -28.43
C GLY A 131 15.49 -0.09 -28.65
N MET B 1 -19.67 23.63 -8.80
CA MET B 1 -19.64 22.16 -8.55
C MET B 1 -18.42 21.56 -9.24
N VAL B 2 -17.36 21.31 -8.48
CA VAL B 2 -16.14 20.75 -9.03
C VAL B 2 -16.09 19.24 -8.79
N SER B 3 -15.77 18.50 -9.84
CA SER B 3 -15.69 17.04 -9.73
C SER B 3 -14.27 16.58 -10.03
N LEU B 4 -13.66 15.90 -9.06
CA LEU B 4 -12.30 15.42 -9.24
C LEU B 4 -12.26 13.91 -9.38
N THR B 5 -11.05 13.35 -9.38
CA THR B 5 -10.88 11.91 -9.52
C THR B 5 -9.90 11.37 -8.49
N PHE B 6 -10.42 10.64 -7.51
CA PHE B 6 -9.56 10.06 -6.47
C PHE B 6 -9.18 8.64 -6.86
N LYS B 7 -7.89 8.43 -7.13
CA LYS B 7 -7.41 7.11 -7.53
C LYS B 7 -6.59 6.48 -6.41
N ASN B 8 -6.56 5.15 -6.39
CA ASN B 8 -5.82 4.41 -5.38
C ASN B 8 -4.61 3.71 -6.00
N PHE B 9 -3.99 2.83 -5.23
CA PHE B 9 -2.81 2.10 -5.71
C PHE B 9 -3.20 1.16 -6.85
N LYS B 10 -4.49 0.99 -7.06
CA LYS B 10 -4.98 0.12 -8.12
C LYS B 10 -5.19 0.95 -9.38
N LYS B 11 -4.77 2.21 -9.32
CA LYS B 11 -4.91 3.11 -10.45
C LYS B 11 -6.37 3.28 -10.83
N GLU B 12 -7.27 2.87 -9.93
CA GLU B 12 -8.70 3.00 -10.18
C GLU B 12 -9.17 4.41 -9.83
N LYS B 13 -9.98 4.98 -10.70
CA LYS B 13 -10.49 6.33 -10.48
C LYS B 13 -11.79 6.29 -9.68
N VAL B 14 -11.88 7.18 -8.70
CA VAL B 14 -13.07 7.28 -7.86
C VAL B 14 -13.63 8.70 -7.92
N PRO B 15 -14.25 9.05 -9.01
CA PRO B 15 -14.84 10.39 -9.21
C PRO B 15 -15.62 10.89 -8.01
N LEU B 16 -15.57 12.20 -7.77
CA LEU B 16 -16.27 12.80 -6.65
C LEU B 16 -16.67 14.24 -6.99
N ASP B 17 -17.27 14.92 -6.02
CA ASP B 17 -17.69 16.30 -6.21
C ASP B 17 -17.49 17.09 -4.92
N LEU B 18 -16.90 18.27 -5.04
CA LEU B 18 -16.64 19.11 -3.88
C LEU B 18 -16.83 20.58 -4.21
N GLU B 19 -16.39 21.43 -3.31
CA GLU B 19 -16.50 22.88 -3.50
C GLU B 19 -15.32 23.59 -2.86
N PRO B 20 -14.99 24.77 -3.31
CA PRO B 20 -13.86 25.55 -2.76
C PRO B 20 -13.89 25.54 -1.24
N SER B 21 -15.09 25.45 -0.68
CA SER B 21 -15.24 25.42 0.76
C SER B 21 -15.03 24.01 1.29
N ASN B 22 -15.90 23.08 0.91
CA ASN B 22 -15.78 21.70 1.34
C ASN B 22 -14.32 21.38 1.62
N THR B 23 -14.07 20.67 2.70
CA THR B 23 -12.69 20.34 3.07
C THR B 23 -12.42 18.84 2.96
N ILE B 24 -11.18 18.47 3.24
CA ILE B 24 -10.76 17.09 3.18
C ILE B 24 -11.55 16.23 4.16
N LEU B 25 -11.99 16.83 5.25
CA LEU B 25 -12.77 16.10 6.23
C LEU B 25 -13.98 15.48 5.56
N GLU B 26 -14.67 16.28 4.75
CA GLU B 26 -15.86 15.82 4.05
C GLU B 26 -15.49 14.95 2.85
N THR B 27 -14.48 15.34 2.07
CA THR B 27 -14.08 14.54 0.93
C THR B 27 -13.63 13.17 1.42
N LYS B 28 -13.01 13.17 2.59
CA LYS B 28 -12.54 11.93 3.21
C LYS B 28 -13.74 11.09 3.62
N THR B 29 -14.78 11.74 4.13
CA THR B 29 -15.98 11.04 4.56
C THR B 29 -16.66 10.40 3.35
N LYS B 30 -16.73 11.15 2.26
CA LYS B 30 -17.36 10.65 1.05
C LYS B 30 -16.49 9.55 0.42
N LEU B 31 -15.28 9.92 0.03
CA LEU B 31 -14.37 8.95 -0.58
C LEU B 31 -14.38 7.65 0.21
N ALA B 32 -14.82 7.73 1.46
CA ALA B 32 -14.87 6.54 2.32
C ALA B 32 -16.24 5.87 2.20
N GLN B 33 -17.27 6.68 1.96
CA GLN B 33 -18.63 6.16 1.83
C GLN B 33 -18.89 5.72 0.40
N SER B 34 -17.86 5.85 -0.45
CA SER B 34 -17.98 5.45 -1.84
C SER B 34 -17.34 4.08 -2.04
N ILE B 35 -16.18 3.90 -1.41
CA ILE B 35 -15.47 2.64 -1.50
C ILE B 35 -15.88 1.73 -0.36
N SER B 36 -16.45 2.34 0.69
CA SER B 36 -16.89 1.57 1.85
C SER B 36 -15.75 1.37 2.84
N CYS B 37 -14.83 2.33 2.88
CA CYS B 37 -13.70 2.24 3.79
C CYS B 37 -13.61 3.49 4.66
N GLU B 38 -13.40 3.30 5.95
CA GLU B 38 -13.30 4.42 6.87
C GLU B 38 -12.20 5.37 6.45
N GLU B 39 -12.43 6.66 6.69
CA GLU B 39 -11.47 7.69 6.33
C GLU B 39 -10.42 7.83 7.44
N SER B 40 -10.53 6.98 8.46
CA SER B 40 -9.60 7.02 9.58
C SER B 40 -8.29 6.32 9.22
N GLN B 41 -8.27 5.65 8.07
CA GLN B 41 -7.08 4.94 7.63
C GLN B 41 -6.62 5.52 6.30
N ILE B 42 -7.59 6.01 5.54
CA ILE B 42 -7.32 6.59 4.25
C ILE B 42 -6.19 7.60 4.31
N LYS B 43 -5.52 7.77 3.18
CA LYS B 43 -4.40 8.71 3.06
C LYS B 43 -4.63 9.57 1.84
N LEU B 44 -5.45 10.61 1.99
CA LEU B 44 -5.77 11.49 0.88
C LEU B 44 -4.55 12.29 0.42
N ILE B 45 -4.03 11.93 -0.74
CA ILE B 45 -2.87 12.60 -1.31
C ILE B 45 -3.28 13.51 -2.46
N TYR B 46 -2.33 14.32 -2.91
CA TYR B 46 -2.58 15.23 -4.03
C TYR B 46 -1.31 15.36 -4.87
N SER B 47 -1.28 14.64 -5.98
CA SER B 47 -0.11 14.67 -6.85
C SER B 47 1.12 14.20 -6.09
N GLY B 48 0.93 13.18 -5.26
CA GLY B 48 2.03 12.65 -4.46
C GLY B 48 2.30 13.55 -3.26
N LYS B 49 1.26 14.19 -2.76
CA LYS B 49 1.41 15.08 -1.61
C LYS B 49 0.30 14.86 -0.59
N VAL B 50 0.45 13.80 0.21
CA VAL B 50 -0.54 13.48 1.24
C VAL B 50 -1.20 14.75 1.79
N LEU B 51 -2.41 15.04 1.30
CA LEU B 51 -3.13 16.22 1.74
C LEU B 51 -3.30 16.20 3.27
N GLN B 52 -4.14 17.10 3.77
CA GLN B 52 -4.39 17.18 5.20
C GLN B 52 -5.89 17.25 5.48
N ASP B 53 -6.26 17.08 6.73
CA ASP B 53 -7.67 17.11 7.12
C ASP B 53 -8.07 18.53 7.53
N SER B 54 -7.07 19.36 7.82
CA SER B 54 -7.34 20.73 8.24
C SER B 54 -7.24 21.69 7.05
N LYS B 55 -7.27 21.15 5.83
CA LYS B 55 -7.20 21.99 4.64
C LYS B 55 -8.39 21.75 3.74
N THR B 56 -8.95 22.84 3.21
CA THR B 56 -10.09 22.72 2.33
C THR B 56 -9.63 22.22 0.96
N VAL B 57 -10.38 22.57 -0.08
CA VAL B 57 -10.02 22.15 -1.43
C VAL B 57 -9.16 23.23 -2.07
N SER B 58 -9.56 24.48 -1.89
CA SER B 58 -8.82 25.60 -2.45
C SER B 58 -7.38 25.56 -1.93
N GLU B 59 -7.23 25.23 -0.66
CA GLU B 59 -5.92 25.15 -0.06
C GLU B 59 -5.14 24.00 -0.69
N CYS B 60 -5.85 22.92 -0.98
CA CYS B 60 -5.22 21.75 -1.59
C CYS B 60 -4.63 22.13 -2.95
N GLY B 61 -5.17 23.19 -3.54
CA GLY B 61 -4.69 23.65 -4.84
C GLY B 61 -5.42 22.97 -5.99
N LEU B 62 -6.52 22.30 -5.67
CA LEU B 62 -7.29 21.61 -6.69
C LEU B 62 -8.08 22.61 -7.53
N LYS B 63 -8.59 22.12 -8.65
CA LYS B 63 -9.38 22.95 -9.54
C LYS B 63 -10.64 22.22 -9.99
N ASP B 64 -11.23 22.65 -11.10
CA ASP B 64 -12.44 22.03 -11.59
C ASP B 64 -12.12 20.90 -12.56
N GLY B 65 -12.59 19.69 -12.24
CA GLY B 65 -12.36 18.53 -13.09
C GLY B 65 -10.90 18.10 -13.08
N ASP B 66 -10.33 17.91 -11.89
CA ASP B 66 -8.93 17.49 -11.77
C ASP B 66 -8.86 16.05 -11.26
N GLN B 67 -7.70 15.68 -10.74
CA GLN B 67 -7.52 14.33 -10.22
C GLN B 67 -6.69 14.37 -8.93
N VAL B 68 -7.12 13.60 -7.94
CA VAL B 68 -6.43 13.55 -6.66
C VAL B 68 -5.92 12.15 -6.39
N VAL B 69 -4.79 12.05 -5.70
CA VAL B 69 -4.21 10.76 -5.36
C VAL B 69 -4.54 10.39 -3.93
N PHE B 70 -4.91 9.14 -3.70
CA PHE B 70 -5.26 8.69 -2.35
C PHE B 70 -4.95 7.21 -2.19
N MET B 71 -5.03 6.72 -0.95
CA MET B 71 -4.76 5.31 -0.67
C MET B 71 -5.41 4.89 0.64
N VAL B 72 -5.84 3.64 0.71
CA VAL B 72 -6.47 3.12 1.91
C VAL B 72 -5.51 2.24 2.70
N SER B 73 -5.62 2.27 4.02
CA SER B 73 -4.75 1.46 4.87
C SER B 73 -5.49 0.26 5.42
N GLN B 74 -5.13 -0.92 4.93
CA GLN B 74 -5.78 -2.15 5.38
C GLN B 74 -6.01 -2.11 6.89
N LYS B 75 -5.12 -1.43 7.60
CA LYS B 75 -5.25 -1.33 9.05
C LYS B 75 -6.63 -0.86 9.44
N LYS B 76 -7.39 -1.73 10.10
CA LYS B 76 -8.74 -1.39 10.54
C LYS B 76 -8.72 -0.28 11.57
N SER B 77 -9.70 0.60 11.52
CA SER B 77 -9.79 1.71 12.46
C SER B 77 -9.90 1.19 13.89
N THR B 78 -10.15 -0.11 14.02
CA THR B 78 -10.28 -0.72 15.34
C THR B 78 -8.92 -0.93 15.98
N ASP A 1 13.71 -18.90 9.59
CA ASP A 1 14.84 -19.44 8.79
C ASP A 1 15.33 -20.74 9.43
N THR A 2 15.10 -20.88 10.72
CA THR A 2 15.52 -22.08 11.43
C THR A 2 14.81 -22.19 12.78
N LYS A 3 13.52 -22.54 12.75
CA LYS A 3 12.74 -22.67 13.97
C LYS A 3 11.36 -23.22 13.67
N ILE A 4 10.58 -23.48 14.71
CA ILE A 4 9.24 -24.02 14.54
C ILE A 4 8.46 -23.20 13.51
N SER A 5 8.41 -21.89 13.72
CA SER A 5 7.70 -21.01 12.80
C SER A 5 8.04 -21.35 11.35
N SER A 6 9.33 -21.45 11.06
CA SER A 6 9.78 -21.78 9.71
C SER A 6 9.03 -22.99 9.17
N ALA A 7 9.08 -24.09 9.93
CA ALA A 7 8.41 -25.32 9.52
C ALA A 7 6.99 -25.02 9.06
N ALA A 8 6.40 -23.97 9.64
CA ALA A 8 5.03 -23.58 9.28
C ALA A 8 5.01 -22.91 7.91
N ILE A 9 5.73 -21.80 7.79
CA ILE A 9 5.78 -21.07 6.53
C ILE A 9 5.94 -22.02 5.36
N LEU A 10 6.90 -22.93 5.46
CA LEU A 10 7.13 -23.90 4.40
C LEU A 10 5.87 -24.69 4.11
N GLY A 11 5.45 -25.51 5.08
CA GLY A 11 4.25 -26.32 4.91
C GLY A 11 3.13 -25.51 4.27
N LEU A 12 2.57 -24.58 5.04
CA LEU A 12 1.49 -23.75 4.53
C LEU A 12 1.83 -23.20 3.15
N GLY A 13 3.10 -22.83 2.96
CA GLY A 13 3.54 -22.30 1.68
C GLY A 13 3.09 -23.18 0.53
N ILE A 14 3.10 -24.49 0.76
CA ILE A 14 2.69 -25.44 -0.27
C ILE A 14 1.16 -25.50 -0.34
N ALA A 15 0.51 -25.22 0.77
CA ALA A 15 -0.95 -25.27 0.81
C ALA A 15 -1.54 -24.36 -0.27
N PHE A 16 -1.10 -23.11 -0.29
CA PHE A 16 -1.59 -22.15 -1.28
C PHE A 16 -1.39 -22.70 -2.69
N ALA A 17 -0.16 -23.07 -3.01
CA ALA A 17 0.16 -23.60 -4.33
C ALA A 17 -0.85 -24.68 -4.73
N GLY A 18 -1.64 -25.12 -3.76
CA GLY A 18 -2.65 -26.15 -4.02
C GLY A 18 -3.93 -25.52 -4.57
N SER A 19 -4.78 -25.04 -3.66
CA SER A 19 -6.04 -24.42 -4.07
C SER A 19 -5.82 -22.97 -4.48
N LYS A 20 -5.16 -22.21 -3.60
CA LYS A 20 -4.88 -20.80 -3.87
C LYS A 20 -6.19 -20.02 -4.00
N ASN A 21 -7.06 -20.18 -3.00
CA ASN A 21 -8.34 -19.48 -3.00
C ASN A 21 -8.19 -18.08 -2.44
N ASP A 22 -9.31 -17.45 -2.11
CA ASP A 22 -9.28 -16.10 -1.56
C ASP A 22 -9.12 -16.12 -0.05
N GLU A 23 -8.60 -17.25 0.46
CA GLU A 23 -8.39 -17.39 1.90
C GLU A 23 -6.97 -16.97 2.26
N VAL A 24 -6.00 -17.42 1.48
CA VAL A 24 -4.61 -17.08 1.73
C VAL A 24 -4.44 -15.57 1.87
N LEU A 25 -5.25 -14.81 1.12
CA LEU A 25 -5.20 -13.37 1.16
C LEU A 25 -6.07 -12.83 2.29
N GLY A 26 -7.32 -13.30 2.34
CA GLY A 26 -8.24 -12.85 3.37
C GLY A 26 -7.88 -13.46 4.72
N LEU A 27 -6.66 -14.00 4.82
CA LEU A 27 -6.20 -14.60 6.07
C LEU A 27 -4.93 -13.92 6.55
N LEU A 28 -3.94 -13.80 5.67
CA LEU A 28 -2.68 -13.17 6.02
C LEU A 28 -2.87 -11.67 6.25
N LEU A 29 -3.35 -10.98 5.23
CA LEU A 29 -3.57 -9.54 5.33
C LEU A 29 -4.21 -9.19 6.68
N PRO A 30 -5.40 -9.66 6.91
CA PRO A 30 -6.14 -9.39 8.18
C PRO A 30 -5.24 -9.57 9.41
N ILE A 31 -4.60 -10.73 9.49
CA ILE A 31 -3.72 -11.02 10.62
C ILE A 31 -2.52 -10.06 10.63
N ALA A 32 -1.65 -10.21 9.64
CA ALA A 32 -0.47 -9.35 9.55
C ALA A 32 -0.85 -7.88 9.75
N ALA A 33 -1.80 -7.42 8.93
CA ALA A 33 -2.24 -6.03 9.02
C ALA A 33 -3.13 -5.83 10.25
N SER A 34 -2.58 -6.13 11.43
CA SER A 34 -3.32 -5.99 12.67
C SER A 34 -3.10 -4.60 13.27
N THR A 35 -1.91 -4.38 13.79
CA THR A 35 -1.58 -3.08 14.39
C THR A 35 -0.07 -2.94 14.54
N ASP A 36 0.58 -3.97 15.06
CA ASP A 36 2.02 -3.94 15.24
C ASP A 36 2.54 -5.31 15.66
N LEU A 37 2.34 -6.30 14.80
CA LEU A 37 2.78 -7.66 15.08
C LEU A 37 4.28 -7.80 14.81
N PRO A 38 4.94 -8.69 15.51
CA PRO A 38 6.40 -8.92 15.35
C PRO A 38 6.80 -8.99 13.88
N ILE A 39 7.32 -7.88 13.35
CA ILE A 39 7.75 -7.82 11.96
C ILE A 39 8.68 -8.98 11.64
N GLU A 40 9.11 -9.69 12.68
CA GLU A 40 10.01 -10.83 12.49
C GLU A 40 9.26 -12.02 11.90
N THR A 41 8.13 -12.36 12.52
CA THR A 41 7.33 -13.48 12.05
C THR A 41 6.49 -13.08 10.83
N ALA A 42 6.02 -11.83 10.85
CA ALA A 42 5.21 -11.32 9.74
C ALA A 42 6.04 -11.24 8.46
N ALA A 43 7.22 -10.64 8.56
CA ALA A 43 8.10 -10.51 7.41
C ALA A 43 8.19 -11.83 6.64
N MET A 44 8.32 -12.92 7.38
CA MET A 44 8.40 -14.24 6.76
C MET A 44 7.08 -14.62 6.11
N ALA A 45 5.99 -14.36 6.82
CA ALA A 45 4.66 -14.68 6.30
C ALA A 45 4.40 -13.96 4.98
N SER A 46 4.68 -12.66 4.96
CA SER A 46 4.48 -11.85 3.77
C SER A 46 5.33 -12.40 2.61
N LEU A 47 6.44 -13.03 2.96
CA LEU A 47 7.33 -13.59 1.94
C LEU A 47 6.62 -14.70 1.17
N ALA A 48 6.27 -15.76 1.87
CA ALA A 48 5.58 -16.89 1.23
C ALA A 48 4.44 -16.40 0.36
N LEU A 49 3.77 -15.34 0.81
CA LEU A 49 2.65 -14.78 0.05
C LEU A 49 3.11 -14.35 -1.34
N ALA A 50 4.08 -13.45 -1.39
CA ALA A 50 4.60 -12.96 -2.67
C ALA A 50 5.22 -14.12 -3.46
N HIS A 51 6.01 -14.94 -2.78
CA HIS A 51 6.65 -16.07 -3.43
C HIS A 51 5.66 -16.83 -4.30
N VAL A 52 4.52 -17.20 -3.72
CA VAL A 52 3.50 -17.92 -4.47
C VAL A 52 2.80 -17.00 -5.46
N PHE A 53 2.43 -15.81 -5.00
CA PHE A 53 1.76 -14.84 -5.88
C PHE A 53 2.76 -14.21 -6.85
N VAL A 54 3.91 -14.85 -7.00
CA VAL A 54 4.94 -14.33 -7.90
C VAL A 54 4.36 -14.12 -9.29
N GLY A 55 3.52 -15.04 -9.73
CA GLY A 55 2.90 -14.93 -11.05
C GLY A 55 1.85 -13.83 -11.07
N THR A 56 0.95 -13.85 -10.10
CA THR A 56 -0.10 -12.85 -10.01
C THR A 56 0.46 -11.53 -9.50
N CYS A 57 -0.44 -10.57 -9.27
CA CYS A 57 -0.02 -9.25 -8.77
C CYS A 57 -1.24 -8.41 -8.42
N ASN A 58 -1.68 -8.53 -7.18
CA ASN A 58 -2.84 -7.76 -6.72
C ASN A 58 -2.40 -6.47 -6.05
N GLY A 59 -3.07 -5.37 -6.38
CA GLY A 59 -2.73 -4.08 -5.79
C GLY A 59 -3.05 -4.05 -4.30
N ASP A 60 -3.83 -5.02 -3.85
CA ASP A 60 -4.20 -5.10 -2.44
C ASP A 60 -3.04 -5.64 -1.62
N ILE A 61 -2.24 -6.50 -2.23
CA ILE A 61 -1.09 -7.08 -1.54
C ILE A 61 -0.06 -6.01 -1.21
N THR A 62 0.01 -4.98 -2.05
CA THR A 62 0.95 -3.89 -1.84
C THR A 62 0.43 -2.92 -0.79
N THR A 63 -0.87 -2.65 -0.85
CA THR A 63 -1.49 -1.72 0.10
C THR A 63 -1.17 -2.15 1.53
N SER A 64 -1.49 -3.39 1.87
CA SER A 64 -1.22 -3.90 3.21
C SER A 64 0.26 -3.86 3.51
N ILE A 65 1.07 -4.35 2.57
CA ILE A 65 2.52 -4.37 2.73
C ILE A 65 3.04 -2.95 2.95
N MET A 66 2.37 -1.98 2.34
CA MET A 66 2.78 -0.59 2.47
C MET A 66 2.57 -0.11 3.90
N ASP A 67 1.32 -0.20 4.37
CA ASP A 67 1.00 0.23 5.73
C ASP A 67 2.08 -0.23 6.71
N ASN A 68 2.48 -1.49 6.58
CA ASN A 68 3.50 -2.03 7.46
C ASN A 68 4.86 -1.39 7.18
N PHE A 69 5.06 -0.98 5.94
CA PHE A 69 6.32 -0.35 5.55
C PHE A 69 6.50 0.98 6.28
N LEU A 70 5.41 1.74 6.38
CA LEU A 70 5.46 3.03 7.06
C LEU A 70 5.76 2.84 8.55
N GLU A 71 5.07 1.91 9.17
CA GLU A 71 5.27 1.63 10.59
C GLU A 71 6.52 0.78 10.80
N ARG A 72 7.45 0.85 9.85
CA ARG A 72 8.68 0.09 9.94
C ARG A 72 9.76 0.87 10.69
N THR A 73 9.53 1.09 11.99
CA THR A 73 10.48 1.83 12.80
C THR A 73 11.45 0.88 13.49
N ALA A 74 12.71 1.30 13.61
CA ALA A 74 13.72 0.48 14.26
C ALA A 74 13.37 0.25 15.72
N ILE A 75 12.21 0.76 16.12
CA ILE A 75 11.75 0.61 17.50
C ILE A 75 11.70 -0.86 17.89
N GLU A 76 11.46 -1.72 16.90
CA GLU A 76 11.39 -3.16 17.15
C GLU A 76 12.78 -3.77 17.20
N LEU A 77 13.26 -4.23 16.04
CA LEU A 77 14.59 -4.83 15.96
C LEU A 77 15.64 -3.77 15.68
N LYS A 78 16.84 -4.21 15.31
CA LYS A 78 17.93 -3.30 15.01
C LYS A 78 18.89 -3.90 13.99
N THR A 79 18.70 -5.18 13.71
CA THR A 79 19.55 -5.88 12.75
C THR A 79 19.28 -5.37 11.34
N ASP A 80 19.36 -6.26 10.36
CA ASP A 80 19.12 -5.90 8.97
C ASP A 80 18.35 -7.00 8.25
N TRP A 81 17.41 -6.60 7.40
CA TRP A 81 16.61 -7.56 6.66
C TRP A 81 16.09 -6.93 5.36
N VAL A 82 16.45 -5.68 5.14
CA VAL A 82 16.01 -4.98 3.93
C VAL A 82 16.19 -5.86 2.70
N ARG A 83 17.02 -6.88 2.84
CA ARG A 83 17.27 -7.80 1.72
C ARG A 83 16.02 -8.60 1.39
N PHE A 84 15.31 -9.04 2.41
CA PHE A 84 14.09 -9.82 2.22
C PHE A 84 12.93 -8.90 1.81
N LEU A 85 12.84 -7.76 2.48
CA LEU A 85 11.78 -6.80 2.20
C LEU A 85 11.92 -6.27 0.77
N ALA A 86 13.05 -5.66 0.48
CA ALA A 86 13.29 -5.10 -0.85
C ALA A 86 13.01 -6.15 -1.92
N LEU A 87 13.36 -7.40 -1.63
CA LEU A 87 13.14 -8.49 -2.58
C LEU A 87 11.66 -8.59 -2.93
N ALA A 88 10.81 -8.47 -1.90
CA ALA A 88 9.37 -8.55 -2.12
C ALA A 88 8.91 -7.48 -3.10
N LEU A 89 9.02 -6.22 -2.69
CA LEU A 89 8.61 -5.11 -3.54
C LEU A 89 9.39 -5.12 -4.85
N GLY A 90 10.33 -6.06 -4.97
CA GLY A 90 11.14 -6.17 -6.18
C GLY A 90 10.55 -7.22 -7.12
N ILE A 91 10.86 -8.48 -6.85
CA ILE A 91 10.36 -9.57 -7.69
C ILE A 91 8.87 -9.41 -7.97
N LEU A 92 8.17 -8.77 -7.03
CA LEU A 92 6.74 -8.55 -7.18
C LEU A 92 6.43 -8.06 -8.59
N TYR A 93 6.96 -6.89 -8.94
CA TYR A 93 6.73 -6.33 -10.27
C TYR A 93 7.71 -6.90 -11.28
N MET A 94 8.74 -7.59 -10.77
CA MET A 94 9.74 -8.19 -11.64
C MET A 94 10.42 -7.12 -12.49
N GLY A 95 9.73 -6.65 -13.52
CA GLY A 95 10.27 -5.63 -14.40
C GLY A 95 9.23 -5.14 -15.40
N GLN A 96 9.46 -3.96 -15.95
CA GLN A 96 8.53 -3.40 -16.93
C GLN A 96 7.08 -3.55 -16.45
N GLY A 97 6.66 -2.66 -15.56
CA GLY A 97 5.31 -2.70 -15.03
C GLY A 97 4.92 -1.37 -14.40
N GLU A 98 3.97 -0.68 -15.01
CA GLU A 98 3.52 0.61 -14.49
C GLU A 98 3.34 0.54 -12.98
N GLN A 99 2.90 -0.61 -12.49
CA GLN A 99 2.69 -0.79 -11.06
C GLN A 99 3.82 -0.13 -10.27
N VAL A 100 5.01 -0.10 -10.85
CA VAL A 100 6.16 0.50 -10.20
C VAL A 100 6.00 2.02 -10.13
N ASP A 101 5.51 2.61 -11.21
CA ASP A 101 5.31 4.05 -11.26
C ASP A 101 4.43 4.50 -10.09
N ASP A 102 3.42 3.69 -9.77
CA ASP A 102 2.52 4.02 -8.67
C ASP A 102 3.24 3.91 -7.33
N VAL A 103 4.19 2.99 -7.24
CA VAL A 103 4.95 2.79 -6.01
C VAL A 103 5.83 4.00 -5.74
N LEU A 104 6.86 4.19 -6.56
CA LEU A 104 7.77 5.32 -6.38
C LEU A 104 6.99 6.60 -6.08
N GLU A 105 5.77 6.67 -6.61
CA GLU A 105 4.94 7.85 -6.37
C GLU A 105 4.52 7.93 -4.91
N THR A 106 4.27 6.78 -4.31
CA THR A 106 3.86 6.73 -2.91
C THR A 106 5.07 6.90 -1.99
N ILE A 107 6.09 6.09 -2.23
CA ILE A 107 7.31 6.15 -1.42
C ILE A 107 7.78 7.59 -1.26
N SER A 108 7.49 8.41 -2.27
CA SER A 108 7.89 9.82 -2.23
C SER A 108 6.74 10.68 -1.72
N ALA A 109 5.54 10.13 -1.72
CA ALA A 109 4.36 10.85 -1.24
C ALA A 109 4.50 11.16 0.25
N ILE A 110 4.37 10.12 1.07
CA ILE A 110 4.47 10.30 2.51
C ILE A 110 5.84 10.84 2.89
N GLU A 111 5.88 12.09 3.36
CA GLU A 111 7.13 12.71 3.75
C GLU A 111 8.01 11.72 4.50
N HIS A 112 9.29 12.06 4.63
CA HIS A 112 10.24 11.19 5.33
C HIS A 112 10.28 9.81 4.67
N PRO A 113 10.83 9.73 3.49
CA PRO A 113 10.94 8.46 2.73
C PRO A 113 12.06 7.57 3.27
N MET A 114 13.29 8.06 3.19
CA MET A 114 14.44 7.30 3.68
C MET A 114 14.42 5.89 3.12
N THR A 115 14.31 5.77 1.80
CA THR A 115 14.29 4.47 1.15
C THR A 115 15.23 4.45 -0.05
N SER A 116 16.14 5.42 -0.09
CA SER A 116 17.09 5.50 -1.19
C SER A 116 17.58 4.12 -1.60
N ALA A 117 17.94 3.31 -0.61
CA ALA A 117 18.43 1.96 -0.86
C ALA A 117 17.51 1.25 -1.86
N ILE A 118 16.24 1.12 -1.50
CA ILE A 118 15.27 0.46 -2.37
C ILE A 118 14.98 1.30 -3.59
N GLU A 119 14.60 2.56 -3.37
CA GLU A 119 14.30 3.47 -4.47
C GLU A 119 15.31 3.30 -5.60
N VAL A 120 16.57 3.60 -5.31
CA VAL A 120 17.63 3.47 -6.31
C VAL A 120 17.56 2.11 -7.00
N LEU A 121 17.52 1.05 -6.20
CA LEU A 121 17.46 -0.30 -6.74
C LEU A 121 16.26 -0.45 -7.67
N VAL A 122 15.07 -0.42 -7.08
CA VAL A 122 13.84 -0.55 -7.87
C VAL A 122 13.81 0.49 -8.98
N GLY A 123 14.56 1.56 -8.80
CA GLY A 123 14.61 2.63 -9.79
C GLY A 123 15.34 2.17 -11.06
N SER A 124 16.48 1.52 -10.86
CA SER A 124 17.27 1.04 -11.99
C SER A 124 16.48 0.01 -12.79
N CYS A 125 16.06 -1.06 -12.13
CA CYS A 125 15.29 -2.11 -12.79
C CYS A 125 13.83 -1.69 -12.94
N ALA A 126 13.39 -1.51 -14.19
CA ALA A 126 12.02 -1.12 -14.45
C ALA A 126 11.70 -1.28 -15.93
N TYR A 127 11.40 -0.16 -16.59
CA TYR A 127 11.07 -0.18 -18.02
C TYR A 127 12.35 -0.30 -18.86
N THR A 128 12.99 -1.47 -18.79
CA THR A 128 14.21 -1.69 -19.56
C THR A 128 13.98 -1.43 -21.04
N GLY A 129 14.03 -0.16 -21.43
CA GLY A 129 13.82 0.21 -22.82
C GLY A 129 12.54 -0.41 -23.37
N THR A 130 12.30 -0.25 -24.67
CA THR A 130 11.12 -0.80 -25.30
C THR A 130 11.24 -2.30 -25.46
N GLY A 131 12.15 -2.91 -24.70
CA GLY A 131 12.36 -4.34 -24.76
C GLY A 131 13.58 -4.75 -23.95
N MET B 1 -19.06 23.91 -8.29
CA MET B 1 -19.36 22.55 -8.81
C MET B 1 -18.11 21.96 -9.46
N VAL B 2 -17.10 21.69 -8.64
CA VAL B 2 -15.86 21.13 -9.14
C VAL B 2 -15.86 19.61 -8.99
N SER B 3 -15.50 18.91 -10.06
CA SER B 3 -15.47 17.46 -10.04
C SER B 3 -14.03 16.96 -10.16
N LEU B 4 -13.49 16.49 -9.04
CA LEU B 4 -12.12 15.98 -9.03
C LEU B 4 -12.10 14.46 -9.05
N THR B 5 -10.92 13.90 -9.23
CA THR B 5 -10.77 12.45 -9.27
C THR B 5 -9.74 11.98 -8.24
N PHE B 6 -10.02 10.85 -7.61
CA PHE B 6 -9.11 10.29 -6.63
C PHE B 6 -8.66 8.90 -7.04
N LYS B 7 -7.34 8.72 -7.18
CA LYS B 7 -6.79 7.43 -7.59
C LYS B 7 -6.08 6.75 -6.43
N ASN B 8 -6.07 5.42 -6.46
CA ASN B 8 -5.42 4.65 -5.39
C ASN B 8 -4.12 4.03 -5.89
N PHE B 9 -3.97 2.73 -5.65
CA PHE B 9 -2.76 2.01 -6.08
C PHE B 9 -3.06 1.13 -7.28
N LYS B 10 -4.33 0.99 -7.60
CA LYS B 10 -4.75 0.18 -8.74
C LYS B 10 -4.86 1.07 -9.97
N LYS B 11 -4.40 2.30 -9.83
CA LYS B 11 -4.44 3.26 -10.93
C LYS B 11 -5.88 3.54 -11.34
N GLU B 12 -6.82 3.18 -10.47
CA GLU B 12 -8.23 3.41 -10.77
C GLU B 12 -8.65 4.79 -10.27
N LYS B 13 -9.40 5.50 -11.10
CA LYS B 13 -9.85 6.83 -10.74
C LYS B 13 -11.25 6.78 -10.10
N VAL B 14 -11.42 7.56 -9.04
CA VAL B 14 -12.70 7.61 -8.34
C VAL B 14 -13.29 9.02 -8.42
N PRO B 15 -13.91 9.35 -9.52
CA PRO B 15 -14.53 10.69 -9.72
C PRO B 15 -15.30 11.17 -8.49
N LEU B 16 -15.26 12.47 -8.25
CA LEU B 16 -15.96 13.05 -7.12
C LEU B 16 -16.32 14.51 -7.40
N ASP B 17 -16.99 15.13 -6.44
CA ASP B 17 -17.40 16.53 -6.57
C ASP B 17 -17.21 17.25 -5.25
N LEU B 18 -16.66 18.47 -5.30
CA LEU B 18 -16.43 19.24 -4.09
C LEU B 18 -16.66 20.73 -4.34
N GLU B 19 -16.28 21.52 -3.35
CA GLU B 19 -16.43 22.98 -3.44
C GLU B 19 -15.24 23.66 -2.78
N PRO B 20 -14.95 24.88 -3.17
CA PRO B 20 -13.82 25.66 -2.60
C PRO B 20 -13.80 25.57 -1.08
N SER B 21 -14.99 25.44 -0.50
CA SER B 21 -15.11 25.36 0.95
C SER B 21 -15.04 23.91 1.43
N ASN B 22 -15.75 23.01 0.74
CA ASN B 22 -15.72 21.61 1.15
C ASN B 22 -14.34 21.27 1.65
N THR B 23 -14.28 20.60 2.79
CA THR B 23 -13.00 20.24 3.38
C THR B 23 -12.66 18.78 3.09
N ILE B 24 -11.39 18.43 3.25
CA ILE B 24 -10.94 17.08 3.01
C ILE B 24 -11.74 16.08 3.81
N LEU B 25 -12.29 16.54 4.93
CA LEU B 25 -13.09 15.65 5.76
C LEU B 25 -14.26 15.12 4.94
N GLU B 26 -14.92 16.04 4.26
CA GLU B 26 -16.07 15.68 3.42
C GLU B 26 -15.62 14.83 2.24
N THR B 27 -14.57 15.25 1.55
CA THR B 27 -14.08 14.49 0.42
C THR B 27 -13.65 13.11 0.92
N LYS B 28 -13.16 13.09 2.15
CA LYS B 28 -12.74 11.85 2.79
C LYS B 28 -13.97 11.00 3.11
N THR B 29 -15.02 11.65 3.58
CA THR B 29 -16.26 10.95 3.92
C THR B 29 -16.85 10.30 2.67
N LYS B 30 -16.97 11.10 1.62
CA LYS B 30 -17.52 10.59 0.36
C LYS B 30 -16.61 9.52 -0.21
N LEU B 31 -15.38 9.90 -0.53
CA LEU B 31 -14.41 8.95 -1.08
C LEU B 31 -14.49 7.63 -0.33
N ALA B 32 -15.01 7.68 0.90
CA ALA B 32 -15.15 6.48 1.71
C ALA B 32 -16.50 5.82 1.49
N GLN B 33 -17.51 6.63 1.22
CA GLN B 33 -18.86 6.12 0.98
C GLN B 33 -19.01 5.72 -0.48
N SER B 34 -17.94 5.87 -1.24
CA SER B 34 -17.95 5.50 -2.66
C SER B 34 -17.32 4.12 -2.84
N ILE B 35 -16.22 3.90 -2.14
CA ILE B 35 -15.53 2.63 -2.21
C ILE B 35 -16.00 1.72 -1.09
N SER B 36 -16.62 2.32 -0.07
CA SER B 36 -17.13 1.57 1.06
C SER B 36 -16.04 1.35 2.12
N CYS B 37 -15.10 2.29 2.19
CA CYS B 37 -14.01 2.19 3.16
C CYS B 37 -14.02 3.41 4.07
N GLU B 38 -13.84 3.16 5.36
CA GLU B 38 -13.83 4.24 6.35
C GLU B 38 -12.78 5.29 5.98
N GLU B 39 -13.10 6.54 6.26
CA GLU B 39 -12.19 7.64 5.98
C GLU B 39 -11.23 7.84 7.14
N SER B 40 -11.31 6.96 8.13
CA SER B 40 -10.45 7.05 9.31
C SER B 40 -9.09 6.42 9.04
N GLN B 41 -8.97 5.73 7.91
CA GLN B 41 -7.71 5.10 7.54
C GLN B 41 -7.22 5.66 6.22
N ILE B 42 -8.17 6.09 5.40
CA ILE B 42 -7.88 6.66 4.11
C ILE B 42 -6.80 7.73 4.21
N LYS B 43 -5.71 7.54 3.46
CA LYS B 43 -4.62 8.52 3.46
C LYS B 43 -4.76 9.41 2.23
N LEU B 44 -5.66 10.39 2.32
CA LEU B 44 -5.90 11.30 1.21
C LEU B 44 -4.65 12.13 0.88
N ILE B 45 -4.10 11.90 -0.30
CA ILE B 45 -2.91 12.62 -0.74
C ILE B 45 -3.25 13.61 -1.85
N TYR B 46 -2.26 14.42 -2.21
CA TYR B 46 -2.42 15.37 -3.30
C TYR B 46 -1.08 15.55 -4.01
N SER B 47 -0.93 14.90 -5.15
CA SER B 47 0.32 14.99 -5.91
C SER B 47 1.48 14.53 -5.04
N GLY B 48 1.27 13.45 -4.30
CA GLY B 48 2.31 12.92 -3.42
C GLY B 48 2.44 13.77 -2.17
N LYS B 49 1.32 14.34 -1.72
CA LYS B 49 1.32 15.17 -0.52
C LYS B 49 0.14 14.86 0.39
N VAL B 50 0.24 13.76 1.13
CA VAL B 50 -0.82 13.35 2.04
C VAL B 50 -1.56 14.57 2.60
N LEU B 51 -2.69 14.91 1.99
CA LEU B 51 -3.49 16.05 2.43
C LEU B 51 -3.77 15.95 3.94
N GLN B 52 -4.72 16.76 4.41
CA GLN B 52 -5.08 16.76 5.82
C GLN B 52 -6.55 16.42 6.00
N ASP B 53 -7.15 16.93 7.07
CA ASP B 53 -8.55 16.68 7.35
C ASP B 53 -9.31 17.98 7.60
N SER B 54 -8.57 19.03 7.93
CA SER B 54 -9.18 20.33 8.19
C SER B 54 -8.89 21.31 7.06
N LYS B 55 -8.48 20.78 5.90
CA LYS B 55 -8.17 21.62 4.76
C LYS B 55 -9.16 21.35 3.62
N THR B 56 -9.59 22.42 2.96
CA THR B 56 -10.54 22.27 1.85
C THR B 56 -9.81 22.35 0.52
N VAL B 57 -10.55 22.24 -0.56
CA VAL B 57 -9.97 22.29 -1.90
C VAL B 57 -9.13 23.56 -2.04
N SER B 58 -9.65 24.68 -1.54
CA SER B 58 -8.95 25.95 -1.63
C SER B 58 -7.65 25.88 -0.83
N GLU B 59 -7.68 25.16 0.28
CA GLU B 59 -6.50 25.02 1.13
C GLU B 59 -5.55 23.99 0.53
N CYS B 60 -6.12 23.03 -0.19
CA CYS B 60 -5.30 21.99 -0.82
C CYS B 60 -4.60 22.55 -2.05
N GLY B 61 -5.23 23.53 -2.69
CA GLY B 61 -4.67 24.15 -3.88
C GLY B 61 -5.23 23.52 -5.15
N LEU B 62 -6.22 22.65 -5.00
CA LEU B 62 -6.82 22.00 -6.15
C LEU B 62 -7.60 22.99 -6.98
N LYS B 63 -8.07 22.53 -8.13
CA LYS B 63 -8.83 23.38 -9.04
C LYS B 63 -10.05 22.63 -9.57
N ASP B 64 -10.63 23.14 -10.64
CA ASP B 64 -11.80 22.52 -11.24
C ASP B 64 -11.42 21.36 -12.15
N GLY B 65 -11.95 20.18 -11.86
CA GLY B 65 -11.66 18.99 -12.64
C GLY B 65 -10.17 18.66 -12.63
N ASP B 66 -9.63 18.40 -11.44
CA ASP B 66 -8.21 18.06 -11.31
C ASP B 66 -8.05 16.60 -10.92
N GLN B 67 -6.89 16.27 -10.38
CA GLN B 67 -6.61 14.90 -9.96
C GLN B 67 -5.99 14.89 -8.57
N VAL B 68 -6.44 13.94 -7.74
CA VAL B 68 -5.91 13.84 -6.38
C VAL B 68 -5.44 12.42 -6.12
N VAL B 69 -4.38 12.28 -5.32
CA VAL B 69 -3.85 10.97 -4.99
C VAL B 69 -4.29 10.58 -3.59
N PHE B 70 -4.70 9.32 -3.43
CA PHE B 70 -5.16 8.85 -2.13
C PHE B 70 -4.85 7.36 -1.94
N MET B 71 -5.08 6.88 -0.72
CA MET B 71 -4.83 5.48 -0.40
C MET B 71 -5.73 5.04 0.75
N VAL B 72 -5.88 3.74 0.94
CA VAL B 72 -6.70 3.21 2.01
C VAL B 72 -5.90 2.29 2.92
N SER B 73 -6.22 2.29 4.20
CA SER B 73 -5.52 1.45 5.16
C SER B 73 -6.41 0.32 5.64
N GLN B 74 -5.95 -0.42 6.64
CA GLN B 74 -6.72 -1.53 7.18
C GLN B 74 -6.96 -1.35 8.68
N LYS B 75 -6.13 -0.52 9.29
CA LYS B 75 -6.27 -0.26 10.73
C LYS B 75 -7.66 0.27 11.06
N LYS B 76 -8.63 -0.64 11.12
CA LYS B 76 -10.00 -0.24 11.42
C LYS B 76 -10.07 0.51 12.75
N SER B 77 -9.09 0.26 13.61
CA SER B 77 -9.04 0.92 14.91
C SER B 77 -7.64 0.79 15.53
N THR B 78 -6.77 1.73 15.19
CA THR B 78 -5.40 1.71 15.71
C THR B 78 -4.68 0.45 15.28
N ASP A 1 10.05 -29.62 20.73
CA ASP A 1 8.95 -28.64 20.88
C ASP A 1 8.07 -28.67 19.64
N THR A 2 6.75 -28.63 19.84
CA THR A 2 5.82 -28.65 18.73
C THR A 2 6.07 -27.47 17.80
N LYS A 3 6.45 -26.34 18.38
CA LYS A 3 6.72 -25.14 17.59
C LYS A 3 5.52 -24.81 16.70
N ILE A 4 4.37 -24.60 17.33
CA ILE A 4 3.15 -24.27 16.59
C ILE A 4 3.39 -23.06 15.69
N SER A 5 4.36 -22.23 16.06
CA SER A 5 4.67 -21.04 15.27
C SER A 5 5.11 -21.42 13.86
N SER A 6 6.37 -21.78 13.71
CA SER A 6 6.90 -22.17 12.41
C SER A 6 6.06 -23.29 11.81
N ALA A 7 5.76 -24.30 12.62
CA ALA A 7 4.96 -25.43 12.16
C ALA A 7 3.72 -24.94 11.43
N ALA A 8 3.16 -23.83 11.88
CA ALA A 8 1.96 -23.27 11.27
C ALA A 8 2.32 -22.54 9.98
N ILE A 9 2.98 -21.39 10.12
CA ILE A 9 3.37 -20.60 8.96
C ILE A 9 4.04 -21.48 7.92
N LEU A 10 4.59 -22.61 8.36
CA LEU A 10 5.27 -23.53 7.46
C LEU A 10 4.25 -24.47 6.80
N GLY A 11 3.78 -25.45 7.56
CA GLY A 11 2.81 -26.40 7.04
C GLY A 11 1.74 -25.70 6.21
N LEU A 12 1.41 -24.47 6.60
CA LEU A 12 0.40 -23.70 5.90
C LEU A 12 0.97 -23.14 4.59
N GLY A 13 2.19 -22.61 4.68
CA GLY A 13 2.83 -22.04 3.50
C GLY A 13 2.86 -23.05 2.35
N ILE A 14 3.09 -24.31 2.69
CA ILE A 14 3.14 -25.36 1.66
C ILE A 14 1.74 -25.86 1.35
N ALA A 15 0.82 -25.68 2.29
CA ALA A 15 -0.55 -26.13 2.10
C ALA A 15 -1.15 -25.49 0.85
N PHE A 16 -1.38 -24.18 0.91
CA PHE A 16 -1.96 -23.47 -0.23
C PHE A 16 -0.88 -23.16 -1.26
N ALA A 17 0.15 -24.00 -1.30
CA ALA A 17 1.25 -23.80 -2.25
C ALA A 17 0.71 -23.39 -3.60
N GLY A 18 -0.40 -24.00 -4.01
CA GLY A 18 -1.02 -23.68 -5.30
C GLY A 18 -2.43 -23.13 -5.11
N SER A 19 -3.16 -23.03 -6.21
CA SER A 19 -4.54 -22.52 -6.15
C SER A 19 -4.53 -21.00 -5.97
N LYS A 20 -4.82 -20.29 -7.05
CA LYS A 20 -4.85 -18.83 -7.00
C LYS A 20 -6.21 -18.34 -6.53
N ASN A 21 -6.66 -18.84 -5.37
CA ASN A 21 -7.95 -18.44 -4.82
C ASN A 21 -7.79 -17.20 -3.96
N ASP A 22 -8.62 -16.19 -4.22
CA ASP A 22 -8.57 -14.95 -3.47
C ASP A 22 -9.04 -15.18 -2.03
N GLU A 23 -9.17 -16.45 -1.66
CA GLU A 23 -9.61 -16.79 -0.31
C GLU A 23 -8.42 -16.83 0.63
N VAL A 24 -7.35 -17.49 0.20
CA VAL A 24 -6.14 -17.59 1.01
C VAL A 24 -5.73 -16.21 1.51
N LEU A 25 -5.60 -15.26 0.59
CA LEU A 25 -5.21 -13.91 0.96
C LEU A 25 -6.28 -13.26 1.83
N GLY A 26 -7.54 -13.39 1.41
CA GLY A 26 -8.65 -12.81 2.16
C GLY A 26 -8.46 -13.01 3.66
N LEU A 27 -7.75 -14.08 4.02
CA LEU A 27 -7.51 -14.37 5.43
C LEU A 27 -6.05 -14.11 5.79
N LEU A 28 -5.15 -14.41 4.86
CA LEU A 28 -3.73 -14.22 5.09
C LEU A 28 -3.40 -12.73 5.22
N LEU A 29 -3.77 -11.95 4.21
CA LEU A 29 -3.51 -10.52 4.22
C LEU A 29 -3.80 -9.93 5.60
N PRO A 30 -5.04 -9.94 6.02
CA PRO A 30 -5.45 -9.40 7.34
C PRO A 30 -4.51 -9.85 8.46
N ILE A 31 -4.34 -11.17 8.58
CA ILE A 31 -3.47 -11.73 9.60
C ILE A 31 -2.05 -11.20 9.44
N ALA A 32 -1.66 -10.94 8.20
CA ALA A 32 -0.32 -10.42 7.92
C ALA A 32 -0.30 -8.90 7.99
N ALA A 33 -1.46 -8.31 8.24
CA ALA A 33 -1.57 -6.85 8.33
C ALA A 33 -2.64 -6.46 9.35
N SER A 34 -2.74 -7.23 10.43
CA SER A 34 -3.72 -6.94 11.47
C SER A 34 -3.21 -5.86 12.41
N THR A 35 -1.91 -5.59 12.34
CA THR A 35 -1.31 -4.56 13.19
C THR A 35 -1.47 -4.93 14.66
N ASP A 36 -0.76 -5.98 15.07
CA ASP A 36 -0.82 -6.42 16.47
C ASP A 36 0.21 -7.52 16.72
N LEU A 37 0.42 -8.37 15.72
CA LEU A 37 1.39 -9.45 15.85
C LEU A 37 2.81 -8.94 15.69
N PRO A 38 3.76 -9.53 16.35
CA PRO A 38 5.19 -9.12 16.28
C PRO A 38 5.63 -8.86 14.84
N ILE A 39 6.85 -8.36 14.69
CA ILE A 39 7.39 -8.07 13.35
C ILE A 39 7.72 -9.37 12.63
N GLU A 40 8.18 -10.36 13.38
CA GLU A 40 8.54 -11.64 12.78
C GLU A 40 7.35 -12.25 12.06
N THR A 41 6.36 -12.71 12.82
CA THR A 41 5.17 -13.31 12.23
C THR A 41 4.65 -12.45 11.07
N ALA A 42 4.64 -11.13 11.28
CA ALA A 42 4.17 -10.22 10.24
C ALA A 42 5.01 -10.35 8.98
N ALA A 43 6.30 -10.09 9.11
CA ALA A 43 7.21 -10.18 7.98
C ALA A 43 7.15 -11.57 7.35
N MET A 44 7.38 -12.60 8.17
CA MET A 44 7.35 -13.97 7.69
C MET A 44 6.12 -14.20 6.82
N ALA A 45 4.95 -13.87 7.36
CA ALA A 45 3.70 -14.05 6.61
C ALA A 45 3.84 -13.52 5.19
N SER A 46 4.12 -12.22 5.08
CA SER A 46 4.28 -11.60 3.76
C SER A 46 5.15 -12.47 2.86
N LEU A 47 6.20 -13.03 3.43
CA LEU A 47 7.11 -13.88 2.67
C LEU A 47 6.37 -15.11 2.13
N ALA A 48 5.59 -15.75 3.00
CA ALA A 48 4.83 -16.93 2.59
C ALA A 48 4.12 -16.68 1.27
N LEU A 49 3.37 -15.57 1.21
CA LEU A 49 2.63 -15.23 0.00
C LEU A 49 3.59 -15.03 -1.17
N ALA A 50 4.57 -14.16 -0.98
CA ALA A 50 5.54 -13.89 -2.04
C ALA A 50 6.00 -15.18 -2.70
N HIS A 51 6.51 -16.10 -1.88
CA HIS A 51 6.98 -17.38 -2.40
C HIS A 51 5.93 -18.01 -3.31
N VAL A 52 4.71 -18.15 -2.79
CA VAL A 52 3.62 -18.74 -3.58
C VAL A 52 3.29 -17.86 -4.78
N PHE A 53 2.73 -16.69 -4.51
CA PHE A 53 2.36 -15.77 -5.58
C PHE A 53 3.62 -15.09 -6.15
N VAL A 54 4.74 -15.79 -6.08
CA VAL A 54 5.99 -15.25 -6.60
C VAL A 54 5.84 -14.84 -8.06
N GLY A 55 5.12 -15.66 -8.83
CA GLY A 55 4.91 -15.39 -10.24
C GLY A 55 3.96 -14.21 -10.43
N THR A 56 2.66 -14.50 -10.44
CA THR A 56 1.66 -13.45 -10.61
C THR A 56 1.80 -12.40 -9.52
N CYS A 57 0.80 -11.53 -9.42
CA CYS A 57 0.82 -10.48 -8.41
C CYS A 57 -0.49 -9.67 -8.45
N ASN A 58 -0.59 -8.70 -7.55
CA ASN A 58 -1.79 -7.86 -7.50
C ASN A 58 -1.49 -6.55 -6.77
N GLY A 59 -2.38 -5.58 -6.93
CA GLY A 59 -2.20 -4.28 -6.29
C GLY A 59 -2.55 -4.36 -4.81
N ASP A 60 -3.72 -4.90 -4.50
CA ASP A 60 -4.16 -5.02 -3.11
C ASP A 60 -3.02 -5.54 -2.25
N ILE A 61 -2.33 -6.56 -2.72
CA ILE A 61 -1.22 -7.14 -1.97
C ILE A 61 -0.21 -6.07 -1.59
N THR A 62 0.36 -5.42 -2.60
CA THR A 62 1.34 -4.36 -2.36
C THR A 62 0.73 -3.24 -1.53
N THR A 63 -0.57 -3.06 -1.67
CA THR A 63 -1.27 -2.01 -0.92
C THR A 63 -1.12 -2.24 0.58
N SER A 64 -1.48 -3.43 1.04
CA SER A 64 -1.38 -3.76 2.46
C SER A 64 0.07 -3.66 2.91
N ILE A 65 0.97 -4.22 2.11
CA ILE A 65 2.39 -4.20 2.43
C ILE A 65 2.89 -2.76 2.51
N MET A 66 2.28 -1.88 1.71
CA MET A 66 2.68 -0.48 1.71
C MET A 66 2.47 0.14 3.09
N ASP A 67 1.22 0.20 3.52
CA ASP A 67 0.91 0.78 4.83
C ASP A 67 1.89 0.26 5.88
N ASN A 68 2.12 -1.05 5.86
CA ASN A 68 3.05 -1.66 6.82
C ASN A 68 4.41 -0.98 6.75
N PHE A 69 4.82 -0.61 5.54
CA PHE A 69 6.10 0.05 5.35
C PHE A 69 6.15 1.36 6.13
N LEU A 70 5.06 2.12 6.06
CA LEU A 70 4.99 3.39 6.77
C LEU A 70 5.26 3.19 8.25
N GLU A 71 4.76 2.08 8.79
CA GLU A 71 4.95 1.77 10.19
C GLU A 71 6.33 1.14 10.42
N ARG A 72 7.35 1.80 9.91
CA ARG A 72 8.72 1.31 10.05
C ARG A 72 8.91 0.64 11.42
N THR A 73 8.42 1.29 12.46
CA THR A 73 8.54 0.74 13.81
C THR A 73 10.00 0.40 14.12
N ALA A 74 10.38 -0.84 13.83
CA ALA A 74 11.74 -1.27 14.10
C ALA A 74 12.21 -0.70 15.43
N ILE A 75 11.25 -0.33 16.26
CA ILE A 75 11.56 0.25 17.56
C ILE A 75 11.43 -0.80 18.66
N GLU A 76 11.06 -2.02 18.27
CA GLU A 76 10.91 -3.10 19.23
C GLU A 76 12.20 -3.92 19.33
N LEU A 77 12.74 -4.30 18.17
CA LEU A 77 13.96 -5.08 18.13
C LEU A 77 14.46 -5.22 16.70
N LYS A 78 15.50 -4.47 16.37
CA LYS A 78 16.08 -4.52 15.02
C LYS A 78 16.44 -5.96 14.65
N THR A 79 16.18 -6.31 13.40
CA THR A 79 16.48 -7.66 12.91
C THR A 79 16.78 -7.64 11.42
N ASP A 80 17.47 -8.68 10.95
CA ASP A 80 17.82 -8.78 9.54
C ASP A 80 16.60 -9.21 8.71
N TRP A 81 16.21 -8.37 7.75
CA TRP A 81 15.07 -8.68 6.90
C TRP A 81 14.87 -7.59 5.85
N VAL A 82 15.64 -6.51 5.98
CA VAL A 82 15.53 -5.41 5.04
C VAL A 82 15.65 -5.91 3.60
N ARG A 83 16.32 -7.05 3.43
CA ARG A 83 16.49 -7.63 2.11
C ARG A 83 15.15 -8.12 1.56
N PHE A 84 14.53 -9.05 2.28
CA PHE A 84 13.25 -9.60 1.86
C PHE A 84 12.27 -8.47 1.52
N LEU A 85 12.17 -7.49 2.42
CA LEU A 85 11.27 -6.37 2.20
C LEU A 85 11.58 -5.68 0.88
N ALA A 86 12.69 -4.94 0.85
CA ALA A 86 13.09 -4.24 -0.36
C ALA A 86 12.93 -5.13 -1.59
N LEU A 87 13.57 -6.30 -1.54
CA LEU A 87 13.49 -7.24 -2.66
C LEU A 87 12.05 -7.39 -3.12
N ALA A 88 11.15 -7.65 -2.18
CA ALA A 88 9.73 -7.81 -2.51
C ALA A 88 9.27 -6.70 -3.46
N LEU A 89 9.19 -5.48 -2.94
CA LEU A 89 8.78 -4.34 -3.76
C LEU A 89 9.53 -4.33 -5.09
N GLY A 90 10.59 -5.13 -5.18
CA GLY A 90 11.38 -5.20 -6.41
C GLY A 90 11.00 -6.44 -7.22
N ILE A 91 11.56 -7.58 -6.83
CA ILE A 91 11.28 -8.83 -7.53
C ILE A 91 9.79 -8.95 -7.84
N LEU A 92 8.96 -8.47 -6.92
CA LEU A 92 7.51 -8.53 -7.12
C LEU A 92 7.15 -8.18 -8.55
N TYR A 93 7.54 -6.99 -8.99
CA TYR A 93 7.25 -6.54 -10.34
C TYR A 93 8.30 -7.05 -11.31
N MET A 94 7.91 -8.00 -12.16
CA MET A 94 8.84 -8.57 -13.14
C MET A 94 9.56 -7.45 -13.90
N GLY A 95 8.81 -6.41 -14.26
CA GLY A 95 9.39 -5.29 -14.99
C GLY A 95 8.36 -4.20 -15.24
N GLN A 96 7.10 -4.50 -14.90
CA GLN A 96 6.03 -3.54 -15.08
C GLN A 96 6.42 -2.17 -14.54
N GLY A 97 6.55 -1.20 -15.43
CA GLY A 97 6.92 0.16 -15.02
C GLY A 97 5.72 0.90 -14.45
N GLU A 98 4.53 0.44 -14.81
CA GLU A 98 3.30 1.08 -14.32
C GLU A 98 3.21 0.98 -12.80
N GLN A 99 2.81 -0.19 -12.32
CA GLN A 99 2.67 -0.40 -10.89
C GLN A 99 3.82 0.28 -10.14
N VAL A 100 4.99 0.31 -10.76
CA VAL A 100 6.16 0.94 -10.15
C VAL A 100 5.96 2.45 -10.03
N ASP A 101 5.46 3.06 -11.09
CA ASP A 101 5.23 4.50 -11.10
C ASP A 101 4.37 4.90 -9.90
N ASP A 102 3.46 4.02 -9.52
CA ASP A 102 2.57 4.29 -8.38
C ASP A 102 3.35 4.20 -7.08
N VAL A 103 4.32 3.30 -7.03
CA VAL A 103 5.13 3.12 -5.82
C VAL A 103 6.00 4.36 -5.58
N LEU A 104 7.02 4.53 -6.42
CA LEU A 104 7.92 5.67 -6.29
C LEU A 104 7.14 6.93 -5.97
N GLU A 105 5.96 7.07 -6.57
CA GLU A 105 5.12 8.24 -6.34
C GLU A 105 4.71 8.32 -4.87
N THR A 106 4.15 7.22 -4.36
CA THR A 106 3.71 7.17 -2.97
C THR A 106 4.89 7.38 -2.03
N ILE A 107 6.05 6.88 -2.41
CA ILE A 107 7.25 7.01 -1.59
C ILE A 107 7.74 8.46 -1.58
N SER A 108 8.31 8.88 -2.70
CA SER A 108 8.82 10.25 -2.82
C SER A 108 7.78 11.25 -2.31
N ALA A 109 6.56 10.78 -2.10
CA ALA A 109 5.49 11.65 -1.63
C ALA A 109 5.51 11.74 -0.10
N ILE A 110 4.79 10.85 0.55
CA ILE A 110 4.73 10.83 2.01
C ILE A 110 6.09 11.18 2.60
N GLU A 111 6.15 12.28 3.34
CA GLU A 111 7.40 12.71 3.96
C GLU A 111 8.12 11.53 4.60
N HIS A 112 8.98 10.88 3.82
CA HIS A 112 9.72 9.72 4.32
C HIS A 112 11.00 9.52 3.51
N PRO A 113 12.01 10.29 3.79
CA PRO A 113 13.32 10.20 3.08
C PRO A 113 14.11 8.98 3.52
N MET A 114 15.44 9.08 3.42
CA MET A 114 16.31 7.97 3.81
C MET A 114 15.75 6.65 3.32
N THR A 115 15.20 6.66 2.09
CA THR A 115 14.63 5.45 1.52
C THR A 115 15.11 5.27 0.09
N SER A 116 16.16 6.00 -0.29
CA SER A 116 16.70 5.91 -1.63
C SER A 116 16.86 4.46 -2.05
N ALA A 117 17.42 3.65 -1.17
CA ALA A 117 17.63 2.23 -1.47
C ALA A 117 16.39 1.65 -2.16
N ILE A 118 15.22 2.03 -1.68
CA ILE A 118 13.97 1.54 -2.26
C ILE A 118 13.69 2.24 -3.59
N GLU A 119 14.21 3.45 -3.73
CA GLU A 119 14.01 4.22 -4.96
C GLU A 119 14.94 3.72 -6.05
N VAL A 120 16.24 3.83 -5.80
CA VAL A 120 17.24 3.39 -6.78
C VAL A 120 17.02 1.93 -7.16
N LEU A 121 16.63 1.13 -6.18
CA LEU A 121 16.39 -0.29 -6.40
C LEU A 121 15.24 -0.49 -7.40
N VAL A 122 14.02 -0.29 -6.93
CA VAL A 122 12.85 -0.44 -7.78
C VAL A 122 12.95 0.46 -9.01
N GLY A 123 13.69 1.56 -8.86
CA GLY A 123 13.86 2.50 -9.96
C GLY A 123 14.79 1.93 -11.03
N SER A 124 15.87 1.29 -10.60
CA SER A 124 16.83 0.70 -11.52
C SER A 124 16.13 -0.31 -12.44
N CYS A 125 15.31 -1.17 -11.84
CA CYS A 125 14.59 -2.18 -12.61
C CYS A 125 13.36 -1.57 -13.28
N ALA A 126 12.72 -2.34 -14.14
CA ALA A 126 11.51 -1.86 -14.83
C ALA A 126 11.85 -0.65 -15.70
N TYR A 127 10.91 0.28 -15.79
CA TYR A 127 11.12 1.48 -16.59
C TYR A 127 10.26 2.63 -16.06
N THR A 128 10.91 3.60 -15.42
CA THR A 128 10.20 4.75 -14.86
C THR A 128 9.89 5.75 -15.96
N GLY A 129 8.87 6.59 -15.73
CA GLY A 129 8.49 7.59 -16.70
C GLY A 129 7.06 8.08 -16.44
N THR A 130 6.93 9.07 -15.57
CA THR A 130 5.63 9.62 -15.23
C THR A 130 4.98 10.24 -16.46
N GLY A 131 3.67 10.45 -16.40
CA GLY A 131 2.94 11.03 -17.52
C GLY A 131 1.47 11.23 -17.17
N MET B 1 -19.02 23.32 -7.44
CA MET B 1 -19.41 22.13 -8.26
C MET B 1 -18.17 21.55 -8.92
N VAL B 2 -17.17 21.20 -8.11
CA VAL B 2 -15.94 20.63 -8.64
C VAL B 2 -15.94 19.11 -8.48
N SER B 3 -15.55 18.42 -9.55
CA SER B 3 -15.51 16.96 -9.54
C SER B 3 -14.10 16.48 -9.86
N LEU B 4 -13.42 15.91 -8.86
CA LEU B 4 -12.07 15.43 -9.05
C LEU B 4 -12.04 13.92 -9.24
N THR B 5 -10.83 13.37 -9.23
CA THR B 5 -10.65 11.93 -9.40
C THR B 5 -9.68 11.38 -8.37
N PHE B 6 -10.20 10.61 -7.42
CA PHE B 6 -9.36 10.03 -6.38
C PHE B 6 -8.88 8.65 -6.81
N LYS B 7 -7.58 8.52 -7.07
CA LYS B 7 -7.02 7.24 -7.49
C LYS B 7 -6.21 6.59 -6.37
N ASN B 8 -6.26 5.27 -6.31
CA ASN B 8 -5.53 4.53 -5.28
C ASN B 8 -4.21 3.99 -5.82
N PHE B 9 -4.03 2.68 -5.70
CA PHE B 9 -2.82 2.03 -6.17
C PHE B 9 -3.13 1.02 -7.27
N LYS B 10 -4.43 0.80 -7.51
CA LYS B 10 -4.86 -0.13 -8.54
C LYS B 10 -5.11 0.63 -9.83
N LYS B 11 -4.66 1.88 -9.85
CA LYS B 11 -4.82 2.73 -11.01
C LYS B 11 -6.30 2.95 -11.31
N GLU B 12 -7.14 2.79 -10.30
CA GLU B 12 -8.57 2.98 -10.45
C GLU B 12 -8.97 4.38 -10.02
N LYS B 13 -9.81 5.03 -10.82
CA LYS B 13 -10.27 6.38 -10.51
C LYS B 13 -11.57 6.34 -9.73
N VAL B 14 -11.65 7.17 -8.69
CA VAL B 14 -12.85 7.24 -7.87
C VAL B 14 -13.42 8.66 -7.90
N PRO B 15 -14.05 9.03 -8.98
CA PRO B 15 -14.64 10.38 -9.16
C PRO B 15 -15.40 10.84 -7.92
N LEU B 16 -15.35 12.14 -7.68
CA LEU B 16 -16.05 12.72 -6.53
C LEU B 16 -16.43 14.17 -6.80
N ASP B 17 -17.12 14.78 -5.85
CA ASP B 17 -17.54 16.16 -5.98
C ASP B 17 -17.28 16.91 -4.67
N LEU B 18 -16.73 18.12 -4.79
CA LEU B 18 -16.43 18.91 -3.61
C LEU B 18 -16.73 20.38 -3.84
N GLU B 19 -16.31 21.21 -2.89
CA GLU B 19 -16.52 22.65 -2.98
C GLU B 19 -15.31 23.40 -2.42
N PRO B 20 -15.11 24.62 -2.86
CA PRO B 20 -13.97 25.45 -2.40
C PRO B 20 -13.83 25.40 -0.89
N SER B 21 -14.96 25.23 -0.21
CA SER B 21 -14.97 25.16 1.24
C SER B 21 -14.82 23.73 1.73
N ASN B 22 -15.47 22.79 1.06
CA ASN B 22 -15.36 21.39 1.47
C ASN B 22 -13.93 21.10 1.88
N THR B 23 -13.78 20.45 3.03
CA THR B 23 -12.44 20.14 3.52
C THR B 23 -12.10 18.67 3.24
N ILE B 24 -10.80 18.37 3.26
CA ILE B 24 -10.33 17.03 3.00
C ILE B 24 -11.03 16.03 3.92
N LEU B 25 -11.50 16.50 5.06
CA LEU B 25 -12.19 15.62 5.98
C LEU B 25 -13.40 15.03 5.29
N GLU B 26 -14.15 15.89 4.61
CA GLU B 26 -15.34 15.47 3.89
C GLU B 26 -14.96 14.61 2.69
N THR B 27 -13.99 15.05 1.90
CA THR B 27 -13.58 14.27 0.74
C THR B 27 -13.10 12.91 1.23
N LYS B 28 -12.47 12.92 2.39
CA LYS B 28 -11.98 11.69 3.00
C LYS B 28 -13.16 10.82 3.43
N THR B 29 -14.17 11.46 4.03
CA THR B 29 -15.35 10.72 4.48
C THR B 29 -16.06 10.10 3.29
N LYS B 30 -16.39 10.93 2.30
CA LYS B 30 -17.06 10.43 1.10
C LYS B 30 -16.22 9.32 0.46
N LEU B 31 -15.00 9.67 0.06
CA LEU B 31 -14.12 8.70 -0.56
C LEU B 31 -14.23 7.35 0.14
N ALA B 32 -14.61 7.38 1.42
CA ALA B 32 -14.75 6.16 2.20
C ALA B 32 -16.17 5.61 2.05
N GLN B 33 -17.14 6.50 1.92
CA GLN B 33 -18.53 6.09 1.77
C GLN B 33 -18.82 5.76 0.31
N SER B 34 -17.80 5.89 -0.53
CA SER B 34 -17.93 5.59 -1.95
C SER B 34 -17.38 4.21 -2.24
N ILE B 35 -16.24 3.91 -1.63
CA ILE B 35 -15.61 2.62 -1.80
C ILE B 35 -16.15 1.65 -0.76
N SER B 36 -16.73 2.20 0.32
CA SER B 36 -17.29 1.38 1.39
C SER B 36 -16.29 1.19 2.51
N CYS B 37 -15.33 2.11 2.61
CA CYS B 37 -14.32 2.02 3.66
C CYS B 37 -14.41 3.25 4.57
N GLU B 38 -13.46 3.37 5.49
CA GLU B 38 -13.44 4.50 6.41
C GLU B 38 -12.32 5.47 6.03
N GLU B 39 -12.34 6.65 6.64
CA GLU B 39 -11.33 7.66 6.36
C GLU B 39 -10.29 7.70 7.47
N SER B 40 -10.44 6.83 8.45
CA SER B 40 -9.51 6.76 9.57
C SER B 40 -8.20 6.09 9.17
N GLN B 41 -8.17 5.52 7.97
CA GLN B 41 -6.97 4.85 7.48
C GLN B 41 -6.55 5.48 6.16
N ILE B 42 -7.53 6.00 5.45
CA ILE B 42 -7.30 6.64 4.16
C ILE B 42 -6.25 7.72 4.27
N LYS B 43 -5.56 7.94 3.15
CA LYS B 43 -4.52 8.96 3.09
C LYS B 43 -4.74 9.85 1.87
N LEU B 44 -5.47 10.95 2.07
CA LEU B 44 -5.77 11.86 0.99
C LEU B 44 -4.54 12.63 0.53
N ILE B 45 -3.94 12.19 -0.57
CA ILE B 45 -2.76 12.83 -1.11
C ILE B 45 -3.12 13.74 -2.27
N TYR B 46 -2.15 14.55 -2.70
CA TYR B 46 -2.36 15.46 -3.82
C TYR B 46 -1.06 15.60 -4.61
N SER B 47 -1.00 14.91 -5.74
CA SER B 47 0.21 14.96 -6.57
C SER B 47 1.40 14.47 -5.77
N GLY B 48 1.20 13.42 -4.99
CA GLY B 48 2.26 12.85 -4.18
C GLY B 48 2.53 13.72 -2.96
N LYS B 49 1.48 14.38 -2.47
CA LYS B 49 1.62 15.25 -1.30
C LYS B 49 0.48 15.03 -0.31
N VAL B 50 0.61 13.99 0.51
CA VAL B 50 -0.42 13.67 1.50
C VAL B 50 -1.07 14.94 2.04
N LEU B 51 -2.26 15.25 1.53
CA LEU B 51 -2.98 16.45 1.99
C LEU B 51 -3.17 16.41 3.50
N GLN B 52 -4.08 17.24 4.00
CA GLN B 52 -4.35 17.29 5.43
C GLN B 52 -5.77 16.81 5.73
N ASP B 53 -6.30 17.24 6.87
CA ASP B 53 -7.65 16.85 7.27
C ASP B 53 -8.50 18.08 7.53
N SER B 54 -7.85 19.22 7.76
CA SER B 54 -8.55 20.47 8.02
C SER B 54 -8.37 21.44 6.87
N LYS B 55 -7.91 20.93 5.72
CA LYS B 55 -7.70 21.77 4.56
C LYS B 55 -8.72 21.43 3.48
N THR B 56 -9.25 22.48 2.83
CA THR B 56 -10.24 22.27 1.77
C THR B 56 -9.59 22.40 0.40
N VAL B 57 -10.39 22.23 -0.64
CA VAL B 57 -9.88 22.31 -2.00
C VAL B 57 -9.12 23.62 -2.20
N SER B 58 -9.68 24.71 -1.69
CA SER B 58 -9.04 26.01 -1.81
C SER B 58 -7.70 26.01 -1.08
N GLU B 59 -7.64 25.28 0.03
CA GLU B 59 -6.43 25.19 0.82
C GLU B 59 -5.47 24.18 0.20
N CYS B 60 -6.03 23.20 -0.49
CA CYS B 60 -5.22 22.17 -1.14
C CYS B 60 -4.67 22.69 -2.46
N GLY B 61 -5.45 23.54 -3.13
CA GLY B 61 -5.03 24.11 -4.40
C GLY B 61 -5.73 23.42 -5.57
N LEU B 62 -6.61 22.47 -5.25
CA LEU B 62 -7.33 21.75 -6.28
C LEU B 62 -8.21 22.69 -7.09
N LYS B 63 -8.69 22.21 -8.22
CA LYS B 63 -9.54 23.01 -9.09
C LYS B 63 -10.77 22.21 -9.51
N ASP B 64 -11.42 22.65 -10.59
CA ASP B 64 -12.62 21.98 -11.07
C ASP B 64 -12.27 20.97 -12.16
N GLY B 65 -12.49 19.70 -11.88
CA GLY B 65 -12.21 18.65 -12.85
C GLY B 65 -10.74 18.23 -12.83
N ASP B 66 -10.19 18.04 -11.64
CA ASP B 66 -8.79 17.62 -11.52
C ASP B 66 -8.71 16.19 -11.02
N GLN B 67 -7.54 15.82 -10.50
CA GLN B 67 -7.34 14.47 -9.97
C GLN B 67 -6.55 14.50 -8.67
N VAL B 68 -6.98 13.70 -7.71
CA VAL B 68 -6.29 13.64 -6.42
C VAL B 68 -5.75 12.25 -6.17
N VAL B 69 -4.61 12.18 -5.50
CA VAL B 69 -3.99 10.89 -5.19
C VAL B 69 -4.28 10.52 -3.74
N PHE B 70 -4.67 9.27 -3.51
CA PHE B 70 -4.98 8.82 -2.16
C PHE B 70 -4.60 7.35 -1.97
N MET B 71 -4.73 6.88 -0.73
CA MET B 71 -4.43 5.50 -0.40
C MET B 71 -5.20 5.10 0.84
N VAL B 72 -5.83 3.94 0.78
CA VAL B 72 -6.62 3.44 1.90
C VAL B 72 -6.00 2.19 2.50
N SER B 73 -6.14 2.03 3.81
CA SER B 73 -5.59 0.88 4.49
C SER B 73 -6.64 -0.24 4.59
N GLN B 74 -6.18 -1.47 4.81
CA GLN B 74 -7.08 -2.60 4.92
C GLN B 74 -7.57 -2.75 6.35
N LYS B 75 -6.83 -2.17 7.30
CA LYS B 75 -7.20 -2.24 8.71
C LYS B 75 -8.71 -2.12 8.87
N LYS B 76 -9.41 -3.26 8.86
CA LYS B 76 -10.85 -3.27 9.01
C LYS B 76 -11.25 -2.93 10.44
N SER B 77 -12.49 -2.50 10.62
CA SER B 77 -12.97 -2.15 11.95
C SER B 77 -13.17 -3.39 12.80
N THR B 78 -14.18 -4.19 12.46
CA THR B 78 -14.46 -5.41 13.19
C THR B 78 -13.46 -6.50 12.83
N ASP A 1 6.05 -20.61 19.37
CA ASP A 1 7.02 -21.22 20.33
C ASP A 1 8.43 -20.94 19.84
N THR A 2 8.99 -21.87 19.08
CA THR A 2 10.34 -21.71 18.55
C THR A 2 10.66 -22.82 17.55
N LYS A 3 9.62 -23.41 16.98
CA LYS A 3 9.79 -24.48 16.00
C LYS A 3 8.49 -24.72 15.24
N ILE A 4 7.39 -24.83 15.98
CA ILE A 4 6.09 -25.07 15.36
C ILE A 4 5.66 -23.87 14.53
N SER A 5 6.30 -22.73 14.77
CA SER A 5 5.98 -21.51 14.04
C SER A 5 6.50 -21.60 12.61
N SER A 6 7.79 -21.33 12.44
CA SER A 6 8.40 -21.37 11.11
C SER A 6 7.99 -22.65 10.38
N ALA A 7 8.07 -23.78 11.08
CA ALA A 7 7.72 -25.07 10.50
C ALA A 7 6.36 -24.97 9.80
N ALA A 8 5.41 -24.32 10.45
CA ALA A 8 4.07 -24.17 9.88
C ALA A 8 4.12 -23.32 8.62
N ILE A 9 4.69 -22.13 8.73
CA ILE A 9 4.79 -21.23 7.58
C ILE A 9 5.46 -21.94 6.42
N LEU A 10 6.49 -22.74 6.71
CA LEU A 10 7.20 -23.46 5.67
C LEU A 10 6.25 -24.34 4.87
N GLY A 11 5.90 -25.50 5.42
CA GLY A 11 4.99 -26.41 4.75
C GLY A 11 3.75 -25.69 4.26
N LEU A 12 2.99 -25.11 5.19
CA LEU A 12 1.78 -24.39 4.83
C LEU A 12 2.02 -23.49 3.63
N GLY A 13 3.18 -22.82 3.62
CA GLY A 13 3.52 -21.93 2.52
C GLY A 13 3.52 -22.67 1.20
N ILE A 14 4.34 -23.71 1.10
CA ILE A 14 4.42 -24.50 -0.13
C ILE A 14 3.23 -25.44 -0.24
N ALA A 15 2.22 -25.23 0.60
CA ALA A 15 1.03 -26.07 0.59
C ALA A 15 -0.04 -25.46 -0.33
N PHE A 16 -0.52 -24.28 0.05
CA PHE A 16 -1.55 -23.60 -0.75
C PHE A 16 -0.92 -22.93 -1.96
N ALA A 17 0.31 -23.30 -2.29
CA ALA A 17 1.00 -22.73 -3.43
C ALA A 17 0.09 -22.68 -4.65
N GLY A 18 -0.06 -23.82 -5.31
CA GLY A 18 -0.91 -23.90 -6.49
C GLY A 18 -2.36 -23.61 -6.14
N SER A 19 -2.67 -22.35 -5.92
CA SER A 19 -4.04 -21.95 -5.57
C SER A 19 -4.25 -20.47 -5.85
N LYS A 20 -4.71 -20.16 -7.06
CA LYS A 20 -4.96 -18.77 -7.44
C LYS A 20 -6.33 -18.32 -6.96
N ASN A 21 -6.55 -18.43 -5.65
CA ASN A 21 -7.83 -18.02 -5.07
C ASN A 21 -7.65 -16.76 -4.24
N ASP A 22 -8.70 -15.93 -4.20
CA ASP A 22 -8.66 -14.69 -3.44
C ASP A 22 -8.72 -14.98 -1.94
N GLU A 23 -8.38 -16.21 -1.56
CA GLU A 23 -8.41 -16.60 -0.16
C GLU A 23 -7.04 -16.39 0.48
N VAL A 24 -6.02 -17.01 -0.10
CA VAL A 24 -4.67 -16.88 0.42
C VAL A 24 -4.37 -15.44 0.79
N LEU A 25 -4.87 -14.51 -0.04
CA LEU A 25 -4.65 -13.09 0.21
C LEU A 25 -5.65 -12.57 1.24
N GLY A 26 -6.92 -12.89 1.02
CA GLY A 26 -7.97 -12.45 1.94
C GLY A 26 -7.89 -13.20 3.26
N LEU A 27 -6.75 -13.83 3.52
CA LEU A 27 -6.57 -14.59 4.75
C LEU A 27 -5.36 -14.08 5.53
N LEU A 28 -4.21 -14.03 4.85
CA LEU A 28 -2.99 -13.54 5.49
C LEU A 28 -3.10 -12.06 5.82
N LEU A 29 -3.38 -11.24 4.81
CA LEU A 29 -3.51 -9.80 5.02
C LEU A 29 -4.35 -9.51 6.26
N PRO A 30 -5.60 -9.88 6.24
CA PRO A 30 -6.53 -9.65 7.39
C PRO A 30 -5.88 -10.02 8.73
N ILE A 31 -5.21 -11.17 8.75
CA ILE A 31 -4.56 -11.62 9.98
C ILE A 31 -3.37 -10.71 10.31
N ALA A 32 -2.36 -10.73 9.45
CA ALA A 32 -1.18 -9.90 9.67
C ALA A 32 -1.55 -8.42 9.70
N ALA A 33 -2.77 -8.11 9.27
CA ALA A 33 -3.23 -6.73 9.25
C ALA A 33 -4.46 -6.57 10.15
N SER A 34 -4.35 -7.05 11.39
CA SER A 34 -5.45 -6.95 12.34
C SER A 34 -5.16 -5.88 13.39
N THR A 35 -4.08 -6.09 14.14
CA THR A 35 -3.70 -5.15 15.18
C THR A 35 -2.19 -5.14 15.37
N ASP A 36 -1.73 -5.68 16.50
CA ASP A 36 -0.30 -5.74 16.78
C ASP A 36 0.45 -6.43 15.64
N LEU A 37 0.92 -7.64 15.91
CA LEU A 37 1.65 -8.40 14.90
C LEU A 37 2.63 -7.50 14.16
N PRO A 38 3.75 -7.20 14.77
CA PRO A 38 4.80 -6.34 14.18
C PRO A 38 5.58 -7.07 13.09
N ILE A 39 6.80 -6.59 12.82
CA ILE A 39 7.65 -7.21 11.81
C ILE A 39 8.16 -8.56 12.28
N GLU A 40 7.42 -9.18 13.19
CA GLU A 40 7.82 -10.48 13.73
C GLU A 40 7.25 -11.61 12.88
N THR A 41 5.91 -11.68 12.82
CA THR A 41 5.24 -12.71 12.05
C THR A 41 4.89 -12.19 10.66
N ALA A 42 4.88 -10.87 10.52
CA ALA A 42 4.55 -10.26 9.24
C ALA A 42 5.53 -10.71 8.16
N ALA A 43 6.82 -10.43 8.39
CA ALA A 43 7.85 -10.81 7.43
C ALA A 43 7.65 -12.25 6.97
N MET A 44 7.46 -13.15 7.94
CA MET A 44 7.26 -14.56 7.63
C MET A 44 6.17 -14.73 6.57
N ALA A 45 4.92 -14.61 6.99
CA ALA A 45 3.79 -14.76 6.07
C ALA A 45 4.05 -13.99 4.78
N SER A 46 4.43 -12.71 4.92
CA SER A 46 4.71 -11.88 3.77
C SER A 46 5.63 -12.60 2.79
N LEU A 47 6.53 -13.41 3.33
CA LEU A 47 7.46 -14.16 2.49
C LEU A 47 6.74 -15.23 1.70
N ALA A 48 6.19 -16.21 2.40
CA ALA A 48 5.48 -17.30 1.74
C ALA A 48 4.45 -16.74 0.75
N LEU A 49 3.81 -15.64 1.12
CA LEU A 49 2.82 -15.01 0.26
C LEU A 49 3.41 -14.72 -1.12
N ALA A 50 4.41 -13.84 -1.16
CA ALA A 50 5.06 -13.50 -2.41
C ALA A 50 5.54 -14.74 -3.14
N HIS A 51 6.17 -15.65 -2.39
CA HIS A 51 6.68 -16.89 -2.98
C HIS A 51 5.65 -17.50 -3.91
N VAL A 52 4.39 -17.55 -3.45
CA VAL A 52 3.32 -18.11 -4.26
C VAL A 52 2.93 -17.16 -5.39
N PHE A 53 2.40 -16.00 -5.01
CA PHE A 53 2.00 -15.00 -6.00
C PHE A 53 3.20 -14.24 -6.54
N VAL A 54 4.33 -14.93 -6.65
CA VAL A 54 5.55 -14.31 -7.15
C VAL A 54 5.38 -13.86 -8.59
N GLY A 55 4.56 -14.60 -9.35
CA GLY A 55 4.32 -14.28 -10.74
C GLY A 55 3.39 -13.07 -10.86
N THR A 56 2.12 -13.28 -10.52
CA THR A 56 1.14 -12.20 -10.60
C THR A 56 1.31 -11.24 -9.42
N CYS A 57 0.40 -10.28 -9.32
CA CYS A 57 0.45 -9.31 -8.23
C CYS A 57 -0.77 -8.39 -8.27
N ASN A 58 -0.92 -7.56 -7.24
CA ASN A 58 -2.05 -6.65 -7.16
C ASN A 58 -1.76 -5.52 -6.18
N GLY A 59 -2.63 -4.51 -6.17
CA GLY A 59 -2.45 -3.38 -5.27
C GLY A 59 -2.70 -3.79 -3.82
N ASP A 60 -3.77 -4.55 -3.60
CA ASP A 60 -4.11 -4.99 -2.26
C ASP A 60 -2.88 -5.51 -1.54
N ILE A 61 -2.11 -6.36 -2.22
CA ILE A 61 -0.90 -6.93 -1.63
C ILE A 61 0.08 -5.81 -1.25
N THR A 62 0.16 -4.79 -2.10
CA THR A 62 1.05 -3.67 -1.85
C THR A 62 0.44 -2.70 -0.84
N THR A 63 -0.85 -2.89 -0.55
CA THR A 63 -1.54 -2.04 0.39
C THR A 63 -1.11 -2.37 1.83
N SER A 64 -1.20 -3.64 2.18
CA SER A 64 -0.81 -4.07 3.52
C SER A 64 0.70 -4.02 3.69
N ILE A 65 1.41 -4.38 2.63
CA ILE A 65 2.88 -4.36 2.67
C ILE A 65 3.39 -2.93 2.80
N MET A 66 2.95 -2.06 1.90
CA MET A 66 3.36 -0.66 1.93
C MET A 66 3.20 -0.09 3.32
N ASP A 67 2.04 -0.31 3.93
CA ASP A 67 1.78 0.19 5.27
C ASP A 67 2.88 -0.24 6.23
N ASN A 68 3.25 -1.52 6.15
CA ASN A 68 4.29 -2.04 7.02
C ASN A 68 5.57 -1.20 6.90
N PHE A 69 6.00 -0.97 5.67
CA PHE A 69 7.20 -0.17 5.44
C PHE A 69 7.11 1.16 6.19
N LEU A 70 5.99 1.85 6.00
CA LEU A 70 5.80 3.14 6.66
C LEU A 70 5.77 2.98 8.17
N GLU A 71 5.17 1.88 8.63
CA GLU A 71 5.07 1.61 10.07
C GLU A 71 6.46 1.36 10.64
N ARG A 72 6.91 0.11 10.58
CA ARG A 72 8.23 -0.24 11.11
C ARG A 72 8.35 0.19 12.57
N THR A 73 8.43 -0.79 13.47
CA THR A 73 8.55 -0.51 14.89
C THR A 73 10.01 -0.28 15.26
N ALA A 74 10.91 -0.87 14.49
CA ALA A 74 12.34 -0.75 14.76
C ALA A 74 12.63 -1.16 16.20
N ILE A 75 11.61 -1.68 16.86
CA ILE A 75 11.74 -2.13 18.24
C ILE A 75 12.72 -3.30 18.35
N GLU A 76 12.95 -3.96 17.22
CA GLU A 76 13.87 -5.09 17.20
C GLU A 76 14.92 -4.90 16.09
N LEU A 77 14.46 -4.65 14.88
CA LEU A 77 15.37 -4.45 13.75
C LEU A 77 16.54 -5.42 13.84
N LYS A 78 16.23 -6.71 13.88
CA LYS A 78 17.28 -7.73 13.96
C LYS A 78 18.15 -7.70 12.71
N THR A 79 19.17 -8.55 12.70
CA THR A 79 20.07 -8.61 11.55
C THR A 79 19.32 -8.94 10.28
N ASP A 80 19.48 -10.17 9.80
CA ASP A 80 18.79 -10.60 8.58
C ASP A 80 17.32 -10.23 8.64
N TRP A 81 16.91 -9.34 7.75
CA TRP A 81 15.53 -8.90 7.70
C TRP A 81 15.27 -8.06 6.45
N VAL A 82 15.90 -6.89 6.39
CA VAL A 82 15.73 -6.00 5.25
C VAL A 82 16.08 -6.73 3.94
N ARG A 83 16.83 -7.81 4.06
CA ARG A 83 17.22 -8.60 2.90
C ARG A 83 16.00 -9.16 2.20
N PHE A 84 15.36 -10.14 2.83
CA PHE A 84 14.17 -10.76 2.27
C PHE A 84 13.08 -9.72 2.02
N LEU A 85 12.79 -8.92 3.03
CA LEU A 85 11.77 -7.88 2.92
C LEU A 85 11.94 -7.10 1.62
N ALA A 86 13.10 -6.49 1.46
CA ALA A 86 13.39 -5.71 0.26
C ALA A 86 13.20 -6.56 -0.99
N LEU A 87 13.80 -7.76 -0.99
CA LEU A 87 13.68 -8.65 -2.13
C LEU A 87 12.22 -8.83 -2.52
N ALA A 88 11.35 -8.91 -1.53
CA ALA A 88 9.92 -9.09 -1.79
C ALA A 88 9.38 -7.93 -2.62
N LEU A 89 9.35 -6.74 -2.02
CA LEU A 89 8.86 -5.55 -2.73
C LEU A 89 9.52 -5.43 -4.10
N GLY A 90 10.65 -6.11 -4.27
CA GLY A 90 11.38 -6.06 -5.53
C GLY A 90 10.68 -6.91 -6.60
N ILE A 91 11.01 -8.19 -6.62
CA ILE A 91 10.39 -9.11 -7.59
C ILE A 91 8.89 -8.92 -7.62
N LEU A 92 8.35 -8.30 -6.57
CA LEU A 92 6.91 -8.07 -6.48
C LEU A 92 6.37 -7.53 -7.80
N TYR A 93 6.85 -6.34 -8.18
CA TYR A 93 6.41 -5.71 -9.41
C TYR A 93 6.95 -6.47 -10.62
N MET A 94 6.51 -7.72 -10.76
CA MET A 94 6.96 -8.55 -11.89
C MET A 94 6.22 -8.17 -13.16
N GLY A 95 4.91 -8.41 -13.18
CA GLY A 95 4.09 -8.09 -14.35
C GLY A 95 3.94 -6.58 -14.51
N GLN A 96 3.89 -6.14 -15.75
CA GLN A 96 3.74 -4.71 -16.03
C GLN A 96 2.35 -4.23 -15.65
N GLY A 97 2.26 -2.97 -15.23
CA GLY A 97 0.98 -2.40 -14.84
C GLY A 97 1.17 -1.10 -14.06
N GLU A 98 2.08 -0.26 -14.56
CA GLU A 98 2.35 1.02 -13.90
C GLU A 98 2.38 0.85 -12.39
N GLN A 99 2.72 -0.35 -11.93
CA GLN A 99 2.77 -0.63 -10.50
C GLN A 99 3.84 0.22 -9.83
N VAL A 100 5.06 0.16 -10.37
CA VAL A 100 6.17 0.92 -9.81
C VAL A 100 5.77 2.39 -9.66
N ASP A 101 5.12 2.93 -10.68
CA ASP A 101 4.69 4.33 -10.62
C ASP A 101 3.89 4.61 -9.36
N ASP A 102 2.72 3.98 -9.25
CA ASP A 102 1.86 4.17 -8.08
C ASP A 102 2.69 4.09 -6.79
N VAL A 103 3.63 3.16 -6.76
CA VAL A 103 4.48 2.98 -5.59
C VAL A 103 5.40 4.18 -5.41
N LEU A 104 6.48 4.22 -6.20
CA LEU A 104 7.44 5.32 -6.11
C LEU A 104 6.70 6.65 -5.96
N GLU A 105 5.51 6.73 -6.52
CA GLU A 105 4.72 7.96 -6.44
C GLU A 105 4.39 8.28 -4.98
N THR A 106 4.05 7.25 -4.22
CA THR A 106 3.71 7.44 -2.82
C THR A 106 4.97 7.60 -1.97
N ILE A 107 5.86 6.63 -2.05
CA ILE A 107 7.11 6.67 -1.29
C ILE A 107 7.69 8.09 -1.32
N SER A 108 7.65 8.72 -2.49
CA SER A 108 8.18 10.07 -2.64
C SER A 108 7.22 11.09 -2.04
N ALA A 109 5.93 10.75 -2.06
CA ALA A 109 4.92 11.64 -1.52
C ALA A 109 5.01 11.71 0.00
N ILE A 110 4.55 10.67 0.66
CA ILE A 110 4.59 10.62 2.12
C ILE A 110 5.95 11.08 2.63
N GLU A 111 6.08 12.39 2.86
CA GLU A 111 7.32 12.96 3.35
C GLU A 111 7.89 12.10 4.47
N HIS A 112 8.87 11.27 4.14
CA HIS A 112 9.50 10.40 5.14
C HIS A 112 10.80 9.82 4.59
N PRO A 113 11.65 10.65 4.03
CA PRO A 113 12.95 10.22 3.45
C PRO A 113 13.68 9.25 4.36
N MET A 114 13.69 7.97 3.98
CA MET A 114 14.36 6.95 4.78
C MET A 114 14.75 5.76 3.89
N THR A 115 13.83 5.35 3.02
CA THR A 115 14.09 4.22 2.13
C THR A 115 14.53 4.73 0.75
N SER A 116 14.91 6.00 0.68
CA SER A 116 15.35 6.59 -0.58
C SER A 116 16.29 5.64 -1.31
N ALA A 117 17.12 4.93 -0.55
CA ALA A 117 18.06 3.99 -1.14
C ALA A 117 17.35 2.96 -2.01
N ILE A 118 16.42 2.23 -1.41
CA ILE A 118 15.67 1.22 -2.13
C ILE A 118 14.89 1.85 -3.28
N GLU A 119 14.45 3.09 -3.07
CA GLU A 119 13.70 3.81 -4.10
C GLU A 119 14.51 3.93 -5.38
N VAL A 120 15.71 4.49 -5.26
CA VAL A 120 16.59 4.65 -6.41
C VAL A 120 16.75 3.33 -7.16
N LEU A 121 17.11 2.29 -6.41
CA LEU A 121 17.30 0.97 -7.02
C LEU A 121 16.06 0.55 -7.80
N VAL A 122 14.97 0.31 -7.08
CA VAL A 122 13.72 -0.09 -7.72
C VAL A 122 13.42 0.79 -8.92
N GLY A 123 13.71 2.09 -8.79
CA GLY A 123 13.47 3.03 -9.86
C GLY A 123 14.41 2.76 -11.05
N SER A 124 15.66 2.43 -10.72
CA SER A 124 16.65 2.15 -11.77
C SER A 124 16.11 1.15 -12.77
N CYS A 125 15.69 -0.01 -12.27
CA CYS A 125 15.15 -1.06 -13.13
C CYS A 125 13.64 -0.86 -13.34
N ALA A 126 13.26 -0.46 -14.54
CA ALA A 126 11.85 -0.24 -14.85
C ALA A 126 11.68 0.24 -16.28
N TYR A 127 10.46 0.61 -16.64
CA TYR A 127 10.18 1.09 -17.99
C TYR A 127 10.51 2.58 -18.11
N THR A 128 11.16 3.11 -17.08
CA THR A 128 11.52 4.52 -17.09
C THR A 128 12.43 4.84 -18.27
N GLY A 129 11.93 5.65 -19.19
CA GLY A 129 12.69 6.04 -20.37
C GLY A 129 12.89 4.83 -21.29
N THR A 130 12.12 4.79 -22.37
CA THR A 130 12.22 3.69 -23.33
C THR A 130 12.21 2.35 -22.59
N GLY A 131 13.40 1.86 -22.25
CA GLY A 131 13.52 0.59 -21.55
C GLY A 131 14.91 0.41 -20.98
N MET B 1 -19.28 23.67 -7.94
CA MET B 1 -19.63 22.36 -8.56
C MET B 1 -18.42 21.80 -9.28
N VAL B 2 -17.35 21.55 -8.53
CA VAL B 2 -16.12 21.02 -9.11
C VAL B 2 -16.03 19.52 -8.90
N SER B 3 -15.72 18.80 -9.97
CA SER B 3 -15.59 17.35 -9.90
C SER B 3 -14.13 16.94 -10.01
N LEU B 4 -13.79 15.77 -9.47
CA LEU B 4 -12.42 15.30 -9.52
C LEU B 4 -12.37 13.78 -9.68
N THR B 5 -11.17 13.23 -9.57
CA THR B 5 -11.00 11.78 -9.70
C THR B 5 -10.01 11.25 -8.65
N PHE B 6 -10.54 10.55 -7.66
CA PHE B 6 -9.69 9.99 -6.62
C PHE B 6 -9.31 8.56 -6.98
N LYS B 7 -8.02 8.34 -7.25
CA LYS B 7 -7.55 7.01 -7.62
C LYS B 7 -6.71 6.39 -6.49
N ASN B 8 -6.69 5.07 -6.44
CA ASN B 8 -5.93 4.37 -5.41
C ASN B 8 -4.65 3.77 -5.98
N PHE B 9 -4.42 2.48 -5.73
CA PHE B 9 -3.24 1.80 -6.22
C PHE B 9 -3.58 0.90 -7.41
N LYS B 10 -4.88 0.79 -7.71
CA LYS B 10 -5.32 -0.03 -8.82
C LYS B 10 -5.68 0.86 -10.01
N LYS B 11 -5.22 2.11 -9.94
CA LYS B 11 -5.48 3.07 -11.00
C LYS B 11 -6.97 3.43 -11.04
N GLU B 12 -7.80 2.55 -10.52
CA GLU B 12 -9.23 2.78 -10.50
C GLU B 12 -9.53 4.22 -10.08
N LYS B 13 -10.43 4.86 -10.79
CA LYS B 13 -10.79 6.24 -10.50
C LYS B 13 -12.10 6.30 -9.71
N VAL B 14 -12.12 7.14 -8.68
CA VAL B 14 -13.31 7.30 -7.85
C VAL B 14 -13.83 8.73 -7.95
N PRO B 15 -14.47 9.06 -9.04
CA PRO B 15 -15.01 10.42 -9.28
C PRO B 15 -15.74 10.98 -8.05
N LEU B 16 -15.63 12.29 -7.88
CA LEU B 16 -16.27 12.96 -6.75
C LEU B 16 -16.63 14.39 -7.12
N ASP B 17 -17.14 15.14 -6.14
CA ASP B 17 -17.52 16.52 -6.36
C ASP B 17 -17.36 17.31 -5.06
N LEU B 18 -16.76 18.49 -5.16
CA LEU B 18 -16.54 19.32 -3.99
C LEU B 18 -16.78 20.80 -4.31
N GLU B 19 -16.37 21.66 -3.37
CA GLU B 19 -16.53 23.09 -3.54
C GLU B 19 -15.34 23.83 -2.93
N PRO B 20 -15.07 25.02 -3.38
CA PRO B 20 -13.94 25.82 -2.86
C PRO B 20 -13.90 25.80 -1.34
N SER B 21 -15.08 25.69 -0.74
CA SER B 21 -15.18 25.63 0.72
C SER B 21 -14.92 24.22 1.22
N ASN B 22 -15.82 23.30 0.87
CA ASN B 22 -15.66 21.91 1.30
C ASN B 22 -14.18 21.60 1.49
N THR B 23 -13.86 20.90 2.56
CA THR B 23 -12.47 20.58 2.84
C THR B 23 -12.20 19.08 2.75
N ILE B 24 -10.94 18.72 2.98
CA ILE B 24 -10.52 17.33 2.93
C ILE B 24 -11.29 16.49 3.93
N LEU B 25 -11.68 17.10 5.04
CA LEU B 25 -12.42 16.37 6.05
C LEU B 25 -13.66 15.76 5.42
N GLU B 26 -14.36 16.56 4.62
CA GLU B 26 -15.57 16.09 3.96
C GLU B 26 -15.25 15.17 2.79
N THR B 27 -14.26 15.55 1.97
CA THR B 27 -13.90 14.71 0.84
C THR B 27 -13.45 13.35 1.36
N LYS B 28 -12.81 13.38 2.52
CA LYS B 28 -12.35 12.17 3.16
C LYS B 28 -13.55 11.33 3.61
N THR B 29 -14.56 12.00 4.13
CA THR B 29 -15.77 11.32 4.59
C THR B 29 -16.48 10.67 3.40
N LYS B 30 -16.62 11.42 2.32
CA LYS B 30 -17.27 10.90 1.12
C LYS B 30 -16.44 9.77 0.51
N LEU B 31 -15.22 10.10 0.09
CA LEU B 31 -14.35 9.10 -0.50
C LEU B 31 -14.38 7.81 0.31
N ALA B 32 -14.78 7.93 1.58
CA ALA B 32 -14.86 6.76 2.45
C ALA B 32 -16.24 6.13 2.39
N GLN B 33 -17.25 6.96 2.12
CA GLN B 33 -18.62 6.47 2.03
C GLN B 33 -18.92 6.00 0.62
N SER B 34 -17.92 6.07 -0.24
CA SER B 34 -18.07 5.64 -1.63
C SER B 34 -17.48 4.26 -1.81
N ILE B 35 -16.31 4.05 -1.20
CA ILE B 35 -15.64 2.77 -1.27
C ILE B 35 -16.02 1.91 -0.08
N SER B 36 -16.54 2.56 0.96
CA SER B 36 -16.95 1.86 2.17
C SER B 36 -15.77 1.65 3.12
N CYS B 37 -14.82 2.57 3.08
CA CYS B 37 -13.64 2.49 3.95
C CYS B 37 -13.53 3.74 4.81
N GLU B 38 -13.23 3.55 6.09
CA GLU B 38 -13.09 4.68 7.00
C GLU B 38 -12.05 5.66 6.49
N GLU B 39 -12.30 6.94 6.74
CA GLU B 39 -11.38 7.97 6.33
C GLU B 39 -10.31 8.19 7.38
N SER B 40 -10.33 7.36 8.41
CA SER B 40 -9.35 7.46 9.50
C SER B 40 -8.03 6.80 9.10
N GLN B 41 -8.04 6.09 7.98
CA GLN B 41 -6.82 5.42 7.51
C GLN B 41 -6.48 5.92 6.12
N ILE B 42 -7.51 6.34 5.41
CA ILE B 42 -7.36 6.84 4.06
C ILE B 42 -6.25 7.88 3.98
N LYS B 43 -5.28 7.64 3.10
CA LYS B 43 -4.17 8.56 2.91
C LYS B 43 -4.45 9.45 1.70
N LEU B 44 -5.32 10.43 1.88
CA LEU B 44 -5.69 11.33 0.79
C LEU B 44 -4.49 12.12 0.30
N ILE B 45 -4.07 11.84 -0.93
CA ILE B 45 -2.93 12.53 -1.52
C ILE B 45 -3.39 13.46 -2.65
N TYR B 46 -2.45 14.23 -3.18
CA TYR B 46 -2.73 15.12 -4.31
C TYR B 46 -1.47 15.27 -5.14
N SER B 47 -1.45 14.61 -6.29
CA SER B 47 -0.29 14.67 -7.17
C SER B 47 0.94 14.11 -6.46
N GLY B 48 0.75 13.04 -5.71
CA GLY B 48 1.84 12.42 -4.98
C GLY B 48 2.24 13.28 -3.79
N LYS B 49 1.28 13.99 -3.21
CA LYS B 49 1.56 14.85 -2.07
C LYS B 49 0.45 14.76 -1.02
N VAL B 50 0.53 13.74 -0.17
CA VAL B 50 -0.46 13.54 0.88
C VAL B 50 -1.09 14.86 1.30
N LEU B 51 -2.38 15.03 1.02
CA LEU B 51 -3.09 16.25 1.36
C LEU B 51 -3.14 16.44 2.87
N GLN B 52 -3.90 17.44 3.32
CA GLN B 52 -4.04 17.72 4.73
C GLN B 52 -5.51 17.88 5.09
N ASP B 53 -5.89 17.38 6.26
CA ASP B 53 -7.27 17.47 6.72
C ASP B 53 -7.62 18.91 7.11
N SER B 54 -6.59 19.72 7.32
CA SER B 54 -6.80 21.11 7.71
C SER B 54 -6.75 22.04 6.50
N LYS B 55 -6.94 21.47 5.31
CA LYS B 55 -6.92 22.29 4.09
C LYS B 55 -8.16 22.03 3.25
N THR B 56 -8.73 23.10 2.72
CA THR B 56 -9.92 22.97 1.89
C THR B 56 -9.53 22.48 0.51
N VAL B 57 -10.35 22.83 -0.49
CA VAL B 57 -10.05 22.43 -1.86
C VAL B 57 -9.23 23.51 -2.55
N SER B 58 -9.60 24.76 -2.31
CA SER B 58 -8.90 25.88 -2.90
C SER B 58 -7.43 25.83 -2.50
N GLU B 59 -7.20 25.46 -1.24
CA GLU B 59 -5.84 25.35 -0.74
C GLU B 59 -5.14 24.17 -1.39
N CYS B 60 -5.89 23.10 -1.59
CA CYS B 60 -5.35 21.91 -2.22
C CYS B 60 -4.82 22.24 -3.61
N GLY B 61 -5.37 23.31 -4.20
CA GLY B 61 -4.95 23.75 -5.52
C GLY B 61 -5.71 23.02 -6.62
N LEU B 62 -6.81 22.36 -6.24
CA LEU B 62 -7.61 21.63 -7.20
C LEU B 62 -8.43 22.58 -8.06
N LYS B 63 -9.00 22.04 -9.13
CA LYS B 63 -9.82 22.81 -10.03
C LYS B 63 -11.11 22.05 -10.37
N ASP B 64 -11.72 22.40 -11.50
CA ASP B 64 -12.96 21.75 -11.91
C ASP B 64 -12.67 20.57 -12.83
N GLY B 65 -13.02 19.37 -12.36
CA GLY B 65 -12.79 18.17 -13.15
C GLY B 65 -11.31 17.80 -13.22
N ASP B 66 -10.68 17.63 -12.06
CA ASP B 66 -9.26 17.26 -12.01
C ASP B 66 -9.10 15.84 -11.49
N GLN B 67 -7.93 15.54 -10.98
CA GLN B 67 -7.66 14.20 -10.45
C GLN B 67 -6.82 14.28 -9.17
N VAL B 68 -7.19 13.49 -8.18
CA VAL B 68 -6.48 13.46 -6.91
C VAL B 68 -5.98 12.06 -6.61
N VAL B 69 -4.85 11.97 -5.91
CA VAL B 69 -4.28 10.67 -5.56
C VAL B 69 -4.60 10.35 -4.10
N PHE B 70 -5.00 9.12 -3.84
CA PHE B 70 -5.35 8.70 -2.48
C PHE B 70 -5.03 7.23 -2.25
N MET B 71 -5.14 6.81 -0.99
CA MET B 71 -4.86 5.42 -0.63
C MET B 71 -5.66 5.04 0.60
N VAL B 72 -5.75 3.74 0.88
CA VAL B 72 -6.49 3.26 2.04
C VAL B 72 -5.62 2.35 2.89
N SER B 73 -5.78 2.46 4.21
CA SER B 73 -5.00 1.63 5.13
C SER B 73 -5.88 0.57 5.78
N GLN B 74 -5.38 -0.05 6.84
CA GLN B 74 -6.13 -1.08 7.56
C GLN B 74 -6.18 -0.77 9.05
N LYS B 75 -5.06 -0.31 9.59
CA LYS B 75 -4.99 0.03 11.01
C LYS B 75 -6.23 0.78 11.45
N LYS B 76 -7.09 0.10 12.21
CA LYS B 76 -8.32 0.72 12.69
C LYS B 76 -8.03 1.69 13.83
N SER B 77 -6.81 2.25 13.83
CA SER B 77 -6.41 3.19 14.86
C SER B 77 -7.22 4.49 14.75
N THR B 78 -8.04 4.75 15.76
CA THR B 78 -8.86 5.97 15.76
C THR B 78 -8.01 7.19 16.05
N ASP A 1 -7.51 -21.74 22.20
CA ASP A 1 -7.26 -23.08 22.82
C ASP A 1 -6.05 -23.72 22.17
N THR A 2 -5.45 -23.02 21.21
CA THR A 2 -4.27 -23.52 20.52
C THR A 2 -3.57 -22.41 19.74
N LYS A 3 -3.51 -21.23 20.35
CA LYS A 3 -2.87 -20.09 19.71
C LYS A 3 -3.49 -19.84 18.34
N ILE A 4 -4.25 -18.75 18.24
CA ILE A 4 -4.90 -18.39 16.98
C ILE A 4 -3.87 -18.20 15.88
N SER A 5 -2.75 -17.55 16.23
CA SER A 5 -1.69 -17.31 15.26
C SER A 5 -1.25 -18.61 14.60
N SER A 6 -0.68 -19.50 15.40
CA SER A 6 -0.22 -20.79 14.88
C SER A 6 -1.27 -21.40 13.95
N ALA A 7 -2.46 -21.61 14.49
CA ALA A 7 -3.55 -22.20 13.71
C ALA A 7 -3.62 -21.54 12.32
N ALA A 8 -3.33 -20.25 12.27
CA ALA A 8 -3.36 -19.53 11.00
C ALA A 8 -2.21 -19.98 10.10
N ILE A 9 -0.99 -19.76 10.57
CA ILE A 9 0.19 -20.14 9.79
C ILE A 9 0.01 -21.53 9.20
N LEU A 10 0.00 -22.54 10.06
CA LEU A 10 -0.16 -23.92 9.60
C LEU A 10 -1.30 -24.02 8.59
N GLY A 11 -2.30 -23.15 8.74
CA GLY A 11 -3.43 -23.15 7.82
C GLY A 11 -2.98 -22.81 6.40
N LEU A 12 -2.08 -21.84 6.28
CA LEU A 12 -1.59 -21.43 4.97
C LEU A 12 -0.72 -22.52 4.36
N GLY A 13 -0.04 -23.28 5.23
CA GLY A 13 0.82 -24.36 4.75
C GLY A 13 0.02 -25.40 3.98
N ILE A 14 -1.14 -25.77 4.52
CA ILE A 14 -1.99 -26.76 3.87
C ILE A 14 -2.70 -26.15 2.66
N ALA A 15 -3.31 -24.99 2.87
CA ALA A 15 -4.03 -24.31 1.80
C ALA A 15 -3.06 -23.54 0.91
N PHE A 16 -1.76 -23.72 1.16
CA PHE A 16 -0.74 -23.04 0.38
C PHE A 16 -1.06 -23.11 -1.11
N ALA A 17 -0.89 -24.28 -1.70
CA ALA A 17 -1.17 -24.47 -3.12
C ALA A 17 -2.50 -25.20 -3.31
N GLY A 18 -3.11 -25.59 -2.20
CA GLY A 18 -4.38 -26.29 -2.26
C GLY A 18 -5.53 -25.33 -2.56
N SER A 19 -5.21 -24.04 -2.58
CA SER A 19 -6.23 -23.03 -2.84
C SER A 19 -5.57 -21.70 -3.19
N LYS A 20 -5.38 -21.44 -4.48
CA LYS A 20 -4.76 -20.21 -4.94
C LYS A 20 -5.78 -19.07 -4.95
N ASN A 21 -7.05 -19.42 -4.76
CA ASN A 21 -8.11 -18.42 -4.75
C ASN A 21 -7.81 -17.31 -3.76
N ASP A 22 -8.81 -16.50 -3.47
CA ASP A 22 -8.63 -15.39 -2.53
C ASP A 22 -8.76 -15.89 -1.10
N GLU A 23 -8.38 -17.15 -0.88
CA GLU A 23 -8.44 -17.73 0.46
C GLU A 23 -7.23 -17.31 1.27
N VAL A 24 -6.04 -17.63 0.77
CA VAL A 24 -4.81 -17.27 1.47
C VAL A 24 -4.85 -15.82 1.92
N LEU A 25 -4.92 -14.90 0.95
CA LEU A 25 -4.96 -13.48 1.27
C LEU A 25 -6.19 -13.16 2.10
N GLY A 26 -7.25 -13.93 1.91
CA GLY A 26 -8.49 -13.71 2.65
C GLY A 26 -8.25 -13.83 4.16
N LEU A 27 -7.16 -14.49 4.52
CA LEU A 27 -6.83 -14.69 5.94
C LEU A 27 -5.50 -14.01 6.27
N LEU A 28 -4.63 -13.93 5.29
CA LEU A 28 -3.32 -13.31 5.49
C LEU A 28 -3.45 -11.80 5.68
N LEU A 29 -3.83 -11.10 4.62
CA LEU A 29 -3.99 -9.66 4.69
C LEU A 29 -4.57 -9.23 6.03
N PRO A 30 -5.79 -9.63 6.32
CA PRO A 30 -6.48 -9.28 7.59
C PRO A 30 -5.56 -9.47 8.80
N ILE A 31 -4.98 -10.66 8.91
CA ILE A 31 -4.08 -10.95 10.03
C ILE A 31 -2.86 -10.05 9.98
N ALA A 32 -2.03 -10.25 8.98
CA ALA A 32 -0.81 -9.44 8.84
C ALA A 32 -1.15 -7.96 8.87
N ALA A 33 -2.01 -7.53 7.96
CA ALA A 33 -2.41 -6.13 7.91
C ALA A 33 -3.33 -5.78 9.07
N SER A 34 -2.90 -6.11 10.28
CA SER A 34 -3.68 -5.84 11.47
C SER A 34 -3.40 -4.43 11.99
N THR A 35 -2.16 -4.21 12.43
CA THR A 35 -1.77 -2.90 12.93
C THR A 35 -0.25 -2.78 12.99
N ASP A 36 0.39 -3.65 13.76
CA ASP A 36 1.85 -3.62 13.88
C ASP A 36 2.35 -4.91 14.51
N LEU A 37 1.90 -6.04 13.97
CA LEU A 37 2.31 -7.35 14.49
C LEU A 37 3.83 -7.46 14.48
N PRO A 38 4.38 -8.25 15.37
CA PRO A 38 5.84 -8.45 15.48
C PRO A 38 6.49 -8.66 14.12
N ILE A 39 7.53 -7.89 13.83
CA ILE A 39 8.23 -8.00 12.56
C ILE A 39 8.63 -9.44 12.30
N GLU A 40 8.63 -10.26 13.34
CA GLU A 40 8.99 -11.66 13.21
C GLU A 40 8.01 -12.39 12.29
N THR A 41 6.83 -12.68 12.81
CA THR A 41 5.81 -13.37 12.03
C THR A 41 5.51 -12.60 10.74
N ALA A 42 5.39 -11.29 10.86
CA ALA A 42 5.11 -10.45 9.70
C ALA A 42 6.02 -10.81 8.53
N ALA A 43 7.33 -10.71 8.78
CA ALA A 43 8.31 -11.03 7.74
C ALA A 43 7.99 -12.38 7.10
N MET A 44 7.87 -13.41 7.93
CA MET A 44 7.57 -14.75 7.44
C MET A 44 6.36 -14.72 6.52
N ALA A 45 5.20 -14.41 7.09
CA ALA A 45 3.96 -14.36 6.31
C ALA A 45 4.19 -13.60 5.00
N SER A 46 4.75 -12.40 5.12
CA SER A 46 5.02 -11.58 3.94
C SER A 46 5.63 -12.42 2.83
N LEU A 47 6.79 -13.00 3.10
CA LEU A 47 7.48 -13.83 2.12
C LEU A 47 6.54 -14.90 1.58
N ALA A 48 5.87 -15.60 2.48
CA ALA A 48 4.94 -16.65 2.07
C ALA A 48 4.03 -16.16 0.95
N LEU A 49 3.45 -14.98 1.14
CA LEU A 49 2.57 -14.40 0.13
C LEU A 49 3.26 -14.36 -1.23
N ALA A 50 4.44 -13.76 -1.26
CA ALA A 50 5.19 -13.66 -2.50
C ALA A 50 5.27 -15.02 -3.20
N HIS A 51 5.92 -15.98 -2.56
CA HIS A 51 6.05 -17.31 -3.13
C HIS A 51 4.74 -17.76 -3.78
N VAL A 52 3.66 -17.69 -3.02
CA VAL A 52 2.36 -18.08 -3.52
C VAL A 52 2.00 -17.29 -4.78
N PHE A 53 1.59 -16.04 -4.59
CA PHE A 53 1.24 -15.18 -5.71
C PHE A 53 2.48 -14.69 -6.43
N VAL A 54 3.50 -15.53 -6.48
CA VAL A 54 4.75 -15.18 -7.14
C VAL A 54 4.52 -14.97 -8.63
N GLY A 55 3.43 -15.54 -9.14
CA GLY A 55 3.11 -15.41 -10.56
C GLY A 55 2.45 -14.07 -10.85
N THR A 56 1.13 -14.01 -10.66
CA THR A 56 0.38 -12.78 -10.90
C THR A 56 0.59 -11.79 -9.76
N CYS A 57 -0.13 -10.68 -9.82
CA CYS A 57 -0.01 -9.66 -8.78
C CYS A 57 -1.29 -8.83 -8.71
N ASN A 58 -1.36 -7.94 -7.72
CA ASN A 58 -2.53 -7.09 -7.55
C ASN A 58 -2.19 -5.88 -6.68
N GLY A 59 -3.09 -4.90 -6.66
CA GLY A 59 -2.88 -3.70 -5.87
C GLY A 59 -3.11 -3.98 -4.38
N ASP A 60 -4.23 -4.63 -4.08
CA ASP A 60 -4.57 -4.95 -2.69
C ASP A 60 -3.35 -5.52 -1.97
N ILE A 61 -2.56 -6.31 -2.68
CA ILE A 61 -1.36 -6.91 -2.10
C ILE A 61 -0.35 -5.83 -1.72
N THR A 62 0.03 -5.02 -2.71
CA THR A 62 1.00 -3.95 -2.46
C THR A 62 0.45 -2.95 -1.45
N THR A 63 -0.85 -3.05 -1.18
CA THR A 63 -1.49 -2.15 -0.22
C THR A 63 -1.12 -2.51 1.20
N SER A 64 -1.29 -3.79 1.54
CA SER A 64 -0.97 -4.27 2.88
C SER A 64 0.53 -4.27 3.09
N ILE A 65 1.28 -4.58 2.04
CA ILE A 65 2.73 -4.61 2.12
C ILE A 65 3.29 -3.21 2.35
N MET A 66 2.89 -2.27 1.50
CA MET A 66 3.35 -0.89 1.61
C MET A 66 3.17 -0.39 3.05
N ASP A 67 1.93 -0.42 3.53
CA ASP A 67 1.64 0.04 4.88
C ASP A 67 2.68 -0.51 5.87
N ASN A 68 2.93 -1.82 5.79
CA ASN A 68 3.90 -2.45 6.67
C ASN A 68 5.32 -2.14 6.22
N PHE A 69 5.44 -1.62 5.00
CA PHE A 69 6.76 -1.28 4.47
C PHE A 69 7.25 0.04 5.04
N LEU A 70 6.33 0.95 5.30
CA LEU A 70 6.68 2.25 5.85
C LEU A 70 6.87 2.16 7.36
N GLU A 71 5.83 1.74 8.07
CA GLU A 71 5.90 1.60 9.52
C GLU A 71 7.20 0.94 9.93
N ARG A 72 7.61 -0.09 9.18
CA ARG A 72 8.85 -0.80 9.48
C ARG A 72 10.05 0.10 9.25
N THR A 73 10.68 0.53 10.34
CA THR A 73 11.85 1.39 10.23
C THR A 73 13.14 0.61 10.48
N ALA A 74 13.05 -0.71 10.31
CA ALA A 74 14.22 -1.57 10.52
C ALA A 74 14.85 -1.28 11.87
N ILE A 75 14.08 -0.68 12.77
CA ILE A 75 14.58 -0.35 14.10
C ILE A 75 14.43 -1.54 15.04
N GLU A 76 13.52 -2.45 14.70
CA GLU A 76 13.28 -3.63 15.51
C GLU A 76 14.37 -4.67 15.27
N LEU A 77 14.35 -5.27 14.08
CA LEU A 77 15.33 -6.29 13.73
C LEU A 77 16.61 -5.64 13.21
N LYS A 78 17.74 -5.99 13.80
CA LYS A 78 19.03 -5.44 13.39
C LYS A 78 19.28 -5.73 11.91
N THR A 79 20.36 -6.45 11.63
CA THR A 79 20.70 -6.79 10.25
C THR A 79 19.81 -7.91 9.74
N ASP A 80 20.04 -8.32 8.50
CA ASP A 80 19.25 -9.38 7.89
C ASP A 80 17.77 -9.01 7.89
N TRP A 81 17.37 -8.22 6.89
CA TRP A 81 15.97 -7.80 6.79
C TRP A 81 15.72 -7.10 5.45
N VAL A 82 16.66 -6.23 5.07
CA VAL A 82 16.54 -5.50 3.81
C VAL A 82 16.78 -6.43 2.63
N ARG A 83 17.34 -7.60 2.90
CA ARG A 83 17.63 -8.55 1.85
C ARG A 83 16.34 -9.17 1.31
N PHE A 84 15.70 -10.00 2.12
CA PHE A 84 14.46 -10.64 1.71
C PHE A 84 13.36 -9.60 1.50
N LEU A 85 13.19 -8.71 2.46
CA LEU A 85 12.18 -7.67 2.37
C LEU A 85 12.26 -6.97 1.02
N ALA A 86 13.32 -6.19 0.82
CA ALA A 86 13.50 -5.47 -0.44
C ALA A 86 13.23 -6.38 -1.63
N LEU A 87 13.88 -7.54 -1.64
CA LEU A 87 13.71 -8.50 -2.72
C LEU A 87 12.22 -8.70 -3.02
N ALA A 88 11.43 -8.88 -1.97
CA ALA A 88 10.00 -9.08 -2.12
C ALA A 88 9.38 -7.94 -2.93
N LEU A 89 9.41 -6.73 -2.37
CA LEU A 89 8.86 -5.57 -3.05
C LEU A 89 9.36 -5.50 -4.49
N GLY A 90 10.45 -6.22 -4.77
CA GLY A 90 11.02 -6.23 -6.11
C GLY A 90 10.23 -7.15 -7.03
N ILE A 91 10.55 -8.44 -7.00
CA ILE A 91 9.86 -9.41 -7.84
C ILE A 91 8.35 -9.19 -7.78
N LEU A 92 7.89 -8.57 -6.70
CA LEU A 92 6.46 -8.31 -6.54
C LEU A 92 5.87 -7.76 -7.83
N TYR A 93 6.49 -6.73 -8.38
CA TYR A 93 6.02 -6.13 -9.62
C TYR A 93 6.44 -6.97 -10.83
N MET A 94 6.52 -6.33 -11.99
CA MET A 94 6.90 -7.02 -13.21
C MET A 94 7.12 -6.03 -14.34
N GLY A 95 6.91 -4.75 -14.06
CA GLY A 95 7.07 -3.72 -15.06
C GLY A 95 5.74 -3.33 -15.68
N GLN A 96 5.03 -4.33 -16.21
CA GLN A 96 3.73 -4.09 -16.83
C GLN A 96 2.65 -3.95 -15.77
N GLY A 97 1.97 -2.81 -15.77
CA GLY A 97 0.91 -2.56 -14.80
C GLY A 97 1.12 -1.23 -14.09
N GLU A 98 2.08 -0.45 -14.58
CA GLU A 98 2.38 0.85 -13.98
C GLU A 98 2.31 0.77 -12.46
N GLN A 99 2.52 -0.43 -11.92
CA GLN A 99 2.48 -0.63 -10.48
C GLN A 99 3.56 0.21 -9.80
N VAL A 100 4.81 -0.08 -10.10
CA VAL A 100 5.93 0.65 -9.51
C VAL A 100 5.65 2.15 -9.54
N ASP A 101 5.26 2.66 -10.70
CA ASP A 101 4.96 4.08 -10.84
C ASP A 101 4.10 4.58 -9.68
N ASP A 102 3.04 3.83 -9.38
CA ASP A 102 2.14 4.19 -8.29
C ASP A 102 2.85 4.05 -6.95
N VAL A 103 3.75 3.08 -6.85
CA VAL A 103 4.48 2.85 -5.61
C VAL A 103 5.42 4.00 -5.32
N LEU A 104 6.55 4.04 -6.01
CA LEU A 104 7.52 5.10 -5.83
C LEU A 104 6.83 6.43 -5.58
N GLU A 105 5.66 6.61 -6.19
CA GLU A 105 4.91 7.84 -6.03
C GLU A 105 4.49 8.03 -4.58
N THR A 106 4.02 6.95 -3.96
CA THR A 106 3.59 7.01 -2.56
C THR A 106 4.78 7.09 -1.63
N ILE A 107 5.84 6.35 -1.96
CA ILE A 107 7.05 6.35 -1.14
C ILE A 107 7.70 7.73 -1.15
N SER A 108 7.91 8.28 -2.35
CA SER A 108 8.52 9.59 -2.48
C SER A 108 7.57 10.68 -1.95
N ALA A 109 6.31 10.33 -1.79
CA ALA A 109 5.32 11.27 -1.29
C ALA A 109 5.40 11.39 0.22
N ILE A 110 4.71 10.49 0.92
CA ILE A 110 4.70 10.50 2.38
C ILE A 110 6.09 10.82 2.92
N GLU A 111 6.28 12.06 3.36
CA GLU A 111 7.57 12.48 3.90
C GLU A 111 8.12 11.44 4.88
N HIS A 112 9.19 10.77 4.48
CA HIS A 112 9.80 9.74 5.33
C HIS A 112 11.20 9.39 4.82
N PRO A 113 11.99 10.39 4.54
CA PRO A 113 13.38 10.20 4.04
C PRO A 113 14.13 9.12 4.82
N MET A 114 14.11 7.90 4.28
CA MET A 114 14.78 6.79 4.94
C MET A 114 15.13 5.70 3.92
N THR A 115 14.13 5.29 3.15
CA THR A 115 14.34 4.26 2.14
C THR A 115 14.97 4.85 0.88
N SER A 116 15.50 6.06 1.00
CA SER A 116 16.11 6.74 -0.13
C SER A 116 16.99 5.78 -0.91
N ALA A 117 17.76 4.96 -0.18
CA ALA A 117 18.65 4.00 -0.82
C ALA A 117 17.87 3.09 -1.77
N ILE A 118 16.84 2.44 -1.23
CA ILE A 118 16.02 1.54 -2.03
C ILE A 118 15.34 2.30 -3.16
N GLU A 119 14.95 3.54 -2.89
CA GLU A 119 14.30 4.37 -3.89
C GLU A 119 15.14 4.44 -5.16
N VAL A 120 16.45 4.58 -4.98
CA VAL A 120 17.36 4.67 -6.12
C VAL A 120 17.42 3.34 -6.86
N LEU A 121 17.52 2.25 -6.10
CA LEU A 121 17.59 0.92 -6.70
C LEU A 121 16.36 0.66 -7.58
N VAL A 122 15.20 0.62 -6.95
CA VAL A 122 13.95 0.39 -7.68
C VAL A 122 13.69 1.53 -8.67
N GLY A 123 14.15 2.72 -8.33
CA GLY A 123 13.97 3.88 -9.19
C GLY A 123 14.40 3.57 -10.61
N SER A 124 15.71 3.38 -10.79
CA SER A 124 16.25 3.08 -12.12
C SER A 124 15.73 1.74 -12.62
N CYS A 125 15.98 0.68 -11.85
CA CYS A 125 15.53 -0.65 -12.23
C CYS A 125 14.04 -0.81 -11.93
N ALA A 126 13.25 -0.97 -12.98
CA ALA A 126 11.81 -1.14 -12.82
C ALA A 126 11.18 -1.68 -14.10
N TYR A 127 11.15 -0.84 -15.13
CA TYR A 127 10.58 -1.25 -16.41
C TYR A 127 11.49 -2.23 -17.12
N THR A 128 12.72 -1.78 -17.43
CA THR A 128 13.68 -2.63 -18.11
C THR A 128 14.30 -3.63 -17.13
N GLY A 129 14.49 -4.87 -17.58
CA GLY A 129 15.07 -5.90 -16.73
C GLY A 129 14.76 -7.29 -17.29
N THR A 130 15.44 -8.30 -16.75
CA THR A 130 15.23 -9.67 -17.19
C THR A 130 15.23 -9.74 -18.72
N GLY A 131 16.27 -9.21 -19.34
CA GLY A 131 16.38 -9.21 -20.79
C GLY A 131 17.81 -8.92 -21.24
N MET B 1 -20.38 23.10 -9.67
CA MET B 1 -19.59 22.37 -8.65
C MET B 1 -18.37 21.75 -9.30
N VAL B 2 -17.36 21.45 -8.48
CA VAL B 2 -16.13 20.84 -8.99
C VAL B 2 -16.15 19.32 -8.77
N SER B 3 -15.80 18.58 -9.80
CA SER B 3 -15.78 17.13 -9.71
C SER B 3 -14.37 16.59 -9.99
N LEU B 4 -13.72 16.10 -8.94
CA LEU B 4 -12.36 15.58 -9.09
C LEU B 4 -12.36 14.07 -9.17
N THR B 5 -11.18 13.49 -9.26
CA THR B 5 -11.04 12.04 -9.35
C THR B 5 -9.92 11.54 -8.44
N PHE B 6 -10.21 10.54 -7.63
CA PHE B 6 -9.21 9.98 -6.73
C PHE B 6 -8.80 8.59 -7.20
N LYS B 7 -7.51 8.42 -7.47
CA LYS B 7 -6.99 7.13 -7.95
C LYS B 7 -6.21 6.42 -6.85
N ASN B 8 -6.22 5.09 -6.91
CA ASN B 8 -5.51 4.29 -5.92
C ASN B 8 -4.27 3.64 -6.54
N PHE B 9 -4.10 2.34 -6.28
CA PHE B 9 -2.96 1.60 -6.82
C PHE B 9 -3.36 0.82 -8.06
N LYS B 10 -4.65 0.78 -8.35
CA LYS B 10 -5.14 0.06 -9.51
C LYS B 10 -5.44 1.06 -10.64
N LYS B 11 -4.96 2.27 -10.47
CA LYS B 11 -5.16 3.33 -11.45
C LYS B 11 -6.63 3.72 -11.53
N GLU B 12 -7.51 2.82 -11.11
CA GLU B 12 -8.93 3.09 -11.13
C GLU B 12 -9.22 4.47 -10.57
N LYS B 13 -10.07 5.21 -11.27
CA LYS B 13 -10.43 6.56 -10.83
C LYS B 13 -11.74 6.56 -10.07
N VAL B 14 -11.78 7.30 -8.97
CA VAL B 14 -12.99 7.39 -8.15
C VAL B 14 -13.56 8.81 -8.20
N PRO B 15 -14.22 9.15 -9.27
CA PRO B 15 -14.82 10.49 -9.45
C PRO B 15 -15.57 10.97 -8.20
N LEU B 16 -15.52 12.27 -7.95
CA LEU B 16 -16.19 12.85 -6.80
C LEU B 16 -16.62 14.29 -7.10
N ASP B 17 -17.31 14.89 -6.14
CA ASP B 17 -17.77 16.27 -6.30
C ASP B 17 -17.60 17.02 -4.98
N LEU B 18 -17.06 18.23 -5.07
CA LEU B 18 -16.83 19.05 -3.88
C LEU B 18 -17.08 20.52 -4.17
N GLU B 19 -16.69 21.35 -3.22
CA GLU B 19 -16.85 22.80 -3.36
C GLU B 19 -15.67 23.52 -2.71
N PRO B 20 -15.42 24.73 -3.12
CA PRO B 20 -14.30 25.54 -2.56
C PRO B 20 -14.29 25.48 -1.04
N SER B 21 -15.47 25.31 -0.46
CA SER B 21 -15.61 25.23 0.99
C SER B 21 -15.29 23.81 1.47
N ASN B 22 -16.17 22.86 1.17
CA ASN B 22 -15.95 21.48 1.58
C ASN B 22 -14.46 21.23 1.76
N THR B 23 -14.11 20.53 2.82
CA THR B 23 -12.71 20.26 3.10
C THR B 23 -12.37 18.78 2.93
N ILE B 24 -11.11 18.46 3.17
CA ILE B 24 -10.62 17.10 3.06
C ILE B 24 -11.37 16.17 3.99
N LEU B 25 -11.76 16.68 5.15
CA LEU B 25 -12.49 15.86 6.10
C LEU B 25 -13.71 15.23 5.43
N GLU B 26 -14.45 16.06 4.71
CA GLU B 26 -15.65 15.59 4.01
C GLU B 26 -15.30 14.81 2.75
N THR B 27 -14.30 15.26 2.01
CA THR B 27 -13.92 14.54 0.80
C THR B 27 -13.47 13.13 1.18
N LYS B 28 -12.75 13.03 2.29
CA LYS B 28 -12.31 11.73 2.76
C LYS B 28 -13.51 10.90 3.18
N THR B 29 -14.51 11.56 3.78
CA THR B 29 -15.72 10.87 4.21
C THR B 29 -16.45 10.31 3.00
N LYS B 30 -16.77 11.19 2.04
CA LYS B 30 -17.45 10.76 0.83
C LYS B 30 -16.65 9.68 0.15
N LEU B 31 -15.42 10.00 -0.23
CA LEU B 31 -14.55 9.03 -0.89
C LEU B 31 -14.58 7.70 -0.15
N ALA B 32 -15.00 7.74 1.13
CA ALA B 32 -15.07 6.54 1.94
C ALA B 32 -16.48 5.93 1.84
N GLN B 33 -17.47 6.79 1.62
CA GLN B 33 -18.85 6.34 1.51
C GLN B 33 -19.14 5.90 0.07
N SER B 34 -18.13 5.99 -0.77
CA SER B 34 -18.27 5.59 -2.16
C SER B 34 -17.74 4.18 -2.36
N ILE B 35 -16.58 3.92 -1.76
CA ILE B 35 -15.97 2.61 -1.84
C ILE B 35 -16.45 1.74 -0.68
N SER B 36 -16.98 2.38 0.35
CA SER B 36 -17.49 1.67 1.53
C SER B 36 -16.41 1.53 2.59
N CYS B 37 -15.44 2.43 2.56
CA CYS B 37 -14.35 2.39 3.54
C CYS B 37 -14.42 3.63 4.44
N GLU B 38 -13.62 3.63 5.51
CA GLU B 38 -13.61 4.76 6.42
C GLU B 38 -12.64 5.82 5.95
N GLU B 39 -12.80 7.02 6.51
CA GLU B 39 -11.94 8.14 6.16
C GLU B 39 -10.87 8.33 7.23
N SER B 40 -10.93 7.49 8.25
CA SER B 40 -9.97 7.57 9.35
C SER B 40 -8.69 6.81 9.02
N GLN B 41 -8.71 6.07 7.92
CA GLN B 41 -7.53 5.32 7.50
C GLN B 41 -7.07 5.81 6.13
N ILE B 42 -8.04 6.28 5.36
CA ILE B 42 -7.77 6.80 4.04
C ILE B 42 -6.75 7.93 4.07
N LYS B 43 -5.68 7.76 3.29
CA LYS B 43 -4.64 8.78 3.21
C LYS B 43 -4.78 9.54 1.90
N LEU B 44 -5.59 10.59 1.92
CA LEU B 44 -5.82 11.40 0.73
C LEU B 44 -4.60 12.21 0.35
N ILE B 45 -3.99 11.85 -0.78
CA ILE B 45 -2.81 12.55 -1.26
C ILE B 45 -3.17 13.48 -2.44
N TYR B 46 -2.21 14.31 -2.82
CA TYR B 46 -2.41 15.23 -3.93
C TYR B 46 -1.09 15.44 -4.66
N SER B 47 -0.95 14.80 -5.82
CA SER B 47 0.27 14.91 -6.59
C SER B 47 1.43 14.28 -5.83
N GLY B 48 1.14 13.21 -5.11
CA GLY B 48 2.16 12.51 -4.34
C GLY B 48 2.50 13.30 -3.08
N LYS B 49 1.52 14.05 -2.57
CA LYS B 49 1.74 14.86 -1.38
C LYS B 49 0.55 14.77 -0.42
N VAL B 50 0.56 13.74 0.43
CA VAL B 50 -0.53 13.55 1.39
C VAL B 50 -1.13 14.88 1.81
N LEU B 51 -2.42 15.07 1.50
CA LEU B 51 -3.10 16.30 1.85
C LEU B 51 -3.26 16.43 3.36
N GLN B 52 -4.06 17.40 3.79
CA GLN B 52 -4.29 17.63 5.21
C GLN B 52 -5.79 17.73 5.49
N ASP B 53 -6.21 17.17 6.62
CA ASP B 53 -7.62 17.21 7.00
C ASP B 53 -8.02 18.62 7.44
N SER B 54 -7.02 19.45 7.72
CA SER B 54 -7.28 20.82 8.15
C SER B 54 -7.24 21.80 6.98
N LYS B 55 -7.34 21.28 5.76
CA LYS B 55 -7.30 22.14 4.58
C LYS B 55 -8.50 21.86 3.68
N THR B 56 -9.11 22.93 3.18
CA THR B 56 -10.25 22.77 2.30
C THR B 56 -9.78 22.36 0.92
N VAL B 57 -10.58 22.66 -0.10
CA VAL B 57 -10.20 22.32 -1.47
C VAL B 57 -9.43 23.46 -2.09
N SER B 58 -9.88 24.68 -1.83
CA SER B 58 -9.23 25.86 -2.37
C SER B 58 -7.78 25.91 -1.88
N GLU B 59 -7.59 25.51 -0.62
CA GLU B 59 -6.26 25.50 -0.05
C GLU B 59 -5.45 24.37 -0.65
N CYS B 60 -6.13 23.26 -0.92
CA CYS B 60 -5.47 22.09 -1.51
C CYS B 60 -4.87 22.47 -2.85
N GLY B 61 -5.44 23.48 -3.49
CA GLY B 61 -4.94 23.95 -4.79
C GLY B 61 -5.65 23.24 -5.93
N LEU B 62 -6.73 22.52 -5.62
CA LEU B 62 -7.47 21.81 -6.65
C LEU B 62 -8.29 22.76 -7.49
N LYS B 63 -8.78 22.25 -8.62
CA LYS B 63 -9.59 23.05 -9.53
C LYS B 63 -10.81 22.26 -9.96
N ASP B 64 -11.43 22.67 -11.06
CA ASP B 64 -12.61 21.98 -11.57
C ASP B 64 -12.23 20.83 -12.49
N GLY B 65 -12.59 19.62 -12.09
CA GLY B 65 -12.28 18.44 -12.89
C GLY B 65 -10.77 18.15 -12.89
N ASP B 66 -10.20 17.92 -11.71
CA ASP B 66 -8.78 17.62 -11.60
C ASP B 66 -8.58 16.18 -11.17
N GLN B 67 -7.36 15.86 -10.73
CA GLN B 67 -7.04 14.51 -10.29
C GLN B 67 -6.28 14.54 -8.97
N VAL B 68 -6.67 13.66 -8.06
CA VAL B 68 -6.02 13.60 -6.75
C VAL B 68 -5.52 12.17 -6.49
N VAL B 69 -4.42 12.06 -5.76
CA VAL B 69 -3.86 10.76 -5.44
C VAL B 69 -4.26 10.37 -4.02
N PHE B 70 -4.67 9.12 -3.84
CA PHE B 70 -5.09 8.65 -2.53
C PHE B 70 -4.79 7.16 -2.34
N MET B 71 -4.97 6.69 -1.11
CA MET B 71 -4.74 5.28 -0.78
C MET B 71 -5.42 4.94 0.53
N VAL B 72 -5.86 3.68 0.66
CA VAL B 72 -6.53 3.25 1.88
C VAL B 72 -5.60 2.38 2.72
N SER B 73 -5.76 2.48 4.04
CA SER B 73 -4.93 1.69 4.96
C SER B 73 -5.72 0.52 5.51
N GLN B 74 -5.37 -0.69 5.09
CA GLN B 74 -6.05 -1.89 5.57
C GLN B 74 -6.22 -1.84 7.08
N LYS B 75 -5.16 -1.42 7.78
CA LYS B 75 -5.19 -1.34 9.23
C LYS B 75 -6.26 -2.26 9.81
N LYS B 76 -7.41 -1.69 10.15
CA LYS B 76 -8.50 -2.47 10.72
C LYS B 76 -8.92 -3.57 9.76
N SER B 77 -9.61 -3.20 8.68
CA SER B 77 -10.06 -4.16 7.70
C SER B 77 -10.51 -3.46 6.43
N THR B 78 -11.10 -4.23 5.51
CA THR B 78 -11.58 -3.66 4.26
C THR B 78 -12.61 -4.59 3.60
N ASP A 1 6.42 -20.63 18.60
CA ASP A 1 7.40 -19.69 19.21
C ASP A 1 8.81 -20.21 19.00
N THR A 2 9.13 -21.32 19.67
CA THR A 2 10.45 -21.91 19.56
C THR A 2 10.75 -22.30 18.10
N LYS A 3 9.85 -23.08 17.52
CA LYS A 3 10.03 -23.51 16.13
C LYS A 3 8.73 -24.10 15.59
N ILE A 4 7.99 -24.79 16.46
CA ILE A 4 6.74 -25.41 16.04
C ILE A 4 5.89 -24.43 15.24
N SER A 5 5.82 -23.18 15.71
CA SER A 5 5.05 -22.16 15.02
C SER A 5 5.61 -21.91 13.62
N SER A 6 6.89 -21.58 13.55
CA SER A 6 7.53 -21.32 12.27
C SER A 6 7.21 -22.43 11.28
N ALA A 7 7.40 -23.68 11.72
CA ALA A 7 7.13 -24.83 10.86
C ALA A 7 5.73 -24.72 10.24
N ALA A 8 4.75 -24.44 11.08
CA ALA A 8 3.37 -24.31 10.61
C ALA A 8 3.29 -23.34 9.44
N ILE A 9 3.80 -22.13 9.65
CA ILE A 9 3.79 -21.12 8.60
C ILE A 9 4.63 -21.55 7.42
N LEU A 10 5.68 -22.31 7.70
CA LEU A 10 6.57 -22.79 6.65
C LEU A 10 5.79 -23.63 5.63
N GLY A 11 5.33 -24.80 6.06
CA GLY A 11 4.58 -25.68 5.18
C GLY A 11 3.36 -24.97 4.61
N LEU A 12 2.57 -24.35 5.48
CA LEU A 12 1.38 -23.64 5.05
C LEU A 12 1.70 -22.75 3.85
N GLY A 13 2.82 -22.03 3.93
CA GLY A 13 3.23 -21.15 2.84
C GLY A 13 3.35 -21.90 1.53
N ILE A 14 4.08 -23.01 1.56
CA ILE A 14 4.28 -23.82 0.36
C ILE A 14 3.10 -24.76 0.15
N ALA A 15 2.17 -24.77 1.10
CA ALA A 15 1.00 -25.62 1.01
C ALA A 15 0.03 -25.10 -0.05
N PHE A 16 -0.59 -23.96 0.24
CA PHE A 16 -1.53 -23.36 -0.70
C PHE A 16 -0.81 -22.80 -1.92
N ALA A 17 0.45 -23.19 -2.09
CA ALA A 17 1.24 -22.71 -3.21
C ALA A 17 0.42 -22.73 -4.49
N GLY A 18 -0.04 -23.92 -4.88
CA GLY A 18 -0.84 -24.05 -6.08
C GLY A 18 -2.33 -23.95 -5.77
N SER A 19 -2.82 -22.72 -5.64
CA SER A 19 -4.22 -22.50 -5.35
C SER A 19 -4.63 -21.08 -5.72
N LYS A 20 -3.97 -20.10 -5.11
CA LYS A 20 -4.27 -18.70 -5.37
C LYS A 20 -5.75 -18.40 -5.13
N ASN A 21 -6.25 -18.83 -3.97
CA ASN A 21 -7.65 -18.61 -3.63
C ASN A 21 -7.84 -17.23 -3.02
N ASP A 22 -9.07 -16.94 -2.61
CA ASP A 22 -9.37 -15.64 -2.01
C ASP A 22 -9.29 -15.72 -0.48
N GLU A 23 -9.00 -16.92 0.02
CA GLU A 23 -8.89 -17.12 1.46
C GLU A 23 -7.45 -16.97 1.91
N VAL A 24 -6.52 -17.48 1.10
CA VAL A 24 -5.10 -17.39 1.42
C VAL A 24 -4.74 -15.98 1.86
N LEU A 25 -5.25 -14.98 1.13
CA LEU A 25 -4.98 -13.59 1.47
C LEU A 25 -5.99 -13.08 2.49
N GLY A 26 -7.25 -13.45 2.31
CA GLY A 26 -8.30 -13.02 3.21
C GLY A 26 -8.01 -13.46 4.64
N LEU A 27 -6.90 -14.17 4.83
CA LEU A 27 -6.52 -14.66 6.15
C LEU A 27 -5.18 -14.06 6.57
N LEU A 28 -4.21 -14.09 5.67
CA LEU A 28 -2.88 -13.54 5.96
C LEU A 28 -2.95 -12.02 6.14
N LEU A 29 -3.38 -11.32 5.09
CA LEU A 29 -3.48 -9.86 5.16
C LEU A 29 -4.01 -9.42 6.52
N PRO A 30 -5.22 -9.76 6.83
CA PRO A 30 -5.86 -9.38 8.13
C PRO A 30 -4.92 -9.62 9.31
N ILE A 31 -4.34 -10.81 9.38
CA ILE A 31 -3.43 -11.15 10.46
C ILE A 31 -2.17 -10.29 10.38
N ALA A 32 -1.38 -10.50 9.33
CA ALA A 32 -0.15 -9.74 9.16
C ALA A 32 -0.39 -8.25 9.41
N ALA A 33 -1.12 -7.61 8.51
CA ALA A 33 -1.42 -6.19 8.64
C ALA A 33 -2.47 -5.97 9.73
N SER A 34 -2.26 -6.58 10.89
CA SER A 34 -3.19 -6.44 11.99
C SER A 34 -2.92 -5.15 12.77
N THR A 35 -1.95 -5.20 13.67
CA THR A 35 -1.61 -4.03 14.47
C THR A 35 -0.12 -4.03 14.81
N ASP A 36 0.42 -5.22 15.08
CA ASP A 36 1.83 -5.35 15.42
C ASP A 36 2.30 -6.79 15.19
N LEU A 37 2.10 -7.63 16.19
CA LEU A 37 2.52 -9.03 16.09
C LEU A 37 4.02 -9.12 15.84
N PRO A 38 4.65 -10.15 16.34
CA PRO A 38 6.12 -10.36 16.18
C PRO A 38 6.57 -10.12 14.74
N ILE A 39 7.32 -9.04 14.53
CA ILE A 39 7.81 -8.71 13.19
C ILE A 39 8.36 -9.96 12.51
N GLU A 40 8.75 -10.95 13.30
CA GLU A 40 9.30 -12.19 12.75
C GLU A 40 8.22 -12.96 12.01
N THR A 41 7.02 -13.03 12.61
CA THR A 41 5.91 -13.74 12.00
C THR A 41 5.24 -12.89 10.93
N ALA A 42 4.99 -11.62 11.27
CA ALA A 42 4.35 -10.70 10.33
C ALA A 42 5.03 -10.78 8.97
N ALA A 43 6.34 -10.55 8.96
CA ALA A 43 7.10 -10.58 7.71
C ALA A 43 7.00 -11.97 7.06
N MET A 44 7.17 -13.00 7.87
CA MET A 44 7.10 -14.37 7.38
C MET A 44 5.89 -14.54 6.46
N ALA A 45 4.77 -13.97 6.86
CA ALA A 45 3.55 -14.06 6.07
C ALA A 45 3.68 -13.27 4.78
N SER A 46 4.40 -12.16 4.85
CA SER A 46 4.60 -11.30 3.68
C SER A 46 5.40 -12.05 2.62
N LEU A 47 6.51 -12.64 3.03
CA LEU A 47 7.36 -13.38 2.09
C LEU A 47 6.63 -14.60 1.56
N ALA A 48 5.62 -15.05 2.30
CA ALA A 48 4.84 -16.21 1.89
C ALA A 48 4.04 -15.91 0.64
N LEU A 49 3.36 -14.77 0.63
CA LEU A 49 2.55 -14.37 -0.51
C LEU A 49 3.44 -14.08 -1.71
N ALA A 50 4.34 -13.11 -1.55
CA ALA A 50 5.25 -12.74 -2.62
C ALA A 50 5.79 -13.98 -3.33
N HIS A 51 6.05 -15.03 -2.55
CA HIS A 51 6.58 -16.28 -3.11
C HIS A 51 5.53 -16.93 -4.01
N VAL A 52 4.45 -17.39 -3.40
CA VAL A 52 3.39 -18.05 -4.16
C VAL A 52 2.91 -17.14 -5.29
N PHE A 53 3.13 -15.85 -5.15
CA PHE A 53 2.72 -14.88 -6.16
C PHE A 53 3.92 -14.37 -6.95
N VAL A 54 5.08 -15.01 -6.73
CA VAL A 54 6.29 -14.61 -7.41
C VAL A 54 6.02 -14.41 -8.91
N GLY A 55 5.14 -15.24 -9.45
CA GLY A 55 4.80 -15.14 -10.87
C GLY A 55 3.79 -14.02 -11.13
N THR A 56 2.53 -14.28 -10.79
CA THR A 56 1.48 -13.30 -10.99
C THR A 56 1.78 -12.03 -10.19
N CYS A 57 0.80 -11.15 -10.09
CA CYS A 57 0.96 -9.90 -9.36
C CYS A 57 -0.39 -9.28 -9.04
N ASN A 58 -0.41 -8.40 -8.04
CA ASN A 58 -1.65 -7.74 -7.64
C ASN A 58 -1.35 -6.48 -6.83
N GLY A 59 -2.35 -5.61 -6.72
CA GLY A 59 -2.19 -4.37 -5.97
C GLY A 59 -2.48 -4.57 -4.49
N ASP A 60 -3.63 -5.18 -4.19
CA ASP A 60 -4.01 -5.44 -2.81
C ASP A 60 -2.82 -5.98 -2.02
N ILE A 61 -2.16 -6.99 -2.56
CA ILE A 61 -1.00 -7.59 -1.90
C ILE A 61 0.02 -6.52 -1.55
N THR A 62 0.18 -5.55 -2.45
CA THR A 62 1.14 -4.47 -2.23
C THR A 62 0.58 -3.46 -1.22
N THR A 63 -0.73 -3.25 -1.28
CA THR A 63 -1.37 -2.30 -0.37
C THR A 63 -1.05 -2.66 1.09
N SER A 64 -1.33 -3.90 1.46
CA SER A 64 -1.07 -4.35 2.82
C SER A 64 0.42 -4.27 3.12
N ILE A 65 1.24 -4.76 2.21
CA ILE A 65 2.68 -4.73 2.37
C ILE A 65 3.17 -3.29 2.54
N MET A 66 2.46 -2.36 1.89
CA MET A 66 2.83 -0.95 1.98
C MET A 66 2.71 -0.46 3.42
N ASP A 67 1.54 -0.68 4.02
CA ASP A 67 1.32 -0.25 5.40
C ASP A 67 2.46 -0.73 6.29
N ASN A 68 2.77 -2.02 6.21
CA ASN A 68 3.84 -2.59 7.01
C ASN A 68 5.13 -1.79 6.83
N PHE A 69 5.35 -1.30 5.62
CA PHE A 69 6.54 -0.52 5.33
C PHE A 69 6.60 0.71 6.22
N LEU A 70 5.49 1.44 6.29
CA LEU A 70 5.43 2.65 7.11
C LEU A 70 5.87 2.33 8.54
N GLU A 71 5.41 1.20 9.06
CA GLU A 71 5.76 0.79 10.42
C GLU A 71 7.18 0.22 10.45
N ARG A 72 8.13 0.98 9.89
CA ARG A 72 9.51 0.53 9.85
C ARG A 72 9.86 -0.27 11.11
N THR A 73 9.73 0.36 12.27
CA THR A 73 10.03 -0.31 13.52
C THR A 73 11.43 -0.92 13.48
N ALA A 74 11.52 -2.18 13.06
CA ALA A 74 12.80 -2.86 12.99
C ALA A 74 13.65 -2.46 14.19
N ILE A 75 12.99 -2.01 15.24
CA ILE A 75 13.67 -1.59 16.46
C ILE A 75 13.65 -2.71 17.50
N GLU A 76 13.10 -3.86 17.12
CA GLU A 76 13.02 -5.00 18.03
C GLU A 76 14.22 -5.93 17.82
N LEU A 77 14.61 -6.08 16.55
CA LEU A 77 15.73 -6.96 16.23
C LEU A 77 17.03 -6.17 16.22
N LYS A 78 17.74 -6.22 15.09
CA LYS A 78 19.01 -5.50 14.96
C LYS A 78 19.23 -5.07 13.52
N THR A 79 19.43 -6.04 12.63
CA THR A 79 19.65 -5.74 11.22
C THR A 79 19.25 -6.92 10.35
N ASP A 80 17.94 -7.18 10.27
CA ASP A 80 17.45 -8.29 9.47
C ASP A 80 15.98 -8.06 9.10
N TRP A 81 15.75 -7.12 8.21
CA TRP A 81 14.38 -6.81 7.78
C TRP A 81 14.40 -5.99 6.50
N VAL A 82 15.25 -4.97 6.47
CA VAL A 82 15.35 -4.11 5.28
C VAL A 82 15.92 -4.88 4.11
N ARG A 83 16.53 -6.03 4.40
CA ARG A 83 17.12 -6.85 3.35
C ARG A 83 16.02 -7.50 2.49
N PHE A 84 15.40 -8.54 3.04
CA PHE A 84 14.35 -9.25 2.32
C PHE A 84 13.25 -8.27 1.88
N LEU A 85 12.88 -7.37 2.79
CA LEU A 85 11.85 -6.38 2.48
C LEU A 85 12.11 -5.74 1.13
N ALA A 86 13.21 -5.00 1.04
CA ALA A 86 13.57 -4.33 -0.21
C ALA A 86 13.50 -5.30 -1.39
N LEU A 87 14.07 -6.49 -1.20
CA LEU A 87 14.06 -7.50 -2.25
C LEU A 87 12.63 -7.84 -2.66
N ALA A 88 11.71 -7.77 -1.69
CA ALA A 88 10.31 -8.07 -1.96
C ALA A 88 9.74 -7.10 -2.99
N LEU A 89 9.53 -5.86 -2.57
CA LEU A 89 8.98 -4.84 -3.47
C LEU A 89 9.77 -4.81 -4.77
N GLY A 90 10.92 -5.47 -4.78
CA GLY A 90 11.77 -5.51 -5.98
C GLY A 90 11.25 -6.54 -6.97
N ILE A 91 11.66 -7.79 -6.78
CA ILE A 91 11.23 -8.87 -7.67
C ILE A 91 9.71 -8.90 -7.79
N LEU A 92 9.04 -8.22 -6.87
CA LEU A 92 7.58 -8.17 -6.88
C LEU A 92 7.07 -7.88 -8.28
N TYR A 93 7.15 -6.62 -8.69
CA TYR A 93 6.69 -6.22 -10.01
C TYR A 93 7.75 -6.53 -11.07
N MET A 94 7.36 -7.29 -12.09
CA MET A 94 8.28 -7.66 -13.15
C MET A 94 8.84 -6.41 -13.83
N GLY A 95 8.20 -6.00 -14.92
CA GLY A 95 8.64 -4.82 -15.65
C GLY A 95 7.54 -4.30 -16.57
N GLN A 96 6.30 -4.38 -16.09
CA GLN A 96 5.16 -3.90 -16.88
C GLN A 96 3.91 -3.80 -16.01
N GLY A 97 3.75 -2.65 -15.37
CA GLY A 97 2.59 -2.43 -14.50
C GLY A 97 2.64 -1.05 -13.86
N GLU A 98 1.78 -0.15 -14.31
CA GLU A 98 1.73 1.20 -13.77
C GLU A 98 1.81 1.18 -12.25
N GLN A 99 1.37 0.07 -11.66
CA GLN A 99 1.39 -0.07 -10.21
C GLN A 99 2.74 0.38 -9.65
N VAL A 100 3.78 0.27 -10.48
CA VAL A 100 5.11 0.67 -10.05
C VAL A 100 5.18 2.18 -9.82
N ASP A 101 4.58 2.94 -10.73
CA ASP A 101 4.58 4.39 -10.61
C ASP A 101 3.82 4.83 -9.36
N ASP A 102 2.83 4.03 -8.98
CA ASP A 102 2.03 4.34 -7.80
C ASP A 102 2.87 4.20 -6.53
N VAL A 103 3.76 3.21 -6.52
CA VAL A 103 4.62 2.99 -5.37
C VAL A 103 5.63 4.13 -5.22
N LEU A 104 6.63 4.14 -6.08
CA LEU A 104 7.65 5.18 -6.03
C LEU A 104 7.02 6.53 -5.70
N GLU A 105 5.77 6.71 -6.10
CA GLU A 105 5.06 7.96 -5.84
C GLU A 105 4.75 8.10 -4.34
N THR A 106 4.33 7.00 -3.73
CA THR A 106 4.00 7.01 -2.31
C THR A 106 5.26 7.17 -1.47
N ILE A 107 6.37 6.63 -1.96
CA ILE A 107 7.64 6.73 -1.25
C ILE A 107 8.08 8.18 -1.13
N SER A 108 8.58 8.74 -2.23
CA SER A 108 9.03 10.13 -2.22
C SER A 108 8.00 11.03 -1.55
N ALA A 109 6.75 10.58 -1.54
CA ALA A 109 5.68 11.35 -0.94
C ALA A 109 5.76 11.29 0.59
N ILE A 110 5.02 10.36 1.18
CA ILE A 110 5.02 10.21 2.63
C ILE A 110 6.44 10.34 3.18
N GLU A 111 6.59 11.19 4.20
CA GLU A 111 7.89 11.41 4.81
C GLU A 111 8.62 10.08 5.01
N HIS A 112 9.53 9.77 4.10
CA HIS A 112 10.30 8.53 4.19
C HIS A 112 11.51 8.57 3.26
N PRO A 113 12.51 9.33 3.64
CA PRO A 113 13.75 9.47 2.84
C PRO A 113 14.66 8.24 2.97
N MET A 114 14.47 7.48 4.04
CA MET A 114 15.27 6.28 4.26
C MET A 114 14.85 5.17 3.30
N THR A 115 14.52 5.56 2.07
CA THR A 115 14.10 4.59 1.07
C THR A 115 14.79 4.86 -0.26
N SER A 116 15.82 5.70 -0.23
CA SER A 116 16.57 6.04 -1.44
C SER A 116 17.08 4.78 -2.12
N ALA A 117 17.76 3.94 -1.36
CA ALA A 117 18.31 2.70 -1.90
C ALA A 117 17.28 2.00 -2.78
N ILE A 118 16.15 1.62 -2.18
CA ILE A 118 15.09 0.95 -2.91
C ILE A 118 14.65 1.78 -4.11
N GLU A 119 14.37 3.05 -3.86
CA GLU A 119 13.94 3.95 -4.94
C GLU A 119 14.85 3.82 -6.15
N VAL A 120 16.15 3.89 -5.92
CA VAL A 120 17.12 3.77 -7.00
C VAL A 120 16.96 2.45 -7.73
N LEU A 121 17.02 1.36 -6.97
CA LEU A 121 16.87 0.03 -7.56
C LEU A 121 15.54 -0.09 -8.30
N VAL A 122 14.45 -0.08 -7.54
CA VAL A 122 13.12 -0.18 -8.13
C VAL A 122 12.90 0.92 -9.16
N GLY A 123 13.65 2.02 -9.02
CA GLY A 123 13.54 3.14 -9.95
C GLY A 123 13.98 2.73 -11.35
N SER A 124 15.03 1.92 -11.42
CA SER A 124 15.56 1.46 -12.70
C SER A 124 14.61 0.43 -13.33
N CYS A 125 14.10 -0.48 -12.50
CA CYS A 125 13.19 -1.51 -12.99
C CYS A 125 11.79 -0.94 -13.20
N ALA A 126 11.33 -0.97 -14.43
CA ALA A 126 10.00 -0.45 -14.76
C ALA A 126 9.61 -0.83 -16.18
N TYR A 127 9.32 0.18 -17.00
CA TYR A 127 8.93 -0.06 -18.38
C TYR A 127 9.12 1.20 -19.22
N THR A 128 9.80 1.06 -20.35
CA THR A 128 10.06 2.19 -21.24
C THR A 128 8.80 2.52 -22.04
N GLY A 129 7.88 1.56 -22.13
CA GLY A 129 6.65 1.76 -22.87
C GLY A 129 6.95 2.07 -24.34
N THR A 130 6.09 2.87 -24.95
CA THR A 130 6.27 3.24 -26.35
C THR A 130 7.51 4.10 -26.53
N GLY A 131 8.09 4.06 -27.74
CA GLY A 131 9.29 4.84 -28.02
C GLY A 131 10.52 4.21 -27.38
N MET B 1 -17.94 23.54 -7.69
CA MET B 1 -18.39 22.83 -8.92
C MET B 1 -17.18 22.19 -9.60
N VAL B 2 -16.26 21.66 -8.80
CA VAL B 2 -15.07 21.03 -9.32
C VAL B 2 -15.15 19.52 -9.19
N SER B 3 -14.76 18.82 -10.25
CA SER B 3 -14.79 17.36 -10.25
C SER B 3 -13.37 16.81 -10.43
N LEU B 4 -12.84 16.20 -9.37
CA LEU B 4 -11.50 15.66 -9.42
C LEU B 4 -11.52 14.15 -9.61
N THR B 5 -10.35 13.53 -9.47
CA THR B 5 -10.23 12.08 -9.62
C THR B 5 -9.34 11.48 -8.56
N PHE B 6 -9.94 10.75 -7.63
CA PHE B 6 -9.17 10.11 -6.57
C PHE B 6 -8.79 8.69 -6.98
N LYS B 7 -7.50 8.44 -7.17
CA LYS B 7 -7.02 7.13 -7.58
C LYS B 7 -6.34 6.40 -6.42
N ASN B 8 -6.38 5.09 -6.47
CA ASN B 8 -5.77 4.26 -5.43
C ASN B 8 -4.52 3.55 -5.96
N PHE B 9 -4.19 2.42 -5.34
CA PHE B 9 -3.04 1.64 -5.75
C PHE B 9 -3.38 0.73 -6.93
N LYS B 10 -4.67 0.70 -7.28
CA LYS B 10 -5.13 -0.13 -8.39
C LYS B 10 -5.31 0.74 -9.63
N LYS B 11 -4.81 1.96 -9.55
CA LYS B 11 -4.90 2.90 -10.67
C LYS B 11 -6.35 3.36 -10.86
N GLU B 12 -7.28 2.53 -10.40
CA GLU B 12 -8.70 2.87 -10.53
C GLU B 12 -8.95 4.28 -10.00
N LYS B 13 -9.73 5.05 -10.76
CA LYS B 13 -10.05 6.41 -10.36
C LYS B 13 -11.42 6.47 -9.70
N VAL B 14 -11.59 7.45 -8.84
CA VAL B 14 -12.85 7.63 -8.13
C VAL B 14 -13.29 9.09 -8.20
N PRO B 15 -13.84 9.50 -9.30
CA PRO B 15 -14.30 10.91 -9.51
C PRO B 15 -15.08 11.43 -8.31
N LEU B 16 -14.89 12.71 -8.01
CA LEU B 16 -15.58 13.34 -6.89
C LEU B 16 -15.80 14.82 -7.14
N ASP B 17 -16.97 15.30 -6.77
CA ASP B 17 -17.29 16.72 -6.94
C ASP B 17 -17.17 17.44 -5.61
N LEU B 18 -16.50 18.58 -5.62
CA LEU B 18 -16.30 19.36 -4.41
C LEU B 18 -16.45 20.85 -4.67
N GLU B 19 -16.06 21.65 -3.68
CA GLU B 19 -16.14 23.10 -3.80
C GLU B 19 -14.95 23.74 -3.10
N PRO B 20 -14.58 24.93 -3.50
CA PRO B 20 -13.43 25.66 -2.90
C PRO B 20 -13.50 25.60 -1.38
N SER B 21 -14.72 25.54 -0.86
CA SER B 21 -14.93 25.47 0.58
C SER B 21 -14.78 24.04 1.08
N ASN B 22 -15.66 23.15 0.62
CA ASN B 22 -15.59 21.75 1.03
C ASN B 22 -14.15 21.39 1.41
N THR B 23 -13.99 20.66 2.50
CA THR B 23 -12.66 20.30 2.96
C THR B 23 -12.42 18.80 2.83
N ILE B 24 -11.21 18.38 3.22
CA ILE B 24 -10.82 16.99 3.16
C ILE B 24 -11.71 16.15 4.06
N LEU B 25 -12.20 16.74 5.13
CA LEU B 25 -13.06 16.01 6.04
C LEU B 25 -14.24 15.43 5.27
N GLU B 26 -14.85 16.26 4.44
CA GLU B 26 -16.00 15.83 3.64
C GLU B 26 -15.56 14.97 2.47
N THR B 27 -14.50 15.37 1.78
CA THR B 27 -14.02 14.57 0.65
C THR B 27 -13.64 13.19 1.15
N LYS B 28 -13.12 13.15 2.36
CA LYS B 28 -12.73 11.89 2.99
C LYS B 28 -13.98 11.07 3.30
N THR B 29 -15.03 11.74 3.78
CA THR B 29 -16.27 11.05 4.11
C THR B 29 -16.88 10.45 2.86
N LYS B 30 -16.95 11.25 1.79
CA LYS B 30 -17.52 10.77 0.54
C LYS B 30 -16.64 9.67 -0.05
N LEU B 31 -15.39 10.01 -0.38
CA LEU B 31 -14.47 9.03 -0.94
C LEU B 31 -14.56 7.71 -0.18
N ALA B 32 -15.09 7.78 1.04
CA ALA B 32 -15.23 6.59 1.87
C ALA B 32 -16.61 5.97 1.68
N GLN B 33 -17.59 6.82 1.39
CA GLN B 33 -18.96 6.35 1.18
C GLN B 33 -19.16 5.93 -0.26
N SER B 34 -18.10 6.03 -1.05
CA SER B 34 -18.15 5.65 -2.46
C SER B 34 -17.57 4.25 -2.64
N ILE B 35 -16.45 4.01 -1.96
CA ILE B 35 -15.79 2.72 -2.02
C ILE B 35 -16.28 1.83 -0.90
N SER B 36 -16.87 2.45 0.12
CA SER B 36 -17.38 1.71 1.27
C SER B 36 -16.28 1.47 2.30
N CYS B 37 -15.31 2.36 2.37
CA CYS B 37 -14.22 2.22 3.33
C CYS B 37 -14.15 3.45 4.23
N GLU B 38 -13.96 3.22 5.52
CA GLU B 38 -13.88 4.31 6.47
C GLU B 38 -12.78 5.28 6.09
N GLU B 39 -13.03 6.55 6.37
CA GLU B 39 -12.06 7.60 6.05
C GLU B 39 -11.05 7.74 7.18
N SER B 40 -11.16 6.85 8.16
CA SER B 40 -10.26 6.89 9.31
C SER B 40 -8.91 6.24 8.98
N GLN B 41 -8.84 5.59 7.82
CA GLN B 41 -7.62 4.93 7.40
C GLN B 41 -7.17 5.51 6.07
N ILE B 42 -8.13 5.99 5.31
CA ILE B 42 -7.87 6.59 4.01
C ILE B 42 -6.80 7.66 4.11
N LYS B 43 -5.72 7.47 3.35
CA LYS B 43 -4.64 8.44 3.33
C LYS B 43 -4.78 9.31 2.08
N LEU B 44 -5.55 10.39 2.21
CA LEU B 44 -5.78 11.28 1.09
C LEU B 44 -4.51 12.05 0.71
N ILE B 45 -3.95 11.72 -0.44
CA ILE B 45 -2.74 12.38 -0.92
C ILE B 45 -3.05 13.32 -2.08
N TYR B 46 -2.06 14.13 -2.43
CA TYR B 46 -2.21 15.07 -3.53
C TYR B 46 -0.88 15.21 -4.26
N SER B 47 -0.75 14.56 -5.41
CA SER B 47 0.48 14.61 -6.17
C SER B 47 1.64 14.08 -5.33
N GLY B 48 1.38 12.98 -4.62
CA GLY B 48 2.40 12.37 -3.77
C GLY B 48 2.63 13.23 -2.53
N LYS B 49 1.58 13.88 -2.05
CA LYS B 49 1.69 14.72 -0.87
C LYS B 49 0.50 14.53 0.07
N VAL B 50 0.54 13.46 0.86
CA VAL B 50 -0.54 13.17 1.81
C VAL B 50 -1.19 14.46 2.30
N LEU B 51 -2.39 14.75 1.80
CA LEU B 51 -3.11 15.96 2.19
C LEU B 51 -3.35 15.98 3.69
N GLN B 52 -4.15 16.95 4.14
CA GLN B 52 -4.45 17.08 5.56
C GLN B 52 -5.95 17.31 5.75
N ASP B 53 -6.49 16.78 6.84
CA ASP B 53 -7.91 16.93 7.13
C ASP B 53 -8.22 18.36 7.57
N SER B 54 -7.18 19.09 7.95
CA SER B 54 -7.34 20.47 8.40
C SER B 54 -7.20 21.46 7.24
N LYS B 55 -7.25 20.95 6.01
CA LYS B 55 -7.12 21.83 4.84
C LYS B 55 -8.28 21.60 3.88
N THR B 56 -8.80 22.69 3.34
CA THR B 56 -9.91 22.59 2.40
C THR B 56 -9.39 22.16 1.04
N VAL B 57 -10.11 22.49 -0.02
CA VAL B 57 -9.69 22.14 -1.36
C VAL B 57 -8.81 23.24 -1.93
N SER B 58 -9.24 24.47 -1.71
CA SER B 58 -8.48 25.62 -2.20
C SER B 58 -7.08 25.58 -1.61
N GLU B 59 -7.01 25.20 -0.34
CA GLU B 59 -5.72 25.10 0.34
C GLU B 59 -4.93 23.95 -0.25
N CYS B 60 -5.63 22.86 -0.56
CA CYS B 60 -5.00 21.69 -1.15
C CYS B 60 -4.28 22.08 -2.45
N GLY B 61 -4.76 23.15 -3.07
CA GLY B 61 -4.15 23.63 -4.31
C GLY B 61 -4.81 22.98 -5.52
N LEU B 62 -5.94 22.32 -5.32
CA LEU B 62 -6.63 21.66 -6.42
C LEU B 62 -7.32 22.69 -7.30
N LYS B 63 -7.78 22.22 -8.45
CA LYS B 63 -8.46 23.08 -9.41
C LYS B 63 -9.73 22.40 -9.91
N ASP B 64 -10.22 22.83 -11.06
CA ASP B 64 -11.43 22.25 -11.64
C ASP B 64 -11.08 21.16 -12.65
N GLY B 65 -11.46 19.93 -12.34
CA GLY B 65 -11.20 18.80 -13.22
C GLY B 65 -9.75 18.32 -13.11
N ASP B 66 -9.29 18.07 -11.88
CA ASP B 66 -7.93 17.60 -11.66
C ASP B 66 -7.95 16.16 -11.15
N GLN B 67 -6.83 15.73 -10.59
CA GLN B 67 -6.74 14.36 -10.06
C GLN B 67 -5.99 14.36 -8.73
N VAL B 68 -6.51 13.60 -7.77
CA VAL B 68 -5.90 13.52 -6.46
C VAL B 68 -5.42 12.09 -6.18
N VAL B 69 -4.34 11.97 -5.43
CA VAL B 69 -3.79 10.65 -5.09
C VAL B 69 -4.25 10.26 -3.69
N PHE B 70 -4.68 9.01 -3.55
CA PHE B 70 -5.15 8.53 -2.25
C PHE B 70 -4.97 7.02 -2.13
N MET B 71 -5.14 6.51 -0.92
CA MET B 71 -5.00 5.07 -0.67
C MET B 71 -5.78 4.68 0.59
N VAL B 72 -6.27 3.44 0.62
CA VAL B 72 -7.03 2.96 1.76
C VAL B 72 -6.18 2.03 2.62
N SER B 73 -6.36 2.12 3.93
CA SER B 73 -5.60 1.27 4.85
C SER B 73 -6.48 0.13 5.38
N GLN B 74 -5.98 -0.58 6.38
CA GLN B 74 -6.73 -1.69 6.95
C GLN B 74 -6.73 -1.61 8.48
N LYS B 75 -5.70 -0.97 9.03
CA LYS B 75 -5.60 -0.82 10.48
C LYS B 75 -6.68 -1.62 11.20
N LYS B 76 -7.58 -0.91 11.87
CA LYS B 76 -8.66 -1.56 12.59
C LYS B 76 -9.91 -1.67 11.71
N SER B 77 -11.04 -1.99 12.33
CA SER B 77 -12.29 -2.11 11.59
C SER B 77 -12.11 -3.05 10.39
N THR B 78 -11.76 -2.47 9.25
CA THR B 78 -11.56 -3.25 8.04
C THR B 78 -10.35 -4.16 8.18
N ASP A 1 13.20 -24.30 8.35
CA ASP A 1 13.72 -24.34 9.75
C ASP A 1 12.82 -25.22 10.60
N THR A 2 13.31 -25.63 11.76
CA THR A 2 12.54 -26.48 12.66
C THR A 2 11.46 -25.68 13.36
N LYS A 3 11.63 -24.36 13.39
CA LYS A 3 10.66 -23.49 14.04
C LYS A 3 9.25 -23.81 13.57
N ILE A 4 8.32 -23.92 14.52
CA ILE A 4 6.93 -24.22 14.18
C ILE A 4 6.39 -23.23 13.16
N SER A 5 6.84 -21.97 13.26
CA SER A 5 6.40 -20.93 12.34
C SER A 5 6.70 -21.32 10.90
N SER A 6 7.94 -21.76 10.66
CA SER A 6 8.35 -22.17 9.32
C SER A 6 7.60 -23.42 8.89
N ALA A 7 7.64 -24.45 9.72
CA ALA A 7 6.96 -25.70 9.40
C ALA A 7 5.49 -25.45 9.09
N ALA A 8 4.89 -24.50 9.80
CA ALA A 8 3.49 -24.17 9.58
C ALA A 8 3.31 -23.47 8.24
N ILE A 9 3.78 -22.22 8.17
CA ILE A 9 3.67 -21.45 6.94
C ILE A 9 4.07 -22.29 5.74
N LEU A 10 4.97 -23.24 5.96
CA LEU A 10 5.43 -24.12 4.89
C LEU A 10 4.27 -24.95 4.33
N GLY A 11 3.56 -25.62 5.23
CA GLY A 11 2.42 -26.44 4.83
C GLY A 11 1.43 -25.64 4.00
N LEU A 12 1.13 -24.44 4.46
CA LEU A 12 0.18 -23.57 3.75
C LEU A 12 0.72 -23.22 2.37
N GLY A 13 2.03 -23.09 2.26
CA GLY A 13 2.66 -22.75 0.99
C GLY A 13 2.36 -23.82 -0.07
N ILE A 14 2.56 -25.08 0.30
CA ILE A 14 2.31 -26.18 -0.62
C ILE A 14 0.81 -26.45 -0.74
N ALA A 15 0.03 -25.77 0.09
CA ALA A 15 -1.43 -25.95 0.08
C ALA A 15 -2.05 -25.22 -1.12
N PHE A 16 -2.14 -23.90 -1.01
CA PHE A 16 -2.71 -23.09 -2.08
C PHE A 16 -1.62 -22.61 -3.03
N ALA A 17 -0.54 -23.38 -3.12
CA ALA A 17 0.58 -23.02 -4.00
C ALA A 17 0.05 -22.50 -5.33
N GLY A 18 -0.74 -23.33 -6.02
CA GLY A 18 -1.29 -22.95 -7.31
C GLY A 18 -2.82 -22.92 -7.26
N SER A 19 -3.38 -21.76 -6.99
CA SER A 19 -4.84 -21.62 -6.92
C SER A 19 -5.24 -20.16 -7.12
N LYS A 20 -4.56 -19.26 -6.44
CA LYS A 20 -4.85 -17.83 -6.56
C LYS A 20 -6.33 -17.57 -6.25
N ASN A 21 -6.61 -17.22 -5.00
CA ASN A 21 -7.98 -16.95 -4.59
C ASN A 21 -8.02 -15.78 -3.61
N ASP A 22 -9.21 -15.18 -3.47
CA ASP A 22 -9.36 -14.04 -2.56
C ASP A 22 -9.57 -14.53 -1.12
N GLU A 23 -9.37 -15.83 -0.91
CA GLU A 23 -9.54 -16.41 0.42
C GLU A 23 -8.19 -16.51 1.12
N VAL A 24 -7.19 -17.04 0.41
CA VAL A 24 -5.86 -17.19 0.99
C VAL A 24 -5.35 -15.84 1.52
N LEU A 25 -5.65 -14.78 0.78
CA LEU A 25 -5.22 -13.45 1.18
C LEU A 25 -6.25 -12.81 2.11
N GLY A 26 -7.52 -13.01 1.81
CA GLY A 26 -8.59 -12.45 2.62
C GLY A 26 -8.51 -12.96 4.06
N LEU A 27 -7.60 -13.90 4.30
CA LEU A 27 -7.44 -14.46 5.64
C LEU A 27 -6.00 -14.27 6.13
N LEU A 28 -5.04 -14.74 5.32
CA LEU A 28 -3.64 -14.62 5.68
C LEU A 28 -3.21 -13.16 5.74
N LEU A 29 -3.83 -12.32 4.91
CA LEU A 29 -3.49 -10.91 4.89
C LEU A 29 -3.91 -10.22 6.19
N PRO A 30 -5.18 -10.25 6.50
CA PRO A 30 -5.70 -9.61 7.74
C PRO A 30 -4.87 -9.97 8.96
N ILE A 31 -4.60 -11.26 9.12
CA ILE A 31 -3.80 -11.73 10.25
C ILE A 31 -2.38 -11.18 10.17
N ALA A 32 -1.96 -10.83 8.96
CA ALA A 32 -0.62 -10.29 8.76
C ALA A 32 -0.61 -8.79 8.95
N ALA A 33 -1.73 -8.25 9.43
CA ALA A 33 -1.84 -6.82 9.67
C ALA A 33 -3.04 -6.51 10.56
N SER A 34 -3.13 -7.22 11.68
CA SER A 34 -4.23 -7.01 12.62
C SER A 34 -3.82 -6.06 13.73
N THR A 35 -3.70 -6.59 14.94
CA THR A 35 -3.31 -5.77 16.09
C THR A 35 -1.82 -5.48 16.06
N ASP A 36 -1.05 -6.20 16.87
CA ASP A 36 0.39 -6.00 16.93
C ASP A 36 1.03 -6.42 15.61
N LEU A 37 1.30 -7.72 15.47
CA LEU A 37 1.90 -8.23 14.25
C LEU A 37 3.08 -7.35 13.82
N PRO A 38 4.21 -7.52 14.45
CA PRO A 38 5.44 -6.74 14.14
C PRO A 38 6.09 -7.19 12.84
N ILE A 39 6.92 -6.33 12.26
CA ILE A 39 7.61 -6.66 11.02
C ILE A 39 8.40 -7.95 11.17
N GLU A 40 8.41 -8.50 12.38
CA GLU A 40 9.13 -9.74 12.64
C GLU A 40 8.46 -10.91 11.93
N THR A 41 7.22 -11.19 12.32
CA THR A 41 6.48 -12.30 11.72
C THR A 41 5.78 -11.83 10.44
N ALA A 42 5.18 -10.65 10.49
CA ALA A 42 4.49 -10.11 9.33
C ALA A 42 5.30 -10.34 8.06
N ALA A 43 6.62 -10.40 8.21
CA ALA A 43 7.50 -10.62 7.07
C ALA A 43 7.38 -12.06 6.56
N MET A 44 7.33 -13.00 7.50
CA MET A 44 7.21 -14.41 7.14
C MET A 44 5.98 -14.65 6.27
N ALA A 45 4.82 -14.29 6.81
CA ALA A 45 3.56 -14.47 6.07
C ALA A 45 3.69 -13.90 4.67
N SER A 46 4.04 -12.62 4.57
CA SER A 46 4.18 -11.97 3.28
C SER A 46 5.00 -12.83 2.33
N LEU A 47 6.10 -13.39 2.83
CA LEU A 47 6.96 -14.24 2.02
C LEU A 47 6.13 -15.32 1.32
N ALA A 48 5.28 -15.98 2.09
CA ALA A 48 4.43 -17.04 1.54
C ALA A 48 3.65 -16.52 0.33
N LEU A 49 2.95 -15.40 0.52
CA LEU A 49 2.18 -14.81 -0.57
C LEU A 49 3.07 -14.50 -1.77
N ALA A 50 4.30 -14.10 -1.49
CA ALA A 50 5.24 -13.77 -2.54
C ALA A 50 5.50 -14.97 -3.44
N HIS A 51 6.09 -16.01 -2.87
CA HIS A 51 6.38 -17.23 -3.62
C HIS A 51 5.18 -17.64 -4.48
N VAL A 52 3.99 -17.62 -3.86
CA VAL A 52 2.78 -17.99 -4.58
C VAL A 52 2.44 -16.94 -5.63
N PHE A 53 2.01 -15.77 -5.19
CA PHE A 53 1.66 -14.69 -6.11
C PHE A 53 2.91 -14.07 -6.70
N VAL A 54 3.95 -14.88 -6.86
CA VAL A 54 5.21 -14.40 -7.44
C VAL A 54 4.97 -13.74 -8.79
N GLY A 55 4.08 -14.34 -9.58
CA GLY A 55 3.77 -13.81 -10.90
C GLY A 55 2.67 -12.76 -10.82
N THR A 56 1.44 -13.22 -10.64
CA THR A 56 0.29 -12.32 -10.53
C THR A 56 0.35 -11.52 -9.24
N CYS A 57 0.62 -10.22 -9.37
CA CYS A 57 0.70 -9.35 -8.20
C CYS A 57 -0.65 -8.72 -7.90
N ASN A 58 -0.66 -7.75 -7.00
CA ASN A 58 -1.90 -7.06 -6.64
C ASN A 58 -1.60 -5.85 -5.76
N GLY A 59 -2.45 -4.83 -5.86
CA GLY A 59 -2.27 -3.61 -5.07
C GLY A 59 -2.52 -3.88 -3.59
N ASP A 60 -3.60 -4.59 -3.29
CA ASP A 60 -3.93 -4.90 -1.91
C ASP A 60 -2.71 -5.45 -1.17
N ILE A 61 -2.02 -6.40 -1.80
CA ILE A 61 -0.83 -6.99 -1.20
C ILE A 61 0.22 -5.91 -0.93
N THR A 62 0.36 -4.99 -1.86
CA THR A 62 1.34 -3.90 -1.71
C THR A 62 0.82 -2.83 -0.76
N THR A 63 -0.47 -2.92 -0.43
CA THR A 63 -1.09 -1.96 0.47
C THR A 63 -0.64 -2.21 1.90
N SER A 64 -0.79 -3.45 2.36
CA SER A 64 -0.40 -3.81 3.72
C SER A 64 1.12 -3.82 3.84
N ILE A 65 1.80 -4.27 2.78
CA ILE A 65 3.26 -4.33 2.78
C ILE A 65 3.84 -2.92 2.80
N MET A 66 3.13 -1.97 2.20
CA MET A 66 3.59 -0.60 2.16
C MET A 66 3.51 0.05 3.54
N ASP A 67 2.29 0.13 4.07
CA ASP A 67 2.09 0.73 5.39
C ASP A 67 3.10 0.18 6.38
N ASN A 68 3.56 -1.04 6.15
CA ASN A 68 4.53 -1.67 7.03
C ASN A 68 5.93 -1.11 6.78
N PHE A 69 6.22 -0.82 5.51
CA PHE A 69 7.52 -0.26 5.15
C PHE A 69 7.72 1.10 5.78
N LEU A 70 6.64 1.87 5.90
CA LEU A 70 6.70 3.20 6.48
C LEU A 70 6.88 3.10 7.99
N GLU A 71 6.12 2.20 8.62
CA GLU A 71 6.20 2.02 10.06
C GLU A 71 7.57 1.49 10.47
N ARG A 72 8.35 1.07 9.47
CA ARG A 72 9.67 0.53 9.74
C ARG A 72 10.66 1.67 10.00
N THR A 73 11.08 1.79 11.26
CA THR A 73 12.02 2.85 11.63
C THR A 73 13.41 2.25 11.86
N ALA A 74 13.64 1.07 11.32
CA ALA A 74 14.94 0.40 11.47
C ALA A 74 15.34 0.36 12.95
N ILE A 75 14.36 0.51 13.82
CA ILE A 75 14.61 0.49 15.26
C ILE A 75 14.64 -0.95 15.78
N GLU A 76 13.94 -1.84 15.07
CA GLU A 76 13.89 -3.24 15.48
C GLU A 76 15.15 -3.97 15.02
N LEU A 77 15.54 -3.75 13.77
CA LEU A 77 16.73 -4.39 13.22
C LEU A 77 17.27 -3.60 12.03
N LYS A 78 18.31 -4.14 11.40
CA LYS A 78 18.91 -3.47 10.25
C LYS A 78 19.73 -4.46 9.43
N THR A 79 20.82 -4.96 10.03
CA THR A 79 21.68 -5.92 9.35
C THR A 79 20.87 -7.08 8.79
N ASP A 80 21.17 -7.48 7.56
CA ASP A 80 20.46 -8.58 6.93
C ASP A 80 18.95 -8.38 7.05
N TRP A 81 18.39 -7.59 6.13
CA TRP A 81 16.96 -7.32 6.14
C TRP A 81 16.55 -6.57 4.87
N VAL A 82 17.26 -5.49 4.57
CA VAL A 82 16.97 -4.69 3.40
C VAL A 82 16.92 -5.56 2.15
N ARG A 83 17.73 -6.61 2.14
CA ARG A 83 17.77 -7.53 1.00
C ARG A 83 16.40 -8.16 0.78
N PHE A 84 15.82 -8.71 1.84
CA PHE A 84 14.52 -9.34 1.75
C PHE A 84 13.48 -8.35 1.24
N LEU A 85 13.23 -7.30 2.01
CA LEU A 85 12.26 -6.29 1.62
C LEU A 85 12.53 -5.80 0.20
N ALA A 86 13.74 -5.33 -0.03
CA ALA A 86 14.12 -4.83 -1.35
C ALA A 86 13.75 -5.84 -2.43
N LEU A 87 13.99 -7.12 -2.16
CA LEU A 87 13.68 -8.18 -3.11
C LEU A 87 12.18 -8.26 -3.33
N ALA A 88 11.44 -8.63 -2.29
CA ALA A 88 9.99 -8.74 -2.39
C ALA A 88 9.42 -7.58 -3.20
N LEU A 89 9.18 -6.45 -2.53
CA LEU A 89 8.64 -5.28 -3.19
C LEU A 89 9.29 -5.08 -4.56
N GLY A 90 10.51 -5.59 -4.71
CA GLY A 90 11.22 -5.47 -5.98
C GLY A 90 10.67 -6.44 -7.02
N ILE A 91 11.19 -7.66 -7.03
CA ILE A 91 10.74 -8.66 -7.98
C ILE A 91 9.22 -8.73 -8.00
N LEU A 92 8.59 -8.12 -7.01
CA LEU A 92 7.14 -8.12 -6.92
C LEU A 92 6.51 -7.86 -8.30
N TYR A 93 6.62 -6.62 -8.76
CA TYR A 93 6.06 -6.25 -10.06
C TYR A 93 7.03 -6.62 -11.17
N MET A 94 7.59 -5.61 -11.83
CA MET A 94 8.54 -5.84 -12.91
C MET A 94 7.81 -6.37 -14.15
N GLY A 95 6.92 -7.33 -13.93
CA GLY A 95 6.17 -7.91 -15.03
C GLY A 95 5.39 -6.85 -15.80
N GLN A 96 4.12 -6.68 -15.43
CA GLN A 96 3.28 -5.68 -16.09
C GLN A 96 3.94 -4.30 -16.05
N GLY A 97 3.97 -3.70 -14.87
CA GLY A 97 4.59 -2.38 -14.71
C GLY A 97 3.53 -1.37 -14.30
N GLU A 98 3.90 -0.09 -14.34
CA GLU A 98 2.97 0.98 -14.03
C GLU A 98 2.75 0.96 -12.52
N GLN A 99 2.21 -0.14 -12.02
CA GLN A 99 2.22 -0.35 -10.55
C GLN A 99 3.40 0.20 -9.78
N VAL A 100 4.55 0.30 -10.45
CA VAL A 100 5.76 0.80 -9.82
C VAL A 100 5.68 2.31 -9.66
N ASP A 101 5.22 3.00 -10.71
CA ASP A 101 5.10 4.45 -10.67
C ASP A 101 4.16 4.88 -9.55
N ASP A 102 3.16 4.05 -9.27
CA ASP A 102 2.20 4.35 -8.21
C ASP A 102 2.85 4.23 -6.84
N VAL A 103 3.63 3.17 -6.65
CA VAL A 103 4.31 2.95 -5.38
C VAL A 103 5.30 4.07 -5.09
N LEU A 104 6.36 4.13 -5.88
CA LEU A 104 7.38 5.17 -5.71
C LEU A 104 6.72 6.52 -5.47
N GLU A 105 5.70 6.83 -6.25
CA GLU A 105 4.98 8.10 -6.12
C GLU A 105 4.61 8.34 -4.66
N THR A 106 4.07 7.32 -4.01
CA THR A 106 3.67 7.44 -2.61
C THR A 106 4.90 7.52 -1.70
N ILE A 107 5.79 6.55 -1.84
CA ILE A 107 7.01 6.53 -1.03
C ILE A 107 7.69 7.89 -1.04
N SER A 108 7.70 8.53 -2.21
CA SER A 108 8.32 9.84 -2.36
C SER A 108 7.38 10.94 -1.86
N ALA A 109 6.11 10.58 -1.68
CA ALA A 109 5.12 11.55 -1.22
C ALA A 109 5.20 11.72 0.30
N ILE A 110 4.63 10.77 1.02
CA ILE A 110 4.64 10.83 2.48
C ILE A 110 6.01 11.28 2.99
N GLU A 111 6.05 12.47 3.58
CA GLU A 111 7.31 13.01 4.10
C GLU A 111 8.09 11.94 4.85
N HIS A 112 9.21 11.52 4.27
CA HIS A 112 10.04 10.50 4.89
C HIS A 112 11.35 10.34 4.13
N PRO A 113 12.25 11.26 4.29
CA PRO A 113 13.57 11.24 3.61
C PRO A 113 14.52 10.23 4.25
N MET A 114 14.34 8.96 3.91
CA MET A 114 15.18 7.90 4.45
C MET A 114 15.19 6.69 3.52
N THR A 115 14.08 6.49 2.82
CA THR A 115 13.97 5.36 1.90
C THR A 115 14.74 5.63 0.61
N SER A 116 15.35 6.82 0.53
CA SER A 116 16.13 7.19 -0.65
C SER A 116 16.95 6.00 -1.14
N ALA A 117 17.20 5.06 -0.24
CA ALA A 117 17.99 3.88 -0.60
C ALA A 117 17.22 2.99 -1.55
N ILE A 118 16.10 2.44 -1.08
CA ILE A 118 15.27 1.56 -1.89
C ILE A 118 14.68 2.34 -3.08
N GLU A 119 14.49 3.64 -2.89
CA GLU A 119 13.93 4.48 -3.95
C GLU A 119 14.81 4.42 -5.19
N VAL A 120 16.11 4.67 -5.00
CA VAL A 120 17.04 4.64 -6.13
C VAL A 120 17.11 3.24 -6.74
N LEU A 121 16.95 2.22 -5.89
CA LEU A 121 17.01 0.84 -6.35
C LEU A 121 15.95 0.61 -7.43
N VAL A 122 14.68 0.67 -7.03
CA VAL A 122 13.59 0.46 -7.97
C VAL A 122 13.52 1.59 -8.98
N GLY A 123 13.76 2.82 -8.50
CA GLY A 123 13.73 3.99 -9.37
C GLY A 123 14.48 3.72 -10.68
N SER A 124 15.72 3.26 -10.56
CA SER A 124 16.54 2.97 -11.73
C SER A 124 15.95 1.80 -12.50
N CYS A 125 15.87 0.65 -11.86
CA CYS A 125 15.32 -0.55 -12.50
C CYS A 125 13.80 -0.50 -12.50
N ALA A 126 13.21 -0.34 -13.68
CA ALA A 126 11.76 -0.29 -13.80
C ALA A 126 11.33 -0.59 -15.23
N TYR A 127 10.06 -0.94 -15.40
CA TYR A 127 9.53 -1.25 -16.73
C TYR A 127 9.95 -0.18 -17.73
N THR A 128 10.16 -0.60 -18.98
CA THR A 128 10.56 0.34 -20.03
C THR A 128 9.66 1.57 -20.02
N GLY A 129 10.19 2.68 -19.51
CA GLY A 129 9.42 3.92 -19.45
C GLY A 129 10.35 5.12 -19.29
N THR A 130 10.06 5.96 -18.29
CA THR A 130 10.87 7.14 -18.04
C THR A 130 10.62 7.66 -16.63
N GLY A 131 11.68 7.71 -15.82
CA GLY A 131 11.57 8.21 -14.46
C GLY A 131 12.78 7.78 -13.63
N MET B 1 -19.81 22.99 -9.84
CA MET B 1 -19.37 21.81 -9.05
C MET B 1 -18.14 21.20 -9.71
N VAL B 2 -17.08 21.02 -8.92
CA VAL B 2 -15.85 20.45 -9.44
C VAL B 2 -15.82 18.94 -9.19
N SER B 3 -15.51 18.18 -10.24
CA SER B 3 -15.44 16.72 -10.14
C SER B 3 -14.01 16.25 -10.40
N LEU B 4 -13.34 15.80 -9.35
CA LEU B 4 -11.97 15.32 -9.48
C LEU B 4 -11.93 13.81 -9.64
N THR B 5 -10.73 13.24 -9.52
CA THR B 5 -10.56 11.79 -9.64
C THR B 5 -9.61 11.26 -8.58
N PHE B 6 -10.15 10.48 -7.65
CA PHE B 6 -9.32 9.90 -6.60
C PHE B 6 -8.81 8.53 -7.04
N LYS B 7 -7.49 8.43 -7.24
CA LYS B 7 -6.89 7.17 -7.68
C LYS B 7 -6.14 6.50 -6.53
N ASN B 8 -6.15 5.18 -6.54
CA ASN B 8 -5.46 4.41 -5.50
C ASN B 8 -4.21 3.71 -6.07
N PHE B 9 -3.99 2.47 -5.66
CA PHE B 9 -2.84 1.72 -6.14
C PHE B 9 -3.20 0.87 -7.35
N LYS B 10 -4.49 0.79 -7.65
CA LYS B 10 -4.94 0.02 -8.80
C LYS B 10 -5.23 0.94 -9.98
N LYS B 11 -4.73 2.16 -9.87
CA LYS B 11 -4.93 3.15 -10.92
C LYS B 11 -6.41 3.43 -11.12
N GLU B 12 -7.24 2.69 -10.40
CA GLU B 12 -8.68 2.88 -10.50
C GLU B 12 -9.06 4.29 -10.08
N LYS B 13 -9.91 4.93 -10.88
CA LYS B 13 -10.34 6.28 -10.59
C LYS B 13 -11.67 6.29 -9.84
N VAL B 14 -11.74 7.11 -8.81
CA VAL B 14 -12.96 7.22 -8.01
C VAL B 14 -13.46 8.67 -8.04
N PRO B 15 -14.08 9.06 -9.11
CA PRO B 15 -14.62 10.44 -9.28
C PRO B 15 -15.33 10.94 -8.04
N LEU B 16 -15.17 12.23 -7.77
CA LEU B 16 -15.80 12.86 -6.61
C LEU B 16 -16.07 14.33 -6.86
N ASP B 17 -17.24 14.78 -6.42
CA ASP B 17 -17.61 16.18 -6.60
C ASP B 17 -17.33 16.94 -5.31
N LEU B 18 -16.70 18.10 -5.45
CA LEU B 18 -16.37 18.92 -4.29
C LEU B 18 -16.57 20.40 -4.58
N GLU B 19 -16.15 21.23 -3.63
CA GLU B 19 -16.27 22.68 -3.76
C GLU B 19 -15.03 23.36 -3.20
N PRO B 20 -14.74 24.55 -3.67
CA PRO B 20 -13.57 25.32 -3.20
C PRO B 20 -13.48 25.32 -1.67
N SER B 21 -14.64 25.25 -1.04
CA SER B 21 -14.70 25.24 0.43
C SER B 21 -14.65 23.82 0.96
N ASN B 22 -15.38 22.90 0.34
CA ASN B 22 -15.37 21.52 0.80
C ASN B 22 -13.98 21.18 1.32
N THR B 23 -13.94 20.55 2.48
CA THR B 23 -12.66 20.20 3.09
C THR B 23 -12.36 18.73 2.95
N ILE B 24 -11.08 18.37 3.03
CA ILE B 24 -10.66 16.99 2.91
C ILE B 24 -11.44 16.11 3.85
N LEU B 25 -11.96 16.69 4.92
CA LEU B 25 -12.75 15.93 5.88
C LEU B 25 -13.91 15.27 5.14
N GLU B 26 -14.58 16.07 4.32
CA GLU B 26 -15.72 15.58 3.55
C GLU B 26 -15.27 14.64 2.44
N THR B 27 -14.26 15.05 1.67
CA THR B 27 -13.77 14.20 0.59
C THR B 27 -13.37 12.86 1.18
N LYS B 28 -12.79 12.90 2.37
CA LYS B 28 -12.37 11.70 3.06
C LYS B 28 -13.60 10.87 3.46
N THR B 29 -14.64 11.55 3.94
CA THR B 29 -15.85 10.86 4.34
C THR B 29 -16.50 10.17 3.15
N LYS B 30 -16.65 10.90 2.05
CA LYS B 30 -17.26 10.34 0.85
C LYS B 30 -16.38 9.22 0.29
N LEU B 31 -15.15 9.58 -0.11
CA LEU B 31 -14.23 8.60 -0.66
C LEU B 31 -14.29 7.31 0.15
N ALA B 32 -14.74 7.42 1.40
CA ALA B 32 -14.83 6.26 2.28
C ALA B 32 -16.22 5.61 2.15
N GLN B 33 -17.22 6.44 1.91
CA GLN B 33 -18.59 5.93 1.78
C GLN B 33 -18.85 5.48 0.34
N SER B 34 -17.82 5.57 -0.50
CA SER B 34 -17.95 5.16 -1.88
C SER B 34 -17.36 3.77 -2.06
N ILE B 35 -16.20 3.54 -1.44
CA ILE B 35 -15.55 2.25 -1.51
C ILE B 35 -15.92 1.40 -0.30
N SER B 36 -16.44 2.06 0.73
CA SER B 36 -16.85 1.36 1.95
C SER B 36 -15.67 1.18 2.89
N CYS B 37 -14.71 2.10 2.84
CA CYS B 37 -13.55 2.02 3.71
C CYS B 37 -13.47 3.25 4.62
N GLU B 38 -13.17 3.03 5.89
CA GLU B 38 -13.09 4.13 6.84
C GLU B 38 -12.13 5.18 6.35
N GLU B 39 -12.45 6.43 6.65
CA GLU B 39 -11.60 7.55 6.24
C GLU B 39 -10.55 7.81 7.31
N SER B 40 -10.52 6.96 8.32
CA SER B 40 -9.54 7.10 9.40
C SER B 40 -8.20 6.51 9.00
N GLN B 41 -8.16 5.83 7.86
CA GLN B 41 -6.94 5.22 7.38
C GLN B 41 -6.57 5.83 6.03
N ILE B 42 -7.61 6.23 5.31
CA ILE B 42 -7.45 6.83 4.01
C ILE B 42 -6.50 8.02 4.07
N LYS B 43 -5.49 8.02 3.20
CA LYS B 43 -4.54 9.12 3.15
C LYS B 43 -4.79 9.95 1.91
N LEU B 44 -5.48 11.07 2.08
CA LEU B 44 -5.80 11.95 0.96
C LEU B 44 -4.57 12.71 0.48
N ILE B 45 -3.99 12.25 -0.62
CA ILE B 45 -2.81 12.90 -1.18
C ILE B 45 -3.18 13.78 -2.37
N TYR B 46 -2.22 14.57 -2.82
CA TYR B 46 -2.43 15.45 -3.96
C TYR B 46 -1.14 15.56 -4.77
N SER B 47 -1.08 14.81 -5.87
CA SER B 47 0.10 14.82 -6.71
C SER B 47 1.31 14.36 -5.92
N GLY B 48 1.11 13.35 -5.07
CA GLY B 48 2.19 12.81 -4.25
C GLY B 48 2.45 13.73 -3.05
N LYS B 49 1.41 14.40 -2.57
CA LYS B 49 1.55 15.29 -1.43
C LYS B 49 0.40 15.09 -0.43
N VAL B 50 0.54 14.06 0.40
CA VAL B 50 -0.49 13.77 1.40
C VAL B 50 -1.12 15.04 1.93
N LEU B 51 -2.33 15.35 1.42
CA LEU B 51 -3.04 16.55 1.85
C LEU B 51 -3.27 16.53 3.36
N GLN B 52 -4.16 17.38 3.83
CA GLN B 52 -4.47 17.45 5.26
C GLN B 52 -5.98 17.46 5.48
N ASP B 53 -6.39 17.07 6.67
CA ASP B 53 -7.82 17.04 7.00
C ASP B 53 -8.33 18.44 7.31
N SER B 54 -7.41 19.34 7.61
CA SER B 54 -7.78 20.72 7.93
C SER B 54 -7.63 21.62 6.72
N LYS B 55 -7.61 21.03 5.53
CA LYS B 55 -7.47 21.79 4.29
C LYS B 55 -8.57 21.43 3.30
N THR B 56 -8.96 22.40 2.48
CA THR B 56 -10.01 22.16 1.48
C THR B 56 -9.40 22.05 0.09
N VAL B 57 -10.25 22.07 -0.92
CA VAL B 57 -9.79 21.97 -2.30
C VAL B 57 -9.05 23.24 -2.71
N SER B 58 -9.48 24.37 -2.17
CA SER B 58 -8.85 25.64 -2.48
C SER B 58 -7.43 25.67 -1.95
N GLU B 59 -7.24 25.10 -0.77
CA GLU B 59 -5.92 25.04 -0.15
C GLU B 59 -5.09 23.93 -0.79
N CYS B 60 -5.75 22.84 -1.14
CA CYS B 60 -5.07 21.71 -1.75
C CYS B 60 -4.43 22.14 -3.06
N GLY B 61 -4.99 23.16 -3.69
CA GLY B 61 -4.47 23.67 -4.95
C GLY B 61 -5.13 22.98 -6.14
N LEU B 62 -6.18 22.22 -5.87
CA LEU B 62 -6.89 21.52 -6.93
C LEU B 62 -7.65 22.49 -7.82
N LYS B 63 -8.20 21.97 -8.90
CA LYS B 63 -8.96 22.79 -9.83
C LYS B 63 -10.25 22.09 -10.23
N ASP B 64 -10.82 22.48 -11.36
CA ASP B 64 -12.06 21.89 -11.84
C ASP B 64 -11.79 20.75 -12.81
N GLY B 65 -12.17 19.55 -12.42
CA GLY B 65 -11.98 18.38 -13.27
C GLY B 65 -10.52 17.91 -13.26
N ASP B 66 -9.96 17.72 -12.07
CA ASP B 66 -8.58 17.26 -11.95
C ASP B 66 -8.52 15.85 -11.36
N GLN B 67 -7.39 15.50 -10.77
CA GLN B 67 -7.23 14.19 -10.17
C GLN B 67 -6.46 14.30 -8.85
N VAL B 68 -6.93 13.57 -7.84
CA VAL B 68 -6.28 13.58 -6.53
C VAL B 68 -5.69 12.21 -6.23
N VAL B 69 -4.55 12.20 -5.56
CA VAL B 69 -3.90 10.94 -5.21
C VAL B 69 -4.28 10.55 -3.79
N PHE B 70 -4.69 9.30 -3.60
CA PHE B 70 -5.09 8.82 -2.28
C PHE B 70 -4.78 7.34 -2.12
N MET B 71 -4.93 6.83 -0.90
CA MET B 71 -4.68 5.43 -0.62
C MET B 71 -5.39 5.00 0.66
N VAL B 72 -5.84 3.75 0.68
CA VAL B 72 -6.55 3.22 1.84
C VAL B 72 -5.64 2.29 2.64
N SER B 73 -5.67 2.41 3.96
CA SER B 73 -4.85 1.57 4.82
C SER B 73 -5.59 0.29 5.19
N GLN B 74 -4.85 -0.71 5.65
CA GLN B 74 -5.44 -1.98 6.04
C GLN B 74 -5.87 -1.95 7.51
N LYS B 75 -5.29 -1.02 8.26
CA LYS B 75 -5.60 -0.89 9.68
C LYS B 75 -7.08 -1.19 9.93
N LYS B 76 -7.35 -2.16 10.81
CA LYS B 76 -8.72 -2.54 11.12
C LYS B 76 -9.60 -1.31 11.26
N SER B 77 -10.77 -1.34 10.63
CA SER B 77 -11.70 -0.22 10.69
C SER B 77 -12.46 -0.22 12.01
N THR B 78 -13.71 -0.68 11.96
CA THR B 78 -14.54 -0.74 13.16
C THR B 78 -14.44 0.57 13.94
#